data_3MPC
# 
_entry.id   3MPC 
# 
_audit_conform.dict_name       mmcif_pdbx.dic 
_audit_conform.dict_version    5.387 
_audit_conform.dict_location   http://mmcif.pdb.org/dictionaries/ascii/mmcif_pdbx.dic 
# 
loop_
_database_2.database_id 
_database_2.database_code 
_database_2.pdbx_database_accession 
_database_2.pdbx_DOI 
PDB   3MPC         pdb_00003mpc 10.2210/pdb3mpc/pdb 
RCSB  RCSB058831   ?            ?                   
WWPDB D_1000058831 ?            ?                   
# 
loop_
_pdbx_audit_revision_history.ordinal 
_pdbx_audit_revision_history.data_content_type 
_pdbx_audit_revision_history.major_revision 
_pdbx_audit_revision_history.minor_revision 
_pdbx_audit_revision_history.revision_date 
1 'Structure model' 1 0 2010-08-11 
2 'Structure model' 1 1 2011-07-13 
3 'Structure model' 1 2 2012-03-21 
4 'Structure model' 1 3 2024-02-21 
# 
_pdbx_audit_revision_details.ordinal             1 
_pdbx_audit_revision_details.revision_ordinal    1 
_pdbx_audit_revision_details.data_content_type   'Structure model' 
_pdbx_audit_revision_details.provider            repository 
_pdbx_audit_revision_details.type                'Initial release' 
_pdbx_audit_revision_details.description         ? 
_pdbx_audit_revision_details.details             ? 
# 
loop_
_pdbx_audit_revision_group.ordinal 
_pdbx_audit_revision_group.revision_ordinal 
_pdbx_audit_revision_group.data_content_type 
_pdbx_audit_revision_group.group 
1 2 'Structure model' 'Version format compliance' 
2 3 'Structure model' 'Database references'       
3 4 'Structure model' 'Data collection'           
4 4 'Structure model' 'Database references'       
5 4 'Structure model' 'Derived calculations'      
# 
loop_
_pdbx_audit_revision_category.ordinal 
_pdbx_audit_revision_category.revision_ordinal 
_pdbx_audit_revision_category.data_content_type 
_pdbx_audit_revision_category.category 
1 4 'Structure model' chem_comp_atom     
2 4 'Structure model' chem_comp_bond     
3 4 'Structure model' database_2         
4 4 'Structure model' struct_ref_seq_dif 
5 4 'Structure model' struct_site        
# 
loop_
_pdbx_audit_revision_item.ordinal 
_pdbx_audit_revision_item.revision_ordinal 
_pdbx_audit_revision_item.data_content_type 
_pdbx_audit_revision_item.item 
1 4 'Structure model' '_database_2.pdbx_DOI'                
2 4 'Structure model' '_database_2.pdbx_database_accession' 
3 4 'Structure model' '_struct_ref_seq_dif.details'         
4 4 'Structure model' '_struct_site.pdbx_auth_asym_id'      
5 4 'Structure model' '_struct_site.pdbx_auth_comp_id'      
6 4 'Structure model' '_struct_site.pdbx_auth_seq_id'       
# 
_pdbx_database_status.status_code                     REL 
_pdbx_database_status.entry_id                        3MPC 
_pdbx_database_status.recvd_initial_deposition_date   2010-04-26 
_pdbx_database_status.deposit_site                    RCSB 
_pdbx_database_status.process_site                    RCSB 
_pdbx_database_status.status_code_sf                  REL 
_pdbx_database_status.status_code_mr                  ? 
_pdbx_database_status.SG_entry                        ? 
_pdbx_database_status.status_code_cs                  ? 
_pdbx_database_status.pdb_format_compatible           Y 
_pdbx_database_status.status_code_nmr_data            ? 
_pdbx_database_status.methods_development_category    ? 
# 
loop_
_audit_author.name 
_audit_author.pdbx_ordinal 
'Alahuhta, M.P.' 1 
'Xu, Q.'         2 
'Brunecky, R.'   3 
'Lunin, V.V.'    4 
# 
_citation.id                        primary 
_citation.title                     'Structure of a fibronectin type III-like module from Clostridium thermocellum.' 
_citation.journal_abbrev            'Acta Crystallogr.,Sect.F' 
_citation.journal_volume            66 
_citation.page_first                878 
_citation.page_last                 880 
_citation.year                      2010 
_citation.journal_id_ASTM           ? 
_citation.country                   DK 
_citation.journal_id_ISSN           1744-3091 
_citation.journal_id_CSD            ? 
_citation.book_publisher            ? 
_citation.pdbx_database_id_PubMed   20693658 
_citation.pdbx_database_id_DOI      10.1107/S1744309110022529 
# 
loop_
_citation_author.citation_id 
_citation_author.name 
_citation_author.ordinal 
_citation_author.identifier_ORCID 
primary 'Alahuhta, M.' 1 ? 
primary 'Xu, Q.'       2 ? 
primary 'Brunecky, R.' 3 ? 
primary 'Adney, W.S.'  4 ? 
primary 'Ding, S.Y.'   5 ? 
primary 'Himmel, M.E.' 6 ? 
primary 'Lunin, V.V.'  7 ? 
# 
loop_
_entity.id 
_entity.type 
_entity.src_method 
_entity.pdbx_description 
_entity.formula_weight 
_entity.pdbx_number_of_molecules 
_entity.pdbx_ec 
_entity.pdbx_mutation 
_entity.pdbx_fragment 
_entity.details 
1 polymer     man 'Fn3-like protein' 10879.874 2   ? ? ? ? 
2 non-polymer syn 'SULFATE ION'      96.063    1   ? ? ? ? 
3 water       nat water              18.015    217 ? ? ? ? 
# 
_entity_poly.entity_id                      1 
_entity_poly.type                           'polypeptide(L)' 
_entity_poly.nstd_linkage                   no 
_entity_poly.nstd_monomer                   no 
_entity_poly.pdbx_seq_one_letter_code       
;MVSAPAFPTGLSAVLDSSGNTANLTWNAAPGANSYNVKRSTKSGGPYTTIATNITSTNYTDTGVATGTKYYYVVSAVSNG
VETLNSAEAILQYPKLEHHHHHH
;
_entity_poly.pdbx_seq_one_letter_code_can   
;MVSAPAFPTGLSAVLDSSGNTANLTWNAAPGANSYNVKRSTKSGGPYTTIATNITSTNYTDTGVATGTKYYYVVSAVSNG
VETLNSAEAILQYPKLEHHHHHH
;
_entity_poly.pdbx_strand_id                 A,B 
_entity_poly.pdbx_target_identifier         ? 
# 
loop_
_pdbx_entity_nonpoly.entity_id 
_pdbx_entity_nonpoly.name 
_pdbx_entity_nonpoly.comp_id 
2 'SULFATE ION' SO4 
3 water         HOH 
# 
loop_
_entity_poly_seq.entity_id 
_entity_poly_seq.num 
_entity_poly_seq.mon_id 
_entity_poly_seq.hetero 
1 1   MET n 
1 2   VAL n 
1 3   SER n 
1 4   ALA n 
1 5   PRO n 
1 6   ALA n 
1 7   PHE n 
1 8   PRO n 
1 9   THR n 
1 10  GLY n 
1 11  LEU n 
1 12  SER n 
1 13  ALA n 
1 14  VAL n 
1 15  LEU n 
1 16  ASP n 
1 17  SER n 
1 18  SER n 
1 19  GLY n 
1 20  ASN n 
1 21  THR n 
1 22  ALA n 
1 23  ASN n 
1 24  LEU n 
1 25  THR n 
1 26  TRP n 
1 27  ASN n 
1 28  ALA n 
1 29  ALA n 
1 30  PRO n 
1 31  GLY n 
1 32  ALA n 
1 33  ASN n 
1 34  SER n 
1 35  TYR n 
1 36  ASN n 
1 37  VAL n 
1 38  LYS n 
1 39  ARG n 
1 40  SER n 
1 41  THR n 
1 42  LYS n 
1 43  SER n 
1 44  GLY n 
1 45  GLY n 
1 46  PRO n 
1 47  TYR n 
1 48  THR n 
1 49  THR n 
1 50  ILE n 
1 51  ALA n 
1 52  THR n 
1 53  ASN n 
1 54  ILE n 
1 55  THR n 
1 56  SER n 
1 57  THR n 
1 58  ASN n 
1 59  TYR n 
1 60  THR n 
1 61  ASP n 
1 62  THR n 
1 63  GLY n 
1 64  VAL n 
1 65  ALA n 
1 66  THR n 
1 67  GLY n 
1 68  THR n 
1 69  LYS n 
1 70  TYR n 
1 71  TYR n 
1 72  TYR n 
1 73  VAL n 
1 74  VAL n 
1 75  SER n 
1 76  ALA n 
1 77  VAL n 
1 78  SER n 
1 79  ASN n 
1 80  GLY n 
1 81  VAL n 
1 82  GLU n 
1 83  THR n 
1 84  LEU n 
1 85  ASN n 
1 86  SER n 
1 87  ALA n 
1 88  GLU n 
1 89  ALA n 
1 90  ILE n 
1 91  LEU n 
1 92  GLN n 
1 93  TYR n 
1 94  PRO n 
1 95  LYS n 
1 96  LEU n 
1 97  GLU n 
1 98  HIS n 
1 99  HIS n 
1 100 HIS n 
1 101 HIS n 
1 102 HIS n 
1 103 HIS n 
# 
_entity_src_gen.entity_id                          1 
_entity_src_gen.pdbx_src_id                        1 
_entity_src_gen.pdbx_alt_source_flag               sample 
_entity_src_gen.pdbx_seq_type                      ? 
_entity_src_gen.pdbx_beg_seq_num                   ? 
_entity_src_gen.pdbx_end_seq_num                   ? 
_entity_src_gen.gene_src_common_name               ? 
_entity_src_gen.gene_src_genus                     ? 
_entity_src_gen.pdbx_gene_src_gene                 Cthe_2193 
_entity_src_gen.gene_src_species                   ? 
_entity_src_gen.gene_src_strain                    'ATCC 27405 / DSM 1237' 
_entity_src_gen.gene_src_tissue                    ? 
_entity_src_gen.gene_src_tissue_fraction           ? 
_entity_src_gen.gene_src_details                   ? 
_entity_src_gen.pdbx_gene_src_fragment             ? 
_entity_src_gen.pdbx_gene_src_scientific_name      'Clostridium thermocellum' 
_entity_src_gen.pdbx_gene_src_ncbi_taxonomy_id     203119 
_entity_src_gen.pdbx_gene_src_variant              ? 
_entity_src_gen.pdbx_gene_src_cell_line            ? 
_entity_src_gen.pdbx_gene_src_atcc                 ? 
_entity_src_gen.pdbx_gene_src_organ                ? 
_entity_src_gen.pdbx_gene_src_organelle            ? 
_entity_src_gen.pdbx_gene_src_cell                 ? 
_entity_src_gen.pdbx_gene_src_cellular_location    ? 
_entity_src_gen.host_org_common_name               ? 
_entity_src_gen.pdbx_host_org_scientific_name      'Escherichia coli' 
_entity_src_gen.pdbx_host_org_ncbi_taxonomy_id     562 
_entity_src_gen.host_org_genus                     ? 
_entity_src_gen.pdbx_host_org_gene                 ? 
_entity_src_gen.pdbx_host_org_organ                ? 
_entity_src_gen.host_org_species                   ? 
_entity_src_gen.pdbx_host_org_tissue               ? 
_entity_src_gen.pdbx_host_org_tissue_fraction      ? 
_entity_src_gen.pdbx_host_org_strain               ? 
_entity_src_gen.pdbx_host_org_variant              ? 
_entity_src_gen.pdbx_host_org_cell_line            ? 
_entity_src_gen.pdbx_host_org_atcc                 ? 
_entity_src_gen.pdbx_host_org_culture_collection   ? 
_entity_src_gen.pdbx_host_org_cell                 ? 
_entity_src_gen.pdbx_host_org_organelle            ? 
_entity_src_gen.pdbx_host_org_cellular_location    ? 
_entity_src_gen.pdbx_host_org_vector_type          ? 
_entity_src_gen.pdbx_host_org_vector               ? 
_entity_src_gen.host_org_details                   ? 
_entity_src_gen.expression_system_id               ? 
_entity_src_gen.plasmid_name                       ? 
_entity_src_gen.plasmid_details                    ? 
_entity_src_gen.pdbx_description                   ? 
# 
loop_
_chem_comp.id 
_chem_comp.type 
_chem_comp.mon_nstd_flag 
_chem_comp.name 
_chem_comp.pdbx_synonyms 
_chem_comp.formula 
_chem_comp.formula_weight 
ALA 'L-peptide linking' y ALANINE         ? 'C3 H7 N O2'     89.093  
ARG 'L-peptide linking' y ARGININE        ? 'C6 H15 N4 O2 1' 175.209 
ASN 'L-peptide linking' y ASPARAGINE      ? 'C4 H8 N2 O3'    132.118 
ASP 'L-peptide linking' y 'ASPARTIC ACID' ? 'C4 H7 N O4'     133.103 
GLN 'L-peptide linking' y GLUTAMINE       ? 'C5 H10 N2 O3'   146.144 
GLU 'L-peptide linking' y 'GLUTAMIC ACID' ? 'C5 H9 N O4'     147.129 
GLY 'peptide linking'   y GLYCINE         ? 'C2 H5 N O2'     75.067  
HIS 'L-peptide linking' y HISTIDINE       ? 'C6 H10 N3 O2 1' 156.162 
HOH non-polymer         . WATER           ? 'H2 O'           18.015  
ILE 'L-peptide linking' y ISOLEUCINE      ? 'C6 H13 N O2'    131.173 
LEU 'L-peptide linking' y LEUCINE         ? 'C6 H13 N O2'    131.173 
LYS 'L-peptide linking' y LYSINE          ? 'C6 H15 N2 O2 1' 147.195 
MET 'L-peptide linking' y METHIONINE      ? 'C5 H11 N O2 S'  149.211 
PHE 'L-peptide linking' y PHENYLALANINE   ? 'C9 H11 N O2'    165.189 
PRO 'L-peptide linking' y PROLINE         ? 'C5 H9 N O2'     115.130 
SER 'L-peptide linking' y SERINE          ? 'C3 H7 N O3'     105.093 
SO4 non-polymer         . 'SULFATE ION'   ? 'O4 S -2'        96.063  
THR 'L-peptide linking' y THREONINE       ? 'C4 H9 N O3'     119.119 
TRP 'L-peptide linking' y TRYPTOPHAN      ? 'C11 H12 N2 O2'  204.225 
TYR 'L-peptide linking' y TYROSINE        ? 'C9 H11 N O3'    181.189 
VAL 'L-peptide linking' y VALINE          ? 'C5 H11 N O2'    117.146 
# 
loop_
_pdbx_poly_seq_scheme.asym_id 
_pdbx_poly_seq_scheme.entity_id 
_pdbx_poly_seq_scheme.seq_id 
_pdbx_poly_seq_scheme.mon_id 
_pdbx_poly_seq_scheme.ndb_seq_num 
_pdbx_poly_seq_scheme.pdb_seq_num 
_pdbx_poly_seq_scheme.auth_seq_num 
_pdbx_poly_seq_scheme.pdb_mon_id 
_pdbx_poly_seq_scheme.auth_mon_id 
_pdbx_poly_seq_scheme.pdb_strand_id 
_pdbx_poly_seq_scheme.pdb_ins_code 
_pdbx_poly_seq_scheme.hetero 
A 1 1   MET 1   1   ?  ?   ?   A . n 
A 1 2   VAL 2   2   ?  ?   ?   A . n 
A 1 3   SER 3   3   3  SER SER A . n 
A 1 4   ALA 4   4   4  ALA ALA A . n 
A 1 5   PRO 5   5   5  PRO PRO A . n 
A 1 6   ALA 6   6   6  ALA ALA A . n 
A 1 7   PHE 7   7   7  PHE PHE A . n 
A 1 8   PRO 8   8   8  PRO PRO A . n 
A 1 9   THR 9   9   9  THR THR A . n 
A 1 10  GLY 10  10  10 GLY GLY A . n 
A 1 11  LEU 11  11  11 LEU LEU A . n 
A 1 12  SER 12  12  12 SER SER A . n 
A 1 13  ALA 13  13  13 ALA ALA A . n 
A 1 14  VAL 14  14  14 VAL VAL A . n 
A 1 15  LEU 15  15  15 LEU LEU A . n 
A 1 16  ASP 16  16  16 ASP ASP A . n 
A 1 17  SER 17  17  17 SER SER A . n 
A 1 18  SER 18  18  18 SER SER A . n 
A 1 19  GLY 19  19  19 GLY GLY A . n 
A 1 20  ASN 20  20  20 ASN ASN A . n 
A 1 21  THR 21  21  21 THR THR A . n 
A 1 22  ALA 22  22  22 ALA ALA A . n 
A 1 23  ASN 23  23  23 ASN ASN A . n 
A 1 24  LEU 24  24  24 LEU LEU A . n 
A 1 25  THR 25  25  25 THR THR A . n 
A 1 26  TRP 26  26  26 TRP TRP A . n 
A 1 27  ASN 27  27  27 ASN ASN A . n 
A 1 28  ALA 28  28  28 ALA ALA A . n 
A 1 29  ALA 29  29  29 ALA ALA A . n 
A 1 30  PRO 30  30  30 PRO PRO A . n 
A 1 31  GLY 31  31  31 GLY GLY A . n 
A 1 32  ALA 32  32  32 ALA ALA A . n 
A 1 33  ASN 33  33  33 ASN ASN A . n 
A 1 34  SER 34  34  34 SER SER A . n 
A 1 35  TYR 35  35  35 TYR TYR A . n 
A 1 36  ASN 36  36  36 ASN ASN A . n 
A 1 37  VAL 37  37  37 VAL VAL A . n 
A 1 38  LYS 38  38  38 LYS LYS A . n 
A 1 39  ARG 39  39  39 ARG ARG A . n 
A 1 40  SER 40  40  40 SER SER A . n 
A 1 41  THR 41  41  41 THR THR A . n 
A 1 42  LYS 42  42  42 LYS LYS A . n 
A 1 43  SER 43  43  43 SER SER A . n 
A 1 44  GLY 44  44  44 GLY GLY A . n 
A 1 45  GLY 45  45  45 GLY GLY A . n 
A 1 46  PRO 46  46  46 PRO PRO A . n 
A 1 47  TYR 47  47  47 TYR TYR A . n 
A 1 48  THR 48  48  48 THR THR A . n 
A 1 49  THR 49  49  49 THR THR A . n 
A 1 50  ILE 50  50  50 ILE ILE A . n 
A 1 51  ALA 51  51  51 ALA ALA A . n 
A 1 52  THR 52  52  52 THR THR A . n 
A 1 53  ASN 53  53  53 ASN ASN A . n 
A 1 54  ILE 54  54  54 ILE ILE A . n 
A 1 55  THR 55  55  55 THR THR A . n 
A 1 56  SER 56  56  56 SER SER A . n 
A 1 57  THR 57  57  57 THR THR A . n 
A 1 58  ASN 58  58  58 ASN ASN A . n 
A 1 59  TYR 59  59  59 TYR TYR A . n 
A 1 60  THR 60  60  60 THR THR A . n 
A 1 61  ASP 61  61  61 ASP ASP A . n 
A 1 62  THR 62  62  62 THR THR A . n 
A 1 63  GLY 63  63  63 GLY GLY A . n 
A 1 64  VAL 64  64  64 VAL VAL A . n 
A 1 65  ALA 65  65  65 ALA ALA A . n 
A 1 66  THR 66  66  66 THR THR A . n 
A 1 67  GLY 67  67  67 GLY GLY A . n 
A 1 68  THR 68  68  68 THR THR A . n 
A 1 69  LYS 69  69  69 LYS LYS A . n 
A 1 70  TYR 70  70  70 TYR TYR A . n 
A 1 71  TYR 71  71  71 TYR TYR A . n 
A 1 72  TYR 72  72  72 TYR TYR A . n 
A 1 73  VAL 73  73  73 VAL VAL A . n 
A 1 74  VAL 74  74  74 VAL VAL A . n 
A 1 75  SER 75  75  75 SER SER A . n 
A 1 76  ALA 76  76  76 ALA ALA A . n 
A 1 77  VAL 77  77  77 VAL VAL A . n 
A 1 78  SER 78  78  78 SER SER A . n 
A 1 79  ASN 79  79  79 ASN ASN A . n 
A 1 80  GLY 80  80  80 GLY GLY A . n 
A 1 81  VAL 81  81  81 VAL VAL A . n 
A 1 82  GLU 82  82  82 GLU GLU A . n 
A 1 83  THR 83  83  83 THR THR A . n 
A 1 84  LEU 84  84  84 LEU LEU A . n 
A 1 85  ASN 85  85  85 ASN ASN A . n 
A 1 86  SER 86  86  86 SER SER A . n 
A 1 87  ALA 87  87  87 ALA ALA A . n 
A 1 88  GLU 88  88  88 GLU GLU A . n 
A 1 89  ALA 89  89  89 ALA ALA A . n 
A 1 90  ILE 90  90  90 ILE ILE A . n 
A 1 91  LEU 91  91  91 LEU LEU A . n 
A 1 92  GLN 92  92  92 GLN GLN A . n 
A 1 93  TYR 93  93  93 TYR TYR A . n 
A 1 94  PRO 94  94  94 PRO PRO A . n 
A 1 95  LYS 95  95  95 LYS LYS A . n 
A 1 96  LEU 96  96  96 LEU LEU A . n 
A 1 97  GLU 97  97  97 GLU GLU A . n 
A 1 98  HIS 98  98  98 HIS HIS A . n 
A 1 99  HIS 99  99  ?  ?   ?   A . n 
A 1 100 HIS 100 100 ?  ?   ?   A . n 
A 1 101 HIS 101 101 ?  ?   ?   A . n 
A 1 102 HIS 102 102 ?  ?   ?   A . n 
A 1 103 HIS 103 103 ?  ?   ?   A . n 
B 1 1   MET 1   1   ?  ?   ?   B . n 
B 1 2   VAL 2   2   ?  ?   ?   B . n 
B 1 3   SER 3   3   3  SER SER B . n 
B 1 4   ALA 4   4   4  ALA ALA B . n 
B 1 5   PRO 5   5   5  PRO PRO B . n 
B 1 6   ALA 6   6   6  ALA ALA B . n 
B 1 7   PHE 7   7   7  PHE PHE B . n 
B 1 8   PRO 8   8   8  PRO PRO B . n 
B 1 9   THR 9   9   9  THR THR B . n 
B 1 10  GLY 10  10  10 GLY GLY B . n 
B 1 11  LEU 11  11  11 LEU LEU B . n 
B 1 12  SER 12  12  12 SER SER B . n 
B 1 13  ALA 13  13  13 ALA ALA B . n 
B 1 14  VAL 14  14  14 VAL VAL B . n 
B 1 15  LEU 15  15  15 LEU LEU B . n 
B 1 16  ASP 16  16  16 ASP ASP B . n 
B 1 17  SER 17  17  17 SER SER B . n 
B 1 18  SER 18  18  18 SER SER B . n 
B 1 19  GLY 19  19  19 GLY GLY B . n 
B 1 20  ASN 20  20  20 ASN ASN B . n 
B 1 21  THR 21  21  21 THR THR B . n 
B 1 22  ALA 22  22  22 ALA ALA B . n 
B 1 23  ASN 23  23  23 ASN ASN B . n 
B 1 24  LEU 24  24  24 LEU LEU B . n 
B 1 25  THR 25  25  25 THR THR B . n 
B 1 26  TRP 26  26  26 TRP TRP B . n 
B 1 27  ASN 27  27  27 ASN ASN B . n 
B 1 28  ALA 28  28  28 ALA ALA B . n 
B 1 29  ALA 29  29  29 ALA ALA B . n 
B 1 30  PRO 30  30  30 PRO PRO B . n 
B 1 31  GLY 31  31  31 GLY GLY B . n 
B 1 32  ALA 32  32  32 ALA ALA B . n 
B 1 33  ASN 33  33  33 ASN ASN B . n 
B 1 34  SER 34  34  34 SER SER B . n 
B 1 35  TYR 35  35  35 TYR TYR B . n 
B 1 36  ASN 36  36  36 ASN ASN B . n 
B 1 37  VAL 37  37  37 VAL VAL B . n 
B 1 38  LYS 38  38  38 LYS LYS B . n 
B 1 39  ARG 39  39  39 ARG ARG B . n 
B 1 40  SER 40  40  40 SER SER B . n 
B 1 41  THR 41  41  41 THR THR B . n 
B 1 42  LYS 42  42  42 LYS LYS B . n 
B 1 43  SER 43  43  43 SER SER B . n 
B 1 44  GLY 44  44  44 GLY GLY B . n 
B 1 45  GLY 45  45  45 GLY GLY B . n 
B 1 46  PRO 46  46  46 PRO PRO B . n 
B 1 47  TYR 47  47  47 TYR TYR B . n 
B 1 48  THR 48  48  48 THR THR B . n 
B 1 49  THR 49  49  49 THR THR B . n 
B 1 50  ILE 50  50  50 ILE ILE B . n 
B 1 51  ALA 51  51  51 ALA ALA B . n 
B 1 52  THR 52  52  52 THR THR B . n 
B 1 53  ASN 53  53  53 ASN ASN B . n 
B 1 54  ILE 54  54  54 ILE ILE B . n 
B 1 55  THR 55  55  55 THR THR B . n 
B 1 56  SER 56  56  56 SER SER B . n 
B 1 57  THR 57  57  57 THR THR B . n 
B 1 58  ASN 58  58  58 ASN ASN B . n 
B 1 59  TYR 59  59  59 TYR TYR B . n 
B 1 60  THR 60  60  60 THR THR B . n 
B 1 61  ASP 61  61  61 ASP ASP B . n 
B 1 62  THR 62  62  62 THR THR B . n 
B 1 63  GLY 63  63  63 GLY GLY B . n 
B 1 64  VAL 64  64  64 VAL VAL B . n 
B 1 65  ALA 65  65  65 ALA ALA B . n 
B 1 66  THR 66  66  66 THR THR B . n 
B 1 67  GLY 67  67  67 GLY GLY B . n 
B 1 68  THR 68  68  68 THR THR B . n 
B 1 69  LYS 69  69  69 LYS LYS B . n 
B 1 70  TYR 70  70  70 TYR TYR B . n 
B 1 71  TYR 71  71  71 TYR TYR B . n 
B 1 72  TYR 72  72  72 TYR TYR B . n 
B 1 73  VAL 73  73  73 VAL VAL B . n 
B 1 74  VAL 74  74  74 VAL VAL B . n 
B 1 75  SER 75  75  75 SER SER B . n 
B 1 76  ALA 76  76  76 ALA ALA B . n 
B 1 77  VAL 77  77  77 VAL VAL B . n 
B 1 78  SER 78  78  78 SER SER B . n 
B 1 79  ASN 79  79  79 ASN ASN B . n 
B 1 80  GLY 80  80  80 GLY GLY B . n 
B 1 81  VAL 81  81  81 VAL VAL B . n 
B 1 82  GLU 82  82  82 GLU GLU B . n 
B 1 83  THR 83  83  83 THR THR B . n 
B 1 84  LEU 84  84  84 LEU LEU B . n 
B 1 85  ASN 85  85  85 ASN ASN B . n 
B 1 86  SER 86  86  86 SER SER B . n 
B 1 87  ALA 87  87  87 ALA ALA B . n 
B 1 88  GLU 88  88  88 GLU GLU B . n 
B 1 89  ALA 89  89  89 ALA ALA B . n 
B 1 90  ILE 90  90  90 ILE ILE B . n 
B 1 91  LEU 91  91  91 LEU LEU B . n 
B 1 92  GLN 92  92  92 GLN GLN B . n 
B 1 93  TYR 93  93  93 TYR TYR B . n 
B 1 94  PRO 94  94  94 PRO PRO B . n 
B 1 95  LYS 95  95  95 LYS LYS B . n 
B 1 96  LEU 96  96  96 LEU LEU B . n 
B 1 97  GLU 97  97  97 GLU GLU B . n 
B 1 98  HIS 98  98  98 HIS HIS B . n 
B 1 99  HIS 99  99  ?  ?   ?   B . n 
B 1 100 HIS 100 100 ?  ?   ?   B . n 
B 1 101 HIS 101 101 ?  ?   ?   B . n 
B 1 102 HIS 102 102 ?  ?   ?   B . n 
B 1 103 HIS 103 103 ?  ?   ?   B . n 
# 
loop_
_pdbx_nonpoly_scheme.asym_id 
_pdbx_nonpoly_scheme.entity_id 
_pdbx_nonpoly_scheme.mon_id 
_pdbx_nonpoly_scheme.ndb_seq_num 
_pdbx_nonpoly_scheme.pdb_seq_num 
_pdbx_nonpoly_scheme.auth_seq_num 
_pdbx_nonpoly_scheme.pdb_mon_id 
_pdbx_nonpoly_scheme.auth_mon_id 
_pdbx_nonpoly_scheme.pdb_strand_id 
_pdbx_nonpoly_scheme.pdb_ins_code 
C 2 SO4 1   104 1   SO4 SO4 B . 
D 3 HOH 1   104 3   HOH HOH A . 
D 3 HOH 2   105 105 HOH HOH A . 
D 3 HOH 3   106 106 HOH HOH A . 
D 3 HOH 4   107 107 HOH HOH A . 
D 3 HOH 5   108 108 HOH HOH A . 
D 3 HOH 6   109 5   HOH HOH A . 
D 3 HOH 7   110 9   HOH HOH A . 
D 3 HOH 8   111 13  HOH HOH A . 
D 3 HOH 9   112 14  HOH HOH A . 
D 3 HOH 10  113 16  HOH HOH A . 
D 3 HOH 11  114 18  HOH HOH A . 
D 3 HOH 12  115 115 HOH HOH A . 
D 3 HOH 13  116 27  HOH HOH A . 
D 3 HOH 14  117 117 HOH HOH A . 
D 3 HOH 15  118 118 HOH HOH A . 
D 3 HOH 16  119 29  HOH HOH A . 
D 3 HOH 17  120 31  HOH HOH A . 
D 3 HOH 18  121 121 HOH HOH A . 
D 3 HOH 19  122 33  HOH HOH A . 
D 3 HOH 20  123 38  HOH HOH A . 
D 3 HOH 21  124 39  HOH HOH A . 
D 3 HOH 22  125 125 HOH HOH A . 
D 3 HOH 23  126 45  HOH HOH A . 
D 3 HOH 24  127 47  HOH HOH A . 
D 3 HOH 25  128 128 HOH HOH A . 
D 3 HOH 26  129 48  HOH HOH A . 
D 3 HOH 27  130 50  HOH HOH A . 
D 3 HOH 28  131 52  HOH HOH A . 
D 3 HOH 29  132 62  HOH HOH A . 
D 3 HOH 30  133 133 HOH HOH A . 
D 3 HOH 31  134 66  HOH HOH A . 
D 3 HOH 32  135 135 HOH HOH A . 
D 3 HOH 33  136 136 HOH HOH A . 
D 3 HOH 34  137 67  HOH HOH A . 
D 3 HOH 35  138 68  HOH HOH A . 
D 3 HOH 36  139 69  HOH HOH A . 
D 3 HOH 37  140 72  HOH HOH A . 
D 3 HOH 38  141 141 HOH HOH A . 
D 3 HOH 39  142 142 HOH HOH A . 
D 3 HOH 40  143 75  HOH HOH A . 
D 3 HOH 41  144 144 HOH HOH A . 
D 3 HOH 42  145 145 HOH HOH A . 
D 3 HOH 43  146 76  HOH HOH A . 
D 3 HOH 44  147 81  HOH HOH A . 
D 3 HOH 45  148 148 HOH HOH A . 
D 3 HOH 46  149 149 HOH HOH A . 
D 3 HOH 47  150 89  HOH HOH A . 
D 3 HOH 48  151 94  HOH HOH A . 
D 3 HOH 49  152 95  HOH HOH A . 
D 3 HOH 50  153 96  HOH HOH A . 
D 3 HOH 51  154 97  HOH HOH A . 
D 3 HOH 52  155 99  HOH HOH A . 
D 3 HOH 53  156 100 HOH HOH A . 
D 3 HOH 54  157 103 HOH HOH A . 
D 3 HOH 55  171 171 HOH HOH A . 
D 3 HOH 56  192 192 HOH HOH A . 
D 3 HOH 57  194 194 HOH HOH A . 
D 3 HOH 58  195 195 HOH HOH A . 
D 3 HOH 59  212 212 HOH HOH A . 
D 3 HOH 60  214 214 HOH HOH A . 
D 3 HOH 61  221 221 HOH HOH A . 
D 3 HOH 62  227 227 HOH HOH A . 
D 3 HOH 63  228 228 HOH HOH A . 
D 3 HOH 64  229 229 HOH HOH A . 
D 3 HOH 65  230 230 HOH HOH A . 
D 3 HOH 66  233 233 HOH HOH A . 
D 3 HOH 67  235 235 HOH HOH A . 
D 3 HOH 68  241 241 HOH HOH A . 
D 3 HOH 69  243 243 HOH HOH A . 
D 3 HOH 70  245 245 HOH HOH A . 
D 3 HOH 71  247 247 HOH HOH A . 
D 3 HOH 72  249 249 HOH HOH A . 
D 3 HOH 73  250 250 HOH HOH A . 
D 3 HOH 74  255 255 HOH HOH A . 
D 3 HOH 75  259 259 HOH HOH A . 
D 3 HOH 76  267 267 HOH HOH A . 
D 3 HOH 77  272 272 HOH HOH A . 
D 3 HOH 78  274 274 HOH HOH A . 
D 3 HOH 79  276 276 HOH HOH A . 
D 3 HOH 80  277 277 HOH HOH A . 
D 3 HOH 81  278 278 HOH HOH A . 
D 3 HOH 82  281 281 HOH HOH A . 
D 3 HOH 83  288 288 HOH HOH A . 
D 3 HOH 84  296 296 HOH HOH A . 
D 3 HOH 85  297 297 HOH HOH A . 
D 3 HOH 86  310 310 HOH HOH A . 
D 3 HOH 87  313 313 HOH HOH A . 
D 3 HOH 88  322 322 HOH HOH A . 
D 3 HOH 89  577 577 HOH HOH A . 
D 3 HOH 90  691 691 HOH HOH A . 
D 3 HOH 91  697 697 HOH HOH A . 
D 3 HOH 92  707 707 HOH HOH A . 
D 3 HOH 93  721 721 HOH HOH A . 
D 3 HOH 94  725 725 HOH HOH A . 
D 3 HOH 95  795 795 HOH HOH A . 
D 3 HOH 96  796 796 HOH HOH A . 
D 3 HOH 97  798 798 HOH HOH A . 
D 3 HOH 98  801 801 HOH HOH A . 
D 3 HOH 99  804 804 HOH HOH A . 
D 3 HOH 100 805 805 HOH HOH A . 
D 3 HOH 101 808 808 HOH HOH A . 
D 3 HOH 102 815 815 HOH HOH A . 
D 3 HOH 103 816 816 HOH HOH A . 
D 3 HOH 104 817 817 HOH HOH A . 
D 3 HOH 105 822 822 HOH HOH A . 
D 3 HOH 106 823 823 HOH HOH A . 
D 3 HOH 107 826 826 HOH HOH A . 
D 3 HOH 108 827 827 HOH HOH A . 
D 3 HOH 109 828 828 HOH HOH A . 
D 3 HOH 110 834 834 HOH HOH A . 
D 3 HOH 111 835 835 HOH HOH A . 
D 3 HOH 112 837 837 HOH HOH A . 
D 3 HOH 113 838 838 HOH HOH A . 
D 3 HOH 114 841 841 HOH HOH A . 
D 3 HOH 115 842 842 HOH HOH A . 
D 3 HOH 116 843 843 HOH HOH A . 
D 3 HOH 117 849 849 HOH HOH A . 
D 3 HOH 118 850 850 HOH HOH A . 
D 3 HOH 119 851 851 HOH HOH A . 
D 3 HOH 120 852 852 HOH HOH A . 
D 3 HOH 121 853 853 HOH HOH A . 
D 3 HOH 122 854 854 HOH HOH A . 
E 3 HOH 1   105 1   HOH HOH B . 
E 3 HOH 2   106 2   HOH HOH B . 
E 3 HOH 3   107 6   HOH HOH B . 
E 3 HOH 4   108 8   HOH HOH B . 
E 3 HOH 5   109 10  HOH HOH B . 
E 3 HOH 6   110 110 HOH HOH B . 
E 3 HOH 7   111 11  HOH HOH B . 
E 3 HOH 8   112 15  HOH HOH B . 
E 3 HOH 9   113 113 HOH HOH B . 
E 3 HOH 10  114 17  HOH HOH B . 
E 3 HOH 11  115 20  HOH HOH B . 
E 3 HOH 12  116 116 HOH HOH B . 
E 3 HOH 13  117 22  HOH HOH B . 
E 3 HOH 14  118 25  HOH HOH B . 
E 3 HOH 15  119 119 HOH HOH B . 
E 3 HOH 16  120 120 HOH HOH B . 
E 3 HOH 17  121 26  HOH HOH B . 
E 3 HOH 18  122 122 HOH HOH B . 
E 3 HOH 19  123 35  HOH HOH B . 
E 3 HOH 20  124 124 HOH HOH B . 
E 3 HOH 21  125 37  HOH HOH B . 
E 3 HOH 22  126 42  HOH HOH B . 
E 3 HOH 23  127 127 HOH HOH B . 
E 3 HOH 24  128 43  HOH HOH B . 
E 3 HOH 25  129 46  HOH HOH B . 
E 3 HOH 26  130 130 HOH HOH B . 
E 3 HOH 27  131 51  HOH HOH B . 
E 3 HOH 28  132 132 HOH HOH B . 
E 3 HOH 29  133 53  HOH HOH B . 
E 3 HOH 30  134 54  HOH HOH B . 
E 3 HOH 31  135 56  HOH HOH B . 
E 3 HOH 32  136 64  HOH HOH B . 
E 3 HOH 33  137 65  HOH HOH B . 
E 3 HOH 34  138 70  HOH HOH B . 
E 3 HOH 35  139 71  HOH HOH B . 
E 3 HOH 36  140 80  HOH HOH B . 
E 3 HOH 37  141 88  HOH HOH B . 
E 3 HOH 38  142 93  HOH HOH B . 
E 3 HOH 39  143 143 HOH HOH B . 
E 3 HOH 40  144 101 HOH HOH B . 
E 3 HOH 41  145 102 HOH HOH B . 
E 3 HOH 42  146 104 HOH HOH B . 
E 3 HOH 43  153 153 HOH HOH B . 
E 3 HOH 44  165 165 HOH HOH B . 
E 3 HOH 45  168 168 HOH HOH B . 
E 3 HOH 46  169 169 HOH HOH B . 
E 3 HOH 47  172 172 HOH HOH B . 
E 3 HOH 48  173 173 HOH HOH B . 
E 3 HOH 49  174 174 HOH HOH B . 
E 3 HOH 50  177 177 HOH HOH B . 
E 3 HOH 51  181 181 HOH HOH B . 
E 3 HOH 52  185 185 HOH HOH B . 
E 3 HOH 53  191 191 HOH HOH B . 
E 3 HOH 54  197 197 HOH HOH B . 
E 3 HOH 55  216 216 HOH HOH B . 
E 3 HOH 56  226 226 HOH HOH B . 
E 3 HOH 57  236 236 HOH HOH B . 
E 3 HOH 58  239 239 HOH HOH B . 
E 3 HOH 59  242 242 HOH HOH B . 
E 3 HOH 60  244 244 HOH HOH B . 
E 3 HOH 61  246 246 HOH HOH B . 
E 3 HOH 62  254 254 HOH HOH B . 
E 3 HOH 63  256 256 HOH HOH B . 
E 3 HOH 64  262 262 HOH HOH B . 
E 3 HOH 65  263 263 HOH HOH B . 
E 3 HOH 66  266 266 HOH HOH B . 
E 3 HOH 67  271 271 HOH HOH B . 
E 3 HOH 68  273 273 HOH HOH B . 
E 3 HOH 69  797 797 HOH HOH B . 
E 3 HOH 70  799 799 HOH HOH B . 
E 3 HOH 71  800 800 HOH HOH B . 
E 3 HOH 72  802 802 HOH HOH B . 
E 3 HOH 73  803 803 HOH HOH B . 
E 3 HOH 74  806 806 HOH HOH B . 
E 3 HOH 75  807 807 HOH HOH B . 
E 3 HOH 76  809 809 HOH HOH B . 
E 3 HOH 77  810 810 HOH HOH B . 
E 3 HOH 78  811 811 HOH HOH B . 
E 3 HOH 79  812 812 HOH HOH B . 
E 3 HOH 80  813 813 HOH HOH B . 
E 3 HOH 81  814 814 HOH HOH B . 
E 3 HOH 82  818 818 HOH HOH B . 
E 3 HOH 83  819 819 HOH HOH B . 
E 3 HOH 84  820 820 HOH HOH B . 
E 3 HOH 85  821 821 HOH HOH B . 
E 3 HOH 86  824 824 HOH HOH B . 
E 3 HOH 87  825 825 HOH HOH B . 
E 3 HOH 88  831 831 HOH HOH B . 
E 3 HOH 89  839 839 HOH HOH B . 
E 3 HOH 90  840 840 HOH HOH B . 
E 3 HOH 91  844 844 HOH HOH B . 
E 3 HOH 92  845 845 HOH HOH B . 
E 3 HOH 93  846 846 HOH HOH B . 
E 3 HOH 94  847 847 HOH HOH B . 
E 3 HOH 95  848 848 HOH HOH B . 
# 
loop_
_software.name 
_software.classification 
_software.version 
_software.citation_id 
_software.pdbx_ordinal 
'PROTEUM PLUS' 'data collection' .        ? 1 
SHELXS         phasing           .        ? 2 
REFMAC         refinement        5.5.0109 ? 3 
SAINT          'data reduction'  .        ? 4 
'PROTEUM PLUS' 'data scaling'    .        ? 5 
# 
_cell.entry_id           3MPC 
_cell.length_a           35.428 
_cell.length_b           45.731 
_cell.length_c           107.715 
_cell.angle_alpha        90.00 
_cell.angle_beta         90.00 
_cell.angle_gamma        90.00 
_cell.Z_PDB              8 
_cell.pdbx_unique_axis   ? 
_cell.length_a_esd       ? 
_cell.length_b_esd       ? 
_cell.length_c_esd       ? 
_cell.angle_alpha_esd    ? 
_cell.angle_beta_esd     ? 
_cell.angle_gamma_esd    ? 
# 
_symmetry.entry_id                         3MPC 
_symmetry.space_group_name_H-M             'P 21 21 21' 
_symmetry.pdbx_full_space_group_name_H-M   ? 
_symmetry.cell_setting                     ? 
_symmetry.Int_Tables_number                19 
_symmetry.space_group_name_Hall            ? 
# 
_exptl.entry_id          3MPC 
_exptl.method            'X-RAY DIFFRACTION' 
_exptl.crystals_number   1 
# 
_exptl_crystal.id                    1 
_exptl_crystal.density_meas          ? 
_exptl_crystal.density_Matthews      2.01 
_exptl_crystal.density_percent_sol   38.65 
_exptl_crystal.description           ? 
_exptl_crystal.F_000                 ? 
_exptl_crystal.preparation           ? 
# 
_exptl_crystal_grow.crystal_id      1 
_exptl_crystal_grow.method          'VAPOR DIFFUSION, SITTING DROP' 
_exptl_crystal_grow.temp            298 
_exptl_crystal_grow.temp_details    ? 
_exptl_crystal_grow.pH              6.5 
_exptl_crystal_grow.pdbx_details    
'1.6 M ammonium sulphate, 0.1 M MES monohydrate, 10% v/v 1,4-dioxane, pH 6.5, VAPOR DIFFUSION, SITTING DROP, temperature 298K' 
_exptl_crystal_grow.pdbx_pH_range   ? 
# 
_diffrn.id                     1 
_diffrn.ambient_temp           100 
_diffrn.ambient_temp_details   ? 
_diffrn.crystal_id             1 
# 
_diffrn_detector.diffrn_id              1 
_diffrn_detector.detector               CCD 
_diffrn_detector.type                   'Bruker Platinum 135' 
_diffrn_detector.pdbx_collection_date   2008-09-24 
_diffrn_detector.details                Helios 
# 
_diffrn_radiation.diffrn_id                        1 
_diffrn_radiation.wavelength_id                    1 
_diffrn_radiation.pdbx_monochromatic_or_laue_m_l   M 
_diffrn_radiation.monochromator                    'Helios mirrors' 
_diffrn_radiation.pdbx_diffrn_protocol             'SINGLE WAVELENGTH' 
_diffrn_radiation.pdbx_scattering_type             x-ray 
# 
_diffrn_radiation_wavelength.id           1 
_diffrn_radiation_wavelength.wavelength   1.5418 
_diffrn_radiation_wavelength.wt           1.0 
# 
_diffrn_source.diffrn_id                   1 
_diffrn_source.source                      'ROTATING ANODE' 
_diffrn_source.type                        'BRUKER AXS MICROSTAR' 
_diffrn_source.pdbx_synchrotron_site       ? 
_diffrn_source.pdbx_synchrotron_beamline   ? 
_diffrn_source.pdbx_wavelength             ? 
_diffrn_source.pdbx_wavelength_list        1.5418 
# 
_reflns.entry_id                     3MPC 
_reflns.observed_criterion_sigma_I   ? 
_reflns.observed_criterion_sigma_F   ? 
_reflns.d_resolution_low             53.86 
_reflns.d_resolution_high            1.6 
_reflns.number_obs                   23168 
_reflns.number_all                   23168 
_reflns.percent_possible_obs         96.8 
_reflns.pdbx_Rmerge_I_obs            ? 
_reflns.pdbx_Rsym_value              0.0430 
_reflns.pdbx_netI_over_sigmaI        24.87 
_reflns.B_iso_Wilson_estimate        ? 
_reflns.pdbx_redundancy              5.12 
_reflns.R_free_details               ? 
_reflns.limit_h_max                  ? 
_reflns.limit_h_min                  ? 
_reflns.limit_k_max                  ? 
_reflns.limit_k_min                  ? 
_reflns.limit_l_max                  ? 
_reflns.limit_l_min                  ? 
_reflns.observed_criterion_F_max     ? 
_reflns.observed_criterion_F_min     ? 
_reflns.pdbx_chi_squared             ? 
_reflns.pdbx_scaling_rejects         ? 
_reflns.pdbx_ordinal                 1 
_reflns.pdbx_diffrn_id               1 
# 
_reflns_shell.d_res_high             1.6 
_reflns_shell.d_res_low              1.65 
_reflns_shell.percent_possible_all   94.8 
_reflns_shell.Rmerge_I_obs           ? 
_reflns_shell.pdbx_Rsym_value        0.1407 
_reflns_shell.meanI_over_sigI_obs    7.16 
_reflns_shell.pdbx_redundancy        2.36 
_reflns_shell.percent_possible_obs   ? 
_reflns_shell.number_unique_all      1580 
_reflns_shell.number_measured_all    ? 
_reflns_shell.number_measured_obs    ? 
_reflns_shell.number_unique_obs      ? 
_reflns_shell.pdbx_chi_squared       ? 
_reflns_shell.pdbx_ordinal           1 
_reflns_shell.pdbx_diffrn_id         1 
# 
_refine.entry_id                                 3MPC 
_refine.ls_number_reflns_obs                     21257 
_refine.ls_number_reflns_all                     21257 
_refine.pdbx_ls_sigma_I                          ? 
_refine.pdbx_ls_sigma_F                          ? 
_refine.pdbx_data_cutoff_high_absF               ? 
_refine.pdbx_data_cutoff_low_absF                ? 
_refine.pdbx_data_cutoff_high_rms_absF           ? 
_refine.ls_d_res_low                             25 
_refine.ls_d_res_high                            1.60 
_refine.ls_percent_reflns_obs                    93.85 
_refine.ls_R_factor_obs                          0.16743 
_refine.ls_R_factor_all                          0.16743 
_refine.ls_R_factor_R_work                       0.16582 
_refine.ls_R_factor_R_free                       0.19624 
_refine.ls_R_factor_R_free_error                 ? 
_refine.ls_R_factor_R_free_error_details         ? 
_refine.ls_percent_reflns_R_free                 5.1 
_refine.ls_number_reflns_R_free                  1150 
_refine.ls_number_parameters                     ? 
_refine.ls_number_restraints                     ? 
_refine.occupancy_min                            ? 
_refine.occupancy_max                            ? 
_refine.correlation_coeff_Fo_to_Fc               0.948 
_refine.correlation_coeff_Fo_to_Fc_free          0.944 
_refine.B_iso_mean                               9.366 
_refine.aniso_B[1][1]                            0.17 
_refine.aniso_B[2][2]                            0.26 
_refine.aniso_B[3][3]                            -0.43 
_refine.aniso_B[1][2]                            0.00 
_refine.aniso_B[1][3]                            0.00 
_refine.aniso_B[2][3]                            0.00 
_refine.solvent_model_details                    MASK 
_refine.solvent_model_param_ksol                 ? 
_refine.solvent_model_param_bsol                 ? 
_refine.pdbx_solvent_vdw_probe_radii             1.20 
_refine.pdbx_solvent_ion_probe_radii             0.80 
_refine.pdbx_solvent_shrinkage_radii             0.80 
_refine.pdbx_ls_cross_valid_method               THROUGHOUT 
_refine.details                                  'HYDROGENS HAVE BEEN ADDED IN THE RIDING POSITIONS' 
_refine.pdbx_starting_model                      ? 
_refine.pdbx_method_to_determine_struct          SIRAS 
_refine.pdbx_isotropic_thermal_model             ? 
_refine.pdbx_stereochemistry_target_values       'MAXIMUM LIKELIHOOD' 
_refine.pdbx_stereochem_target_val_spec_case     ? 
_refine.pdbx_R_Free_selection_details            RANDOM 
_refine.pdbx_overall_ESU_R_Free                  0.092 
_refine.overall_SU_ML                            0.056 
_refine.overall_SU_B                             1.590 
_refine.overall_SU_R_Cruickshank_DPI             ? 
_refine.ls_redundancy_reflns_obs                 ? 
_refine.B_iso_min                                ? 
_refine.B_iso_max                                ? 
_refine.overall_SU_R_free                        ? 
_refine.ls_wR_factor_R_free                      ? 
_refine.ls_wR_factor_R_work                      ? 
_refine.overall_FOM_free_R_set                   ? 
_refine.overall_FOM_work_R_set                   ? 
_refine.pdbx_overall_phase_error                 ? 
_refine.pdbx_refine_id                           'X-RAY DIFFRACTION' 
_refine.pdbx_overall_ESU_R                       ? 
_refine.pdbx_diffrn_id                           1 
_refine.pdbx_TLS_residual_ADP_flag               ? 
_refine.pdbx_overall_SU_R_free_Cruickshank_DPI   ? 
_refine.pdbx_overall_SU_R_Blow_DPI               ? 
_refine.pdbx_overall_SU_R_free_Blow_DPI          ? 
# 
_refine_hist.pdbx_refine_id                   'X-RAY DIFFRACTION' 
_refine_hist.cycle_id                         LAST 
_refine_hist.pdbx_number_atoms_protein        1404 
_refine_hist.pdbx_number_atoms_nucleic_acid   0 
_refine_hist.pdbx_number_atoms_ligand         5 
_refine_hist.number_atoms_solvent             217 
_refine_hist.number_atoms_total               1626 
_refine_hist.d_res_high                       1.60 
_refine_hist.d_res_low                        25 
# 
loop_
_refine_ls_restr.type 
_refine_ls_restr.dev_ideal 
_refine_ls_restr.dev_ideal_target 
_refine_ls_restr.weight 
_refine_ls_restr.number 
_refine_ls_restr.pdbx_refine_id 
_refine_ls_restr.pdbx_restraint_function 
r_bond_refined_d             0.023  0.022  ? 1523 'X-RAY DIFFRACTION' ? 
r_bond_other_d               0.001  0.020  ? 913  'X-RAY DIFFRACTION' ? 
r_angle_refined_deg          1.980  1.938  ? 2108 'X-RAY DIFFRACTION' ? 
r_angle_other_deg            1.015  3.000  ? 2271 'X-RAY DIFFRACTION' ? 
r_dihedral_angle_1_deg       8.095  5.000  ? 209  'X-RAY DIFFRACTION' ? 
r_dihedral_angle_2_deg       39.994 25.455 ? 55   'X-RAY DIFFRACTION' ? 
r_dihedral_angle_3_deg       13.387 15.000 ? 208  'X-RAY DIFFRACTION' ? 
r_dihedral_angle_4_deg       24.949 15.000 ? 2    'X-RAY DIFFRACTION' ? 
r_chiral_restr               0.131  0.200  ? 251  'X-RAY DIFFRACTION' ? 
r_gen_planes_refined         0.013  0.021  ? 1775 'X-RAY DIFFRACTION' ? 
r_gen_planes_other           0.002  0.020  ? 289  'X-RAY DIFFRACTION' ? 
r_nbd_refined                ?      ?      ? ?    'X-RAY DIFFRACTION' ? 
r_nbd_other                  ?      ?      ? ?    'X-RAY DIFFRACTION' ? 
r_nbtor_refined              ?      ?      ? ?    'X-RAY DIFFRACTION' ? 
r_nbtor_other                ?      ?      ? ?    'X-RAY DIFFRACTION' ? 
r_xyhbond_nbd_refined        ?      ?      ? ?    'X-RAY DIFFRACTION' ? 
r_xyhbond_nbd_other          ?      ?      ? ?    'X-RAY DIFFRACTION' ? 
r_metal_ion_refined          ?      ?      ? ?    'X-RAY DIFFRACTION' ? 
r_metal_ion_other            ?      ?      ? ?    'X-RAY DIFFRACTION' ? 
r_symmetry_vdw_refined       ?      ?      ? ?    'X-RAY DIFFRACTION' ? 
r_symmetry_vdw_other         ?      ?      ? ?    'X-RAY DIFFRACTION' ? 
r_symmetry_hbond_refined     ?      ?      ? ?    'X-RAY DIFFRACTION' ? 
r_symmetry_hbond_other       ?      ?      ? ?    'X-RAY DIFFRACTION' ? 
r_symmetry_metal_ion_refined ?      ?      ? ?    'X-RAY DIFFRACTION' ? 
r_symmetry_metal_ion_other   ?      ?      ? ?    'X-RAY DIFFRACTION' ? 
r_mcbond_it                  1.585  1.500  ? 1011 'X-RAY DIFFRACTION' ? 
r_mcbond_other               0.587  1.500  ? 408  'X-RAY DIFFRACTION' ? 
r_mcangle_it                 2.500  2.000  ? 1648 'X-RAY DIFFRACTION' ? 
r_scbond_it                  2.938  3.000  ? 512  'X-RAY DIFFRACTION' ? 
r_scangle_it                 4.518  4.500  ? 460  'X-RAY DIFFRACTION' ? 
r_rigid_bond_restr           ?      ?      ? ?    'X-RAY DIFFRACTION' ? 
r_sphericity_free            ?      ?      ? ?    'X-RAY DIFFRACTION' ? 
r_sphericity_bonded          ?      ?      ? ?    'X-RAY DIFFRACTION' ? 
# 
loop_
_refine_ls_restr_ncs.dom_id 
_refine_ls_restr_ncs.pdbx_auth_asym_id 
_refine_ls_restr_ncs.pdbx_number 
_refine_ls_restr_ncs.rms_dev_position 
_refine_ls_restr_ncs.weight_position 
_refine_ls_restr_ncs.pdbx_type 
_refine_ls_restr_ncs.pdbx_ens_id 
_refine_ls_restr_ncs.pdbx_ordinal 
_refine_ls_restr_ncs.pdbx_refine_id 
_refine_ls_restr_ncs.ncs_model_details 
_refine_ls_restr_ncs.rms_dev_B_iso 
_refine_ls_restr_ncs.weight_B_iso 
_refine_ls_restr_ncs.pdbx_asym_id 
_refine_ls_restr_ncs.pdbx_rms 
_refine_ls_restr_ncs.pdbx_weight 
1 A 420 0.30 0.50  'medium positional' 1 1 'X-RAY DIFFRACTION' ? ? ? ? ? ? 
2 A 83  0.25 0.50  'medium positional' 2 2 'X-RAY DIFFRACTION' ? ? ? ? ? ? 
1 B 423 0.55 5.00  'loose positional'  1 3 'X-RAY DIFFRACTION' ? ? ? ? ? ? 
2 B 100 0.91 5.00  'loose positional'  2 4 'X-RAY DIFFRACTION' ? ? ? ? ? ? 
1 A 420 2.39 2.00  'medium thermal'    1 5 'X-RAY DIFFRACTION' ? ? ? ? ? ? 
2 A 83  1.77 2.00  'medium thermal'    2 6 'X-RAY DIFFRACTION' ? ? ? ? ? ? 
1 B 423 2.35 10.00 'loose thermal'     1 7 'X-RAY DIFFRACTION' ? ? ? ? ? ? 
2 B 100 1.59 10.00 'loose thermal'     2 8 'X-RAY DIFFRACTION' ? ? ? ? ? ? 
# 
_refine_ls_shell.pdbx_total_number_of_bins_used   20 
_refine_ls_shell.d_res_high                       1.600 
_refine_ls_shell.d_res_low                        1.642 
_refine_ls_shell.number_reflns_R_work             1353 
_refine_ls_shell.R_factor_R_work                  0.224 
_refine_ls_shell.percent_reflns_obs               81.41 
_refine_ls_shell.R_factor_R_free                  0.298 
_refine_ls_shell.R_factor_R_free_error            ? 
_refine_ls_shell.percent_reflns_R_free            ? 
_refine_ls_shell.number_reflns_R_free             57 
_refine_ls_shell.number_reflns_all                ? 
_refine_ls_shell.R_factor_all                     ? 
_refine_ls_shell.number_reflns_obs                ? 
_refine_ls_shell.redundancy_reflns_obs            ? 
_refine_ls_shell.pdbx_refine_id                   'X-RAY DIFFRACTION' 
# 
loop_
_struct_ncs_dom.id 
_struct_ncs_dom.details 
_struct_ncs_dom.pdbx_ens_id 
1 A 1 
2 B 1 
1 A 2 
2 B 2 
# 
loop_
_struct_ncs_ens.id 
_struct_ncs_ens.details 
1 ? 
2 ? 
# 
_struct.entry_id                  3MPC 
_struct.title                     'The crystal structure of a Fn3-like protein from Clostridium thermocellum' 
_struct.pdbx_model_details        ? 
_struct.pdbx_CASP_flag            ? 
_struct.pdbx_model_type_details   ? 
# 
_struct_keywords.entry_id        3MPC 
_struct_keywords.pdbx_keywords   'UNKNOWN FUNCTION' 
_struct_keywords.text            'fibronectin, Fn(III), Fn3, UNKNOWN FUNCTION' 
# 
loop_
_struct_asym.id 
_struct_asym.pdbx_blank_PDB_chainid_flag 
_struct_asym.pdbx_modified 
_struct_asym.entity_id 
_struct_asym.details 
A N N 1 ? 
B N N 1 ? 
C N N 2 ? 
D N N 3 ? 
E N N 3 ? 
# 
_struct_ref.id                         1 
_struct_ref.db_name                    UNP 
_struct_ref.db_code                    A3DHG6_CLOTH 
_struct_ref.pdbx_db_accession          A3DHG6 
_struct_ref.entity_id                  1 
_struct_ref.pdbx_seq_one_letter_code   
;VSAPAFPTGLSAVLDSSGNTANLTWNAAPGANSYNVKRSTKSGGPYTTIATNITSTNYTDTGVATGTKYYYVVSAVSNGV
ETLNSAEAILQYPKL
;
_struct_ref.pdbx_align_begin           649 
_struct_ref.pdbx_db_isoform            ? 
# 
loop_
_struct_ref_seq.align_id 
_struct_ref_seq.ref_id 
_struct_ref_seq.pdbx_PDB_id_code 
_struct_ref_seq.pdbx_strand_id 
_struct_ref_seq.seq_align_beg 
_struct_ref_seq.pdbx_seq_align_beg_ins_code 
_struct_ref_seq.seq_align_end 
_struct_ref_seq.pdbx_seq_align_end_ins_code 
_struct_ref_seq.pdbx_db_accession 
_struct_ref_seq.db_align_beg 
_struct_ref_seq.pdbx_db_align_beg_ins_code 
_struct_ref_seq.db_align_end 
_struct_ref_seq.pdbx_db_align_end_ins_code 
_struct_ref_seq.pdbx_auth_seq_align_beg 
_struct_ref_seq.pdbx_auth_seq_align_end 
1 1 3MPC A 2 ? 96 ? A3DHG6 649 ? 743 ? 2 96 
2 1 3MPC B 2 ? 96 ? A3DHG6 649 ? 743 ? 2 96 
# 
loop_
_struct_ref_seq_dif.align_id 
_struct_ref_seq_dif.pdbx_pdb_id_code 
_struct_ref_seq_dif.mon_id 
_struct_ref_seq_dif.pdbx_pdb_strand_id 
_struct_ref_seq_dif.seq_num 
_struct_ref_seq_dif.pdbx_pdb_ins_code 
_struct_ref_seq_dif.pdbx_seq_db_name 
_struct_ref_seq_dif.pdbx_seq_db_accession_code 
_struct_ref_seq_dif.db_mon_id 
_struct_ref_seq_dif.pdbx_seq_db_seq_num 
_struct_ref_seq_dif.details 
_struct_ref_seq_dif.pdbx_auth_seq_num 
_struct_ref_seq_dif.pdbx_ordinal 
1 3MPC MET A 1   ? UNP A3DHG6 ? ? 'expression tag' 1   1  
1 3MPC GLU A 97  ? UNP A3DHG6 ? ? 'expression tag' 97  2  
1 3MPC HIS A 98  ? UNP A3DHG6 ? ? 'expression tag' 98  3  
1 3MPC HIS A 99  ? UNP A3DHG6 ? ? 'expression tag' 99  4  
1 3MPC HIS A 100 ? UNP A3DHG6 ? ? 'expression tag' 100 5  
1 3MPC HIS A 101 ? UNP A3DHG6 ? ? 'expression tag' 101 6  
1 3MPC HIS A 102 ? UNP A3DHG6 ? ? 'expression tag' 102 7  
1 3MPC HIS A 103 ? UNP A3DHG6 ? ? 'expression tag' 103 8  
2 3MPC MET B 1   ? UNP A3DHG6 ? ? 'expression tag' 1   9  
2 3MPC GLU B 97  ? UNP A3DHG6 ? ? 'expression tag' 97  10 
2 3MPC HIS B 98  ? UNP A3DHG6 ? ? 'expression tag' 98  11 
2 3MPC HIS B 99  ? UNP A3DHG6 ? ? 'expression tag' 99  12 
2 3MPC HIS B 100 ? UNP A3DHG6 ? ? 'expression tag' 100 13 
2 3MPC HIS B 101 ? UNP A3DHG6 ? ? 'expression tag' 101 14 
2 3MPC HIS B 102 ? UNP A3DHG6 ? ? 'expression tag' 102 15 
2 3MPC HIS B 103 ? UNP A3DHG6 ? ? 'expression tag' 103 16 
# 
loop_
_pdbx_struct_assembly.id 
_pdbx_struct_assembly.details 
_pdbx_struct_assembly.method_details 
_pdbx_struct_assembly.oligomeric_details 
_pdbx_struct_assembly.oligomeric_count 
1 author_defined_assembly ? monomeric 1 
2 author_defined_assembly ? monomeric 1 
# 
loop_
_pdbx_struct_assembly_gen.assembly_id 
_pdbx_struct_assembly_gen.oper_expression 
_pdbx_struct_assembly_gen.asym_id_list 
1 1 A,D   
2 1 B,C,E 
# 
_pdbx_struct_oper_list.id                   1 
_pdbx_struct_oper_list.type                 'identity operation' 
_pdbx_struct_oper_list.name                 1_555 
_pdbx_struct_oper_list.symmetry_operation   x,y,z 
_pdbx_struct_oper_list.matrix[1][1]         1.0000000000 
_pdbx_struct_oper_list.matrix[1][2]         0.0000000000 
_pdbx_struct_oper_list.matrix[1][3]         0.0000000000 
_pdbx_struct_oper_list.vector[1]            0.0000000000 
_pdbx_struct_oper_list.matrix[2][1]         0.0000000000 
_pdbx_struct_oper_list.matrix[2][2]         1.0000000000 
_pdbx_struct_oper_list.matrix[2][3]         0.0000000000 
_pdbx_struct_oper_list.vector[2]            0.0000000000 
_pdbx_struct_oper_list.matrix[3][1]         0.0000000000 
_pdbx_struct_oper_list.matrix[3][2]         0.0000000000 
_pdbx_struct_oper_list.matrix[3][3]         1.0000000000 
_pdbx_struct_oper_list.vector[3]            0.0000000000 
# 
_struct_biol.id        1 
_struct_biol.details   ? 
# 
loop_
_struct_mon_prot_cis.pdbx_id 
_struct_mon_prot_cis.label_comp_id 
_struct_mon_prot_cis.label_seq_id 
_struct_mon_prot_cis.label_asym_id 
_struct_mon_prot_cis.label_alt_id 
_struct_mon_prot_cis.pdbx_PDB_ins_code 
_struct_mon_prot_cis.auth_comp_id 
_struct_mon_prot_cis.auth_seq_id 
_struct_mon_prot_cis.auth_asym_id 
_struct_mon_prot_cis.pdbx_label_comp_id_2 
_struct_mon_prot_cis.pdbx_label_seq_id_2 
_struct_mon_prot_cis.pdbx_label_asym_id_2 
_struct_mon_prot_cis.pdbx_PDB_ins_code_2 
_struct_mon_prot_cis.pdbx_auth_comp_id_2 
_struct_mon_prot_cis.pdbx_auth_seq_id_2 
_struct_mon_prot_cis.pdbx_auth_asym_id_2 
_struct_mon_prot_cis.pdbx_PDB_model_num 
_struct_mon_prot_cis.pdbx_omega_angle 
1 GLY 45 A . ? GLY 45 A PRO 46 A ? PRO 46 A 1 7.47 
2 GLY 45 B . ? GLY 45 B PRO 46 B ? PRO 46 B 1 3.91 
# 
loop_
_struct_sheet.id 
_struct_sheet.type 
_struct_sheet.number_strands 
_struct_sheet.details 
A ? 3 ? 
B ? 4 ? 
C ? 4 ? 
D ? 3 ? 
E ? 4 ? 
F ? 4 ? 
# 
loop_
_struct_sheet_order.sheet_id 
_struct_sheet_order.range_id_1 
_struct_sheet_order.range_id_2 
_struct_sheet_order.offset 
_struct_sheet_order.sense 
A 1 2 ? anti-parallel 
A 2 3 ? anti-parallel 
B 1 2 ? anti-parallel 
B 2 3 ? anti-parallel 
B 3 4 ? anti-parallel 
C 1 2 ? anti-parallel 
C 2 3 ? anti-parallel 
C 3 4 ? anti-parallel 
D 1 2 ? anti-parallel 
D 2 3 ? anti-parallel 
E 1 2 ? anti-parallel 
E 2 3 ? anti-parallel 
E 3 4 ? anti-parallel 
F 1 2 ? anti-parallel 
F 2 3 ? anti-parallel 
F 3 4 ? anti-parallel 
# 
loop_
_struct_sheet_range.sheet_id 
_struct_sheet_range.id 
_struct_sheet_range.beg_label_comp_id 
_struct_sheet_range.beg_label_asym_id 
_struct_sheet_range.beg_label_seq_id 
_struct_sheet_range.pdbx_beg_PDB_ins_code 
_struct_sheet_range.end_label_comp_id 
_struct_sheet_range.end_label_asym_id 
_struct_sheet_range.end_label_seq_id 
_struct_sheet_range.pdbx_end_PDB_ins_code 
_struct_sheet_range.beg_auth_comp_id 
_struct_sheet_range.beg_auth_asym_id 
_struct_sheet_range.beg_auth_seq_id 
_struct_sheet_range.end_auth_comp_id 
_struct_sheet_range.end_auth_asym_id 
_struct_sheet_range.end_auth_seq_id 
A 1 THR A 9  ? LEU A 15 ? THR A 9  LEU A 15 
A 2 ALA A 22 ? ASN A 27 ? ALA A 22 ASN A 27 
A 3 ASN A 58 ? ASP A 61 ? ASN A 58 ASP A 61 
B 1 THR A 48 ? ILE A 54 ? THR A 48 ILE A 54 
B 2 SER A 34 ? SER A 40 ? SER A 34 SER A 40 
B 3 TYR A 71 ? SER A 78 ? TYR A 71 SER A 78 
B 4 VAL A 81 ? GLU A 82 ? VAL A 81 GLU A 82 
C 1 THR A 48 ? ILE A 54 ? THR A 48 ILE A 54 
C 2 SER A 34 ? SER A 40 ? SER A 34 SER A 40 
C 3 TYR A 71 ? SER A 78 ? TYR A 71 SER A 78 
C 4 ALA A 89 ? ILE A 90 ? ALA A 89 ILE A 90 
D 1 THR B 9  ? LEU B 15 ? THR B 9  LEU B 15 
D 2 ALA B 22 ? ASN B 27 ? ALA B 22 ASN B 27 
D 3 ASN B 58 ? ASP B 61 ? ASN B 58 ASP B 61 
E 1 THR B 48 ? ILE B 54 ? THR B 48 ILE B 54 
E 2 SER B 34 ? SER B 40 ? SER B 34 SER B 40 
E 3 TYR B 71 ? SER B 78 ? TYR B 71 SER B 78 
E 4 VAL B 81 ? ASN B 85 ? VAL B 81 ASN B 85 
F 1 THR B 48 ? ILE B 54 ? THR B 48 ILE B 54 
F 2 SER B 34 ? SER B 40 ? SER B 34 SER B 40 
F 3 TYR B 71 ? SER B 78 ? TYR B 71 SER B 78 
F 4 ALA B 89 ? ILE B 90 ? ALA B 89 ILE B 90 
# 
loop_
_pdbx_struct_sheet_hbond.sheet_id 
_pdbx_struct_sheet_hbond.range_id_1 
_pdbx_struct_sheet_hbond.range_id_2 
_pdbx_struct_sheet_hbond.range_1_label_atom_id 
_pdbx_struct_sheet_hbond.range_1_label_comp_id 
_pdbx_struct_sheet_hbond.range_1_label_asym_id 
_pdbx_struct_sheet_hbond.range_1_label_seq_id 
_pdbx_struct_sheet_hbond.range_1_PDB_ins_code 
_pdbx_struct_sheet_hbond.range_1_auth_atom_id 
_pdbx_struct_sheet_hbond.range_1_auth_comp_id 
_pdbx_struct_sheet_hbond.range_1_auth_asym_id 
_pdbx_struct_sheet_hbond.range_1_auth_seq_id 
_pdbx_struct_sheet_hbond.range_2_label_atom_id 
_pdbx_struct_sheet_hbond.range_2_label_comp_id 
_pdbx_struct_sheet_hbond.range_2_label_asym_id 
_pdbx_struct_sheet_hbond.range_2_label_seq_id 
_pdbx_struct_sheet_hbond.range_2_PDB_ins_code 
_pdbx_struct_sheet_hbond.range_2_auth_atom_id 
_pdbx_struct_sheet_hbond.range_2_auth_comp_id 
_pdbx_struct_sheet_hbond.range_2_auth_asym_id 
_pdbx_struct_sheet_hbond.range_2_auth_seq_id 
A 1 2 N VAL A 14 ? N VAL A 14 O ASN A 23 ? O ASN A 23 
A 2 3 N ALA A 22 ? N ALA A 22 O ASP A 61 ? O ASP A 61 
B 1 2 O THR A 48 ? O THR A 48 N ARG A 39 ? N ARG A 39 
B 2 3 N LYS A 38 ? N LYS A 38 O VAL A 73 ? O VAL A 73 
B 3 4 N SER A 78 ? N SER A 78 O VAL A 81 ? O VAL A 81 
C 1 2 O THR A 48 ? O THR A 48 N ARG A 39 ? N ARG A 39 
C 2 3 N LYS A 38 ? N LYS A 38 O VAL A 73 ? O VAL A 73 
C 3 4 N TYR A 72 ? N TYR A 72 O ALA A 89 ? O ALA A 89 
D 1 2 N THR B 9  ? N THR B 9  O ASN B 27 ? O ASN B 27 
D 2 3 N ALA B 22 ? N ALA B 22 O ASP B 61 ? O ASP B 61 
E 1 2 O ILE B 50 ? O ILE B 50 N VAL B 37 ? N VAL B 37 
E 2 3 N LYS B 38 ? N LYS B 38 O VAL B 73 ? O VAL B 73 
E 3 4 N ALA B 76 ? N ALA B 76 O THR B 83 ? O THR B 83 
F 1 2 O ILE B 50 ? O ILE B 50 N VAL B 37 ? N VAL B 37 
F 2 3 N LYS B 38 ? N LYS B 38 O VAL B 73 ? O VAL B 73 
F 3 4 N TYR B 72 ? N TYR B 72 O ALA B 89 ? O ALA B 89 
# 
_struct_site.id                   AC1 
_struct_site.pdbx_evidence_code   Software 
_struct_site.pdbx_auth_asym_id    B 
_struct_site.pdbx_auth_comp_id    SO4 
_struct_site.pdbx_auth_seq_id     104 
_struct_site.pdbx_auth_ins_code   ? 
_struct_site.pdbx_num_residues    11 
_struct_site.details              'BINDING SITE FOR RESIDUE SO4 B 104' 
# 
loop_
_struct_site_gen.id 
_struct_site_gen.site_id 
_struct_site_gen.pdbx_num_res 
_struct_site_gen.label_comp_id 
_struct_site_gen.label_asym_id 
_struct_site_gen.label_seq_id 
_struct_site_gen.pdbx_auth_ins_code 
_struct_site_gen.auth_comp_id 
_struct_site_gen.auth_asym_id 
_struct_site_gen.auth_seq_id 
_struct_site_gen.label_atom_id 
_struct_site_gen.label_alt_id 
_struct_site_gen.symmetry 
_struct_site_gen.details 
1  AC1 11 THR A 9  ? THR A 9   . ? 1_555 ? 
2  AC1 11 GLY A 10 ? GLY A 10  . ? 1_555 ? 
3  AC1 11 ALA A 87 ? ALA A 87  . ? 1_555 ? 
4  AC1 11 HOH D .  ? HOH A 297 . ? 1_555 ? 
5  AC1 11 ILE B 54 ? ILE B 54  . ? 1_555 ? 
6  AC1 11 THR B 55 ? THR B 55  . ? 1_555 ? 
7  AC1 11 SER B 56 ? SER B 56  . ? 1_555 ? 
8  AC1 11 HOH E .  ? HOH B 115 . ? 1_555 ? 
9  AC1 11 HOH E .  ? HOH B 120 . ? 1_555 ? 
10 AC1 11 HOH E .  ? HOH B 123 . ? 1_555 ? 
11 AC1 11 HOH E .  ? HOH B 807 . ? 1_555 ? 
# 
loop_
_pdbx_validate_torsion.id 
_pdbx_validate_torsion.PDB_model_num 
_pdbx_validate_torsion.auth_comp_id 
_pdbx_validate_torsion.auth_asym_id 
_pdbx_validate_torsion.auth_seq_id 
_pdbx_validate_torsion.PDB_ins_code 
_pdbx_validate_torsion.label_alt_id 
_pdbx_validate_torsion.phi 
_pdbx_validate_torsion.psi 
1 1 THR A 57 ? ? -95.75 38.50  
2 1 SER B 86 ? ? -49.91 170.23 
# 
loop_
_pdbx_unobs_or_zero_occ_residues.id 
_pdbx_unobs_or_zero_occ_residues.PDB_model_num 
_pdbx_unobs_or_zero_occ_residues.polymer_flag 
_pdbx_unobs_or_zero_occ_residues.occupancy_flag 
_pdbx_unobs_or_zero_occ_residues.auth_asym_id 
_pdbx_unobs_or_zero_occ_residues.auth_comp_id 
_pdbx_unobs_or_zero_occ_residues.auth_seq_id 
_pdbx_unobs_or_zero_occ_residues.PDB_ins_code 
_pdbx_unobs_or_zero_occ_residues.label_asym_id 
_pdbx_unobs_or_zero_occ_residues.label_comp_id 
_pdbx_unobs_or_zero_occ_residues.label_seq_id 
1  1 Y 1 A MET 1   ? A MET 1   
2  1 Y 1 A VAL 2   ? A VAL 2   
3  1 Y 1 A HIS 99  ? A HIS 99  
4  1 Y 1 A HIS 100 ? A HIS 100 
5  1 Y 1 A HIS 101 ? A HIS 101 
6  1 Y 1 A HIS 102 ? A HIS 102 
7  1 Y 1 A HIS 103 ? A HIS 103 
8  1 Y 1 B MET 1   ? B MET 1   
9  1 Y 1 B VAL 2   ? B VAL 2   
10 1 Y 1 B HIS 99  ? B HIS 99  
11 1 Y 1 B HIS 100 ? B HIS 100 
12 1 Y 1 B HIS 101 ? B HIS 101 
13 1 Y 1 B HIS 102 ? B HIS 102 
14 1 Y 1 B HIS 103 ? B HIS 103 
# 
loop_
_chem_comp_atom.comp_id 
_chem_comp_atom.atom_id 
_chem_comp_atom.type_symbol 
_chem_comp_atom.pdbx_aromatic_flag 
_chem_comp_atom.pdbx_stereo_config 
_chem_comp_atom.pdbx_ordinal 
ALA N    N N N 1   
ALA CA   C N S 2   
ALA C    C N N 3   
ALA O    O N N 4   
ALA CB   C N N 5   
ALA OXT  O N N 6   
ALA H    H N N 7   
ALA H2   H N N 8   
ALA HA   H N N 9   
ALA HB1  H N N 10  
ALA HB2  H N N 11  
ALA HB3  H N N 12  
ALA HXT  H N N 13  
ARG N    N N N 14  
ARG CA   C N S 15  
ARG C    C N N 16  
ARG O    O N N 17  
ARG CB   C N N 18  
ARG CG   C N N 19  
ARG CD   C N N 20  
ARG NE   N N N 21  
ARG CZ   C N N 22  
ARG NH1  N N N 23  
ARG NH2  N N N 24  
ARG OXT  O N N 25  
ARG H    H N N 26  
ARG H2   H N N 27  
ARG HA   H N N 28  
ARG HB2  H N N 29  
ARG HB3  H N N 30  
ARG HG2  H N N 31  
ARG HG3  H N N 32  
ARG HD2  H N N 33  
ARG HD3  H N N 34  
ARG HE   H N N 35  
ARG HH11 H N N 36  
ARG HH12 H N N 37  
ARG HH21 H N N 38  
ARG HH22 H N N 39  
ARG HXT  H N N 40  
ASN N    N N N 41  
ASN CA   C N S 42  
ASN C    C N N 43  
ASN O    O N N 44  
ASN CB   C N N 45  
ASN CG   C N N 46  
ASN OD1  O N N 47  
ASN ND2  N N N 48  
ASN OXT  O N N 49  
ASN H    H N N 50  
ASN H2   H N N 51  
ASN HA   H N N 52  
ASN HB2  H N N 53  
ASN HB3  H N N 54  
ASN HD21 H N N 55  
ASN HD22 H N N 56  
ASN HXT  H N N 57  
ASP N    N N N 58  
ASP CA   C N S 59  
ASP C    C N N 60  
ASP O    O N N 61  
ASP CB   C N N 62  
ASP CG   C N N 63  
ASP OD1  O N N 64  
ASP OD2  O N N 65  
ASP OXT  O N N 66  
ASP H    H N N 67  
ASP H2   H N N 68  
ASP HA   H N N 69  
ASP HB2  H N N 70  
ASP HB3  H N N 71  
ASP HD2  H N N 72  
ASP HXT  H N N 73  
GLN N    N N N 74  
GLN CA   C N S 75  
GLN C    C N N 76  
GLN O    O N N 77  
GLN CB   C N N 78  
GLN CG   C N N 79  
GLN CD   C N N 80  
GLN OE1  O N N 81  
GLN NE2  N N N 82  
GLN OXT  O N N 83  
GLN H    H N N 84  
GLN H2   H N N 85  
GLN HA   H N N 86  
GLN HB2  H N N 87  
GLN HB3  H N N 88  
GLN HG2  H N N 89  
GLN HG3  H N N 90  
GLN HE21 H N N 91  
GLN HE22 H N N 92  
GLN HXT  H N N 93  
GLU N    N N N 94  
GLU CA   C N S 95  
GLU C    C N N 96  
GLU O    O N N 97  
GLU CB   C N N 98  
GLU CG   C N N 99  
GLU CD   C N N 100 
GLU OE1  O N N 101 
GLU OE2  O N N 102 
GLU OXT  O N N 103 
GLU H    H N N 104 
GLU H2   H N N 105 
GLU HA   H N N 106 
GLU HB2  H N N 107 
GLU HB3  H N N 108 
GLU HG2  H N N 109 
GLU HG3  H N N 110 
GLU HE2  H N N 111 
GLU HXT  H N N 112 
GLY N    N N N 113 
GLY CA   C N N 114 
GLY C    C N N 115 
GLY O    O N N 116 
GLY OXT  O N N 117 
GLY H    H N N 118 
GLY H2   H N N 119 
GLY HA2  H N N 120 
GLY HA3  H N N 121 
GLY HXT  H N N 122 
HIS N    N N N 123 
HIS CA   C N S 124 
HIS C    C N N 125 
HIS O    O N N 126 
HIS CB   C N N 127 
HIS CG   C Y N 128 
HIS ND1  N Y N 129 
HIS CD2  C Y N 130 
HIS CE1  C Y N 131 
HIS NE2  N Y N 132 
HIS OXT  O N N 133 
HIS H    H N N 134 
HIS H2   H N N 135 
HIS HA   H N N 136 
HIS HB2  H N N 137 
HIS HB3  H N N 138 
HIS HD1  H N N 139 
HIS HD2  H N N 140 
HIS HE1  H N N 141 
HIS HE2  H N N 142 
HIS HXT  H N N 143 
HOH O    O N N 144 
HOH H1   H N N 145 
HOH H2   H N N 146 
ILE N    N N N 147 
ILE CA   C N S 148 
ILE C    C N N 149 
ILE O    O N N 150 
ILE CB   C N S 151 
ILE CG1  C N N 152 
ILE CG2  C N N 153 
ILE CD1  C N N 154 
ILE OXT  O N N 155 
ILE H    H N N 156 
ILE H2   H N N 157 
ILE HA   H N N 158 
ILE HB   H N N 159 
ILE HG12 H N N 160 
ILE HG13 H N N 161 
ILE HG21 H N N 162 
ILE HG22 H N N 163 
ILE HG23 H N N 164 
ILE HD11 H N N 165 
ILE HD12 H N N 166 
ILE HD13 H N N 167 
ILE HXT  H N N 168 
LEU N    N N N 169 
LEU CA   C N S 170 
LEU C    C N N 171 
LEU O    O N N 172 
LEU CB   C N N 173 
LEU CG   C N N 174 
LEU CD1  C N N 175 
LEU CD2  C N N 176 
LEU OXT  O N N 177 
LEU H    H N N 178 
LEU H2   H N N 179 
LEU HA   H N N 180 
LEU HB2  H N N 181 
LEU HB3  H N N 182 
LEU HG   H N N 183 
LEU HD11 H N N 184 
LEU HD12 H N N 185 
LEU HD13 H N N 186 
LEU HD21 H N N 187 
LEU HD22 H N N 188 
LEU HD23 H N N 189 
LEU HXT  H N N 190 
LYS N    N N N 191 
LYS CA   C N S 192 
LYS C    C N N 193 
LYS O    O N N 194 
LYS CB   C N N 195 
LYS CG   C N N 196 
LYS CD   C N N 197 
LYS CE   C N N 198 
LYS NZ   N N N 199 
LYS OXT  O N N 200 
LYS H    H N N 201 
LYS H2   H N N 202 
LYS HA   H N N 203 
LYS HB2  H N N 204 
LYS HB3  H N N 205 
LYS HG2  H N N 206 
LYS HG3  H N N 207 
LYS HD2  H N N 208 
LYS HD3  H N N 209 
LYS HE2  H N N 210 
LYS HE3  H N N 211 
LYS HZ1  H N N 212 
LYS HZ2  H N N 213 
LYS HZ3  H N N 214 
LYS HXT  H N N 215 
MET N    N N N 216 
MET CA   C N S 217 
MET C    C N N 218 
MET O    O N N 219 
MET CB   C N N 220 
MET CG   C N N 221 
MET SD   S N N 222 
MET CE   C N N 223 
MET OXT  O N N 224 
MET H    H N N 225 
MET H2   H N N 226 
MET HA   H N N 227 
MET HB2  H N N 228 
MET HB3  H N N 229 
MET HG2  H N N 230 
MET HG3  H N N 231 
MET HE1  H N N 232 
MET HE2  H N N 233 
MET HE3  H N N 234 
MET HXT  H N N 235 
PHE N    N N N 236 
PHE CA   C N S 237 
PHE C    C N N 238 
PHE O    O N N 239 
PHE CB   C N N 240 
PHE CG   C Y N 241 
PHE CD1  C Y N 242 
PHE CD2  C Y N 243 
PHE CE1  C Y N 244 
PHE CE2  C Y N 245 
PHE CZ   C Y N 246 
PHE OXT  O N N 247 
PHE H    H N N 248 
PHE H2   H N N 249 
PHE HA   H N N 250 
PHE HB2  H N N 251 
PHE HB3  H N N 252 
PHE HD1  H N N 253 
PHE HD2  H N N 254 
PHE HE1  H N N 255 
PHE HE2  H N N 256 
PHE HZ   H N N 257 
PHE HXT  H N N 258 
PRO N    N N N 259 
PRO CA   C N S 260 
PRO C    C N N 261 
PRO O    O N N 262 
PRO CB   C N N 263 
PRO CG   C N N 264 
PRO CD   C N N 265 
PRO OXT  O N N 266 
PRO H    H N N 267 
PRO HA   H N N 268 
PRO HB2  H N N 269 
PRO HB3  H N N 270 
PRO HG2  H N N 271 
PRO HG3  H N N 272 
PRO HD2  H N N 273 
PRO HD3  H N N 274 
PRO HXT  H N N 275 
SER N    N N N 276 
SER CA   C N S 277 
SER C    C N N 278 
SER O    O N N 279 
SER CB   C N N 280 
SER OG   O N N 281 
SER OXT  O N N 282 
SER H    H N N 283 
SER H2   H N N 284 
SER HA   H N N 285 
SER HB2  H N N 286 
SER HB3  H N N 287 
SER HG   H N N 288 
SER HXT  H N N 289 
SO4 S    S N N 290 
SO4 O1   O N N 291 
SO4 O2   O N N 292 
SO4 O3   O N N 293 
SO4 O4   O N N 294 
THR N    N N N 295 
THR CA   C N S 296 
THR C    C N N 297 
THR O    O N N 298 
THR CB   C N R 299 
THR OG1  O N N 300 
THR CG2  C N N 301 
THR OXT  O N N 302 
THR H    H N N 303 
THR H2   H N N 304 
THR HA   H N N 305 
THR HB   H N N 306 
THR HG1  H N N 307 
THR HG21 H N N 308 
THR HG22 H N N 309 
THR HG23 H N N 310 
THR HXT  H N N 311 
TRP N    N N N 312 
TRP CA   C N S 313 
TRP C    C N N 314 
TRP O    O N N 315 
TRP CB   C N N 316 
TRP CG   C Y N 317 
TRP CD1  C Y N 318 
TRP CD2  C Y N 319 
TRP NE1  N Y N 320 
TRP CE2  C Y N 321 
TRP CE3  C Y N 322 
TRP CZ2  C Y N 323 
TRP CZ3  C Y N 324 
TRP CH2  C Y N 325 
TRP OXT  O N N 326 
TRP H    H N N 327 
TRP H2   H N N 328 
TRP HA   H N N 329 
TRP HB2  H N N 330 
TRP HB3  H N N 331 
TRP HD1  H N N 332 
TRP HE1  H N N 333 
TRP HE3  H N N 334 
TRP HZ2  H N N 335 
TRP HZ3  H N N 336 
TRP HH2  H N N 337 
TRP HXT  H N N 338 
TYR N    N N N 339 
TYR CA   C N S 340 
TYR C    C N N 341 
TYR O    O N N 342 
TYR CB   C N N 343 
TYR CG   C Y N 344 
TYR CD1  C Y N 345 
TYR CD2  C Y N 346 
TYR CE1  C Y N 347 
TYR CE2  C Y N 348 
TYR CZ   C Y N 349 
TYR OH   O N N 350 
TYR OXT  O N N 351 
TYR H    H N N 352 
TYR H2   H N N 353 
TYR HA   H N N 354 
TYR HB2  H N N 355 
TYR HB3  H N N 356 
TYR HD1  H N N 357 
TYR HD2  H N N 358 
TYR HE1  H N N 359 
TYR HE2  H N N 360 
TYR HH   H N N 361 
TYR HXT  H N N 362 
VAL N    N N N 363 
VAL CA   C N S 364 
VAL C    C N N 365 
VAL O    O N N 366 
VAL CB   C N N 367 
VAL CG1  C N N 368 
VAL CG2  C N N 369 
VAL OXT  O N N 370 
VAL H    H N N 371 
VAL H2   H N N 372 
VAL HA   H N N 373 
VAL HB   H N N 374 
VAL HG11 H N N 375 
VAL HG12 H N N 376 
VAL HG13 H N N 377 
VAL HG21 H N N 378 
VAL HG22 H N N 379 
VAL HG23 H N N 380 
VAL HXT  H N N 381 
# 
loop_
_chem_comp_bond.comp_id 
_chem_comp_bond.atom_id_1 
_chem_comp_bond.atom_id_2 
_chem_comp_bond.value_order 
_chem_comp_bond.pdbx_aromatic_flag 
_chem_comp_bond.pdbx_stereo_config 
_chem_comp_bond.pdbx_ordinal 
ALA N   CA   sing N N 1   
ALA N   H    sing N N 2   
ALA N   H2   sing N N 3   
ALA CA  C    sing N N 4   
ALA CA  CB   sing N N 5   
ALA CA  HA   sing N N 6   
ALA C   O    doub N N 7   
ALA C   OXT  sing N N 8   
ALA CB  HB1  sing N N 9   
ALA CB  HB2  sing N N 10  
ALA CB  HB3  sing N N 11  
ALA OXT HXT  sing N N 12  
ARG N   CA   sing N N 13  
ARG N   H    sing N N 14  
ARG N   H2   sing N N 15  
ARG CA  C    sing N N 16  
ARG CA  CB   sing N N 17  
ARG CA  HA   sing N N 18  
ARG C   O    doub N N 19  
ARG C   OXT  sing N N 20  
ARG CB  CG   sing N N 21  
ARG CB  HB2  sing N N 22  
ARG CB  HB3  sing N N 23  
ARG CG  CD   sing N N 24  
ARG CG  HG2  sing N N 25  
ARG CG  HG3  sing N N 26  
ARG CD  NE   sing N N 27  
ARG CD  HD2  sing N N 28  
ARG CD  HD3  sing N N 29  
ARG NE  CZ   sing N N 30  
ARG NE  HE   sing N N 31  
ARG CZ  NH1  sing N N 32  
ARG CZ  NH2  doub N N 33  
ARG NH1 HH11 sing N N 34  
ARG NH1 HH12 sing N N 35  
ARG NH2 HH21 sing N N 36  
ARG NH2 HH22 sing N N 37  
ARG OXT HXT  sing N N 38  
ASN N   CA   sing N N 39  
ASN N   H    sing N N 40  
ASN N   H2   sing N N 41  
ASN CA  C    sing N N 42  
ASN CA  CB   sing N N 43  
ASN CA  HA   sing N N 44  
ASN C   O    doub N N 45  
ASN C   OXT  sing N N 46  
ASN CB  CG   sing N N 47  
ASN CB  HB2  sing N N 48  
ASN CB  HB3  sing N N 49  
ASN CG  OD1  doub N N 50  
ASN CG  ND2  sing N N 51  
ASN ND2 HD21 sing N N 52  
ASN ND2 HD22 sing N N 53  
ASN OXT HXT  sing N N 54  
ASP N   CA   sing N N 55  
ASP N   H    sing N N 56  
ASP N   H2   sing N N 57  
ASP CA  C    sing N N 58  
ASP CA  CB   sing N N 59  
ASP CA  HA   sing N N 60  
ASP C   O    doub N N 61  
ASP C   OXT  sing N N 62  
ASP CB  CG   sing N N 63  
ASP CB  HB2  sing N N 64  
ASP CB  HB3  sing N N 65  
ASP CG  OD1  doub N N 66  
ASP CG  OD2  sing N N 67  
ASP OD2 HD2  sing N N 68  
ASP OXT HXT  sing N N 69  
GLN N   CA   sing N N 70  
GLN N   H    sing N N 71  
GLN N   H2   sing N N 72  
GLN CA  C    sing N N 73  
GLN CA  CB   sing N N 74  
GLN CA  HA   sing N N 75  
GLN C   O    doub N N 76  
GLN C   OXT  sing N N 77  
GLN CB  CG   sing N N 78  
GLN CB  HB2  sing N N 79  
GLN CB  HB3  sing N N 80  
GLN CG  CD   sing N N 81  
GLN CG  HG2  sing N N 82  
GLN CG  HG3  sing N N 83  
GLN CD  OE1  doub N N 84  
GLN CD  NE2  sing N N 85  
GLN NE2 HE21 sing N N 86  
GLN NE2 HE22 sing N N 87  
GLN OXT HXT  sing N N 88  
GLU N   CA   sing N N 89  
GLU N   H    sing N N 90  
GLU N   H2   sing N N 91  
GLU CA  C    sing N N 92  
GLU CA  CB   sing N N 93  
GLU CA  HA   sing N N 94  
GLU C   O    doub N N 95  
GLU C   OXT  sing N N 96  
GLU CB  CG   sing N N 97  
GLU CB  HB2  sing N N 98  
GLU CB  HB3  sing N N 99  
GLU CG  CD   sing N N 100 
GLU CG  HG2  sing N N 101 
GLU CG  HG3  sing N N 102 
GLU CD  OE1  doub N N 103 
GLU CD  OE2  sing N N 104 
GLU OE2 HE2  sing N N 105 
GLU OXT HXT  sing N N 106 
GLY N   CA   sing N N 107 
GLY N   H    sing N N 108 
GLY N   H2   sing N N 109 
GLY CA  C    sing N N 110 
GLY CA  HA2  sing N N 111 
GLY CA  HA3  sing N N 112 
GLY C   O    doub N N 113 
GLY C   OXT  sing N N 114 
GLY OXT HXT  sing N N 115 
HIS N   CA   sing N N 116 
HIS N   H    sing N N 117 
HIS N   H2   sing N N 118 
HIS CA  C    sing N N 119 
HIS CA  CB   sing N N 120 
HIS CA  HA   sing N N 121 
HIS C   O    doub N N 122 
HIS C   OXT  sing N N 123 
HIS CB  CG   sing N N 124 
HIS CB  HB2  sing N N 125 
HIS CB  HB3  sing N N 126 
HIS CG  ND1  sing Y N 127 
HIS CG  CD2  doub Y N 128 
HIS ND1 CE1  doub Y N 129 
HIS ND1 HD1  sing N N 130 
HIS CD2 NE2  sing Y N 131 
HIS CD2 HD2  sing N N 132 
HIS CE1 NE2  sing Y N 133 
HIS CE1 HE1  sing N N 134 
HIS NE2 HE2  sing N N 135 
HIS OXT HXT  sing N N 136 
HOH O   H1   sing N N 137 
HOH O   H2   sing N N 138 
ILE N   CA   sing N N 139 
ILE N   H    sing N N 140 
ILE N   H2   sing N N 141 
ILE CA  C    sing N N 142 
ILE CA  CB   sing N N 143 
ILE CA  HA   sing N N 144 
ILE C   O    doub N N 145 
ILE C   OXT  sing N N 146 
ILE CB  CG1  sing N N 147 
ILE CB  CG2  sing N N 148 
ILE CB  HB   sing N N 149 
ILE CG1 CD1  sing N N 150 
ILE CG1 HG12 sing N N 151 
ILE CG1 HG13 sing N N 152 
ILE CG2 HG21 sing N N 153 
ILE CG2 HG22 sing N N 154 
ILE CG2 HG23 sing N N 155 
ILE CD1 HD11 sing N N 156 
ILE CD1 HD12 sing N N 157 
ILE CD1 HD13 sing N N 158 
ILE OXT HXT  sing N N 159 
LEU N   CA   sing N N 160 
LEU N   H    sing N N 161 
LEU N   H2   sing N N 162 
LEU CA  C    sing N N 163 
LEU CA  CB   sing N N 164 
LEU CA  HA   sing N N 165 
LEU C   O    doub N N 166 
LEU C   OXT  sing N N 167 
LEU CB  CG   sing N N 168 
LEU CB  HB2  sing N N 169 
LEU CB  HB3  sing N N 170 
LEU CG  CD1  sing N N 171 
LEU CG  CD2  sing N N 172 
LEU CG  HG   sing N N 173 
LEU CD1 HD11 sing N N 174 
LEU CD1 HD12 sing N N 175 
LEU CD1 HD13 sing N N 176 
LEU CD2 HD21 sing N N 177 
LEU CD2 HD22 sing N N 178 
LEU CD2 HD23 sing N N 179 
LEU OXT HXT  sing N N 180 
LYS N   CA   sing N N 181 
LYS N   H    sing N N 182 
LYS N   H2   sing N N 183 
LYS CA  C    sing N N 184 
LYS CA  CB   sing N N 185 
LYS CA  HA   sing N N 186 
LYS C   O    doub N N 187 
LYS C   OXT  sing N N 188 
LYS CB  CG   sing N N 189 
LYS CB  HB2  sing N N 190 
LYS CB  HB3  sing N N 191 
LYS CG  CD   sing N N 192 
LYS CG  HG2  sing N N 193 
LYS CG  HG3  sing N N 194 
LYS CD  CE   sing N N 195 
LYS CD  HD2  sing N N 196 
LYS CD  HD3  sing N N 197 
LYS CE  NZ   sing N N 198 
LYS CE  HE2  sing N N 199 
LYS CE  HE3  sing N N 200 
LYS NZ  HZ1  sing N N 201 
LYS NZ  HZ2  sing N N 202 
LYS NZ  HZ3  sing N N 203 
LYS OXT HXT  sing N N 204 
MET N   CA   sing N N 205 
MET N   H    sing N N 206 
MET N   H2   sing N N 207 
MET CA  C    sing N N 208 
MET CA  CB   sing N N 209 
MET CA  HA   sing N N 210 
MET C   O    doub N N 211 
MET C   OXT  sing N N 212 
MET CB  CG   sing N N 213 
MET CB  HB2  sing N N 214 
MET CB  HB3  sing N N 215 
MET CG  SD   sing N N 216 
MET CG  HG2  sing N N 217 
MET CG  HG3  sing N N 218 
MET SD  CE   sing N N 219 
MET CE  HE1  sing N N 220 
MET CE  HE2  sing N N 221 
MET CE  HE3  sing N N 222 
MET OXT HXT  sing N N 223 
PHE N   CA   sing N N 224 
PHE N   H    sing N N 225 
PHE N   H2   sing N N 226 
PHE CA  C    sing N N 227 
PHE CA  CB   sing N N 228 
PHE CA  HA   sing N N 229 
PHE C   O    doub N N 230 
PHE C   OXT  sing N N 231 
PHE CB  CG   sing N N 232 
PHE CB  HB2  sing N N 233 
PHE CB  HB3  sing N N 234 
PHE CG  CD1  doub Y N 235 
PHE CG  CD2  sing Y N 236 
PHE CD1 CE1  sing Y N 237 
PHE CD1 HD1  sing N N 238 
PHE CD2 CE2  doub Y N 239 
PHE CD2 HD2  sing N N 240 
PHE CE1 CZ   doub Y N 241 
PHE CE1 HE1  sing N N 242 
PHE CE2 CZ   sing Y N 243 
PHE CE2 HE2  sing N N 244 
PHE CZ  HZ   sing N N 245 
PHE OXT HXT  sing N N 246 
PRO N   CA   sing N N 247 
PRO N   CD   sing N N 248 
PRO N   H    sing N N 249 
PRO CA  C    sing N N 250 
PRO CA  CB   sing N N 251 
PRO CA  HA   sing N N 252 
PRO C   O    doub N N 253 
PRO C   OXT  sing N N 254 
PRO CB  CG   sing N N 255 
PRO CB  HB2  sing N N 256 
PRO CB  HB3  sing N N 257 
PRO CG  CD   sing N N 258 
PRO CG  HG2  sing N N 259 
PRO CG  HG3  sing N N 260 
PRO CD  HD2  sing N N 261 
PRO CD  HD3  sing N N 262 
PRO OXT HXT  sing N N 263 
SER N   CA   sing N N 264 
SER N   H    sing N N 265 
SER N   H2   sing N N 266 
SER CA  C    sing N N 267 
SER CA  CB   sing N N 268 
SER CA  HA   sing N N 269 
SER C   O    doub N N 270 
SER C   OXT  sing N N 271 
SER CB  OG   sing N N 272 
SER CB  HB2  sing N N 273 
SER CB  HB3  sing N N 274 
SER OG  HG   sing N N 275 
SER OXT HXT  sing N N 276 
SO4 S   O1   doub N N 277 
SO4 S   O2   doub N N 278 
SO4 S   O3   sing N N 279 
SO4 S   O4   sing N N 280 
THR N   CA   sing N N 281 
THR N   H    sing N N 282 
THR N   H2   sing N N 283 
THR CA  C    sing N N 284 
THR CA  CB   sing N N 285 
THR CA  HA   sing N N 286 
THR C   O    doub N N 287 
THR C   OXT  sing N N 288 
THR CB  OG1  sing N N 289 
THR CB  CG2  sing N N 290 
THR CB  HB   sing N N 291 
THR OG1 HG1  sing N N 292 
THR CG2 HG21 sing N N 293 
THR CG2 HG22 sing N N 294 
THR CG2 HG23 sing N N 295 
THR OXT HXT  sing N N 296 
TRP N   CA   sing N N 297 
TRP N   H    sing N N 298 
TRP N   H2   sing N N 299 
TRP CA  C    sing N N 300 
TRP CA  CB   sing N N 301 
TRP CA  HA   sing N N 302 
TRP C   O    doub N N 303 
TRP C   OXT  sing N N 304 
TRP CB  CG   sing N N 305 
TRP CB  HB2  sing N N 306 
TRP CB  HB3  sing N N 307 
TRP CG  CD1  doub Y N 308 
TRP CG  CD2  sing Y N 309 
TRP CD1 NE1  sing Y N 310 
TRP CD1 HD1  sing N N 311 
TRP CD2 CE2  doub Y N 312 
TRP CD2 CE3  sing Y N 313 
TRP NE1 CE2  sing Y N 314 
TRP NE1 HE1  sing N N 315 
TRP CE2 CZ2  sing Y N 316 
TRP CE3 CZ3  doub Y N 317 
TRP CE3 HE3  sing N N 318 
TRP CZ2 CH2  doub Y N 319 
TRP CZ2 HZ2  sing N N 320 
TRP CZ3 CH2  sing Y N 321 
TRP CZ3 HZ3  sing N N 322 
TRP CH2 HH2  sing N N 323 
TRP OXT HXT  sing N N 324 
TYR N   CA   sing N N 325 
TYR N   H    sing N N 326 
TYR N   H2   sing N N 327 
TYR CA  C    sing N N 328 
TYR CA  CB   sing N N 329 
TYR CA  HA   sing N N 330 
TYR C   O    doub N N 331 
TYR C   OXT  sing N N 332 
TYR CB  CG   sing N N 333 
TYR CB  HB2  sing N N 334 
TYR CB  HB3  sing N N 335 
TYR CG  CD1  doub Y N 336 
TYR CG  CD2  sing Y N 337 
TYR CD1 CE1  sing Y N 338 
TYR CD1 HD1  sing N N 339 
TYR CD2 CE2  doub Y N 340 
TYR CD2 HD2  sing N N 341 
TYR CE1 CZ   doub Y N 342 
TYR CE1 HE1  sing N N 343 
TYR CE2 CZ   sing Y N 344 
TYR CE2 HE2  sing N N 345 
TYR CZ  OH   sing N N 346 
TYR OH  HH   sing N N 347 
TYR OXT HXT  sing N N 348 
VAL N   CA   sing N N 349 
VAL N   H    sing N N 350 
VAL N   H2   sing N N 351 
VAL CA  C    sing N N 352 
VAL CA  CB   sing N N 353 
VAL CA  HA   sing N N 354 
VAL C   O    doub N N 355 
VAL C   OXT  sing N N 356 
VAL CB  CG1  sing N N 357 
VAL CB  CG2  sing N N 358 
VAL CB  HB   sing N N 359 
VAL CG1 HG11 sing N N 360 
VAL CG1 HG12 sing N N 361 
VAL CG1 HG13 sing N N 362 
VAL CG2 HG21 sing N N 363 
VAL CG2 HG22 sing N N 364 
VAL CG2 HG23 sing N N 365 
VAL OXT HXT  sing N N 366 
# 
_atom_sites.entry_id                    3MPC 
_atom_sites.fract_transf_matrix[1][1]   0.01968661 
_atom_sites.fract_transf_matrix[1][2]   -0.01857371 
_atom_sites.fract_transf_matrix[1][3]   -0.00801010 
_atom_sites.fract_transf_matrix[2][1]   -0.00471179 
_atom_sites.fract_transf_matrix[2][2]   -0.01246963 
_atom_sites.fract_transf_matrix[2][3]   0.01733416 
_atom_sites.fract_transf_matrix[3][1]   -0.00634522 
_atom_sites.fract_transf_matrix[3][2]   -0.00456529 
_atom_sites.fract_transf_matrix[3][3]   -0.00500888 
_atom_sites.fract_transf_vector[1]      0.866799 
_atom_sites.fract_transf_vector[2]      0.719426 
_atom_sites.fract_transf_vector[3]      0.088502 
# 
loop_
_atom_type.symbol 
C 
N 
O 
S 
# 
loop_
_atom_site.group_PDB 
_atom_site.id 
_atom_site.type_symbol 
_atom_site.label_atom_id 
_atom_site.label_alt_id 
_atom_site.label_comp_id 
_atom_site.label_asym_id 
_atom_site.label_entity_id 
_atom_site.label_seq_id 
_atom_site.pdbx_PDB_ins_code 
_atom_site.Cartn_x 
_atom_site.Cartn_y 
_atom_site.Cartn_z 
_atom_site.occupancy 
_atom_site.B_iso_or_equiv 
_atom_site.pdbx_formal_charge 
_atom_site.auth_seq_id 
_atom_site.auth_comp_id 
_atom_site.auth_asym_id 
_atom_site.auth_atom_id 
_atom_site.pdbx_PDB_model_num 
ATOM   1    N N   . SER A 1 3  ? 15.589  13.562  7.695   1.00 34.46 ? 3   SER A N   1 
ATOM   2    C CA  . SER A 1 3  ? 15.300  14.095  9.096   1.00 35.27 ? 3   SER A CA  1 
ATOM   3    C C   . SER A 1 3  ? 14.131  13.379  9.798   1.00 33.82 ? 3   SER A C   1 
ATOM   4    O O   . SER A 1 3  ? 14.116  13.262  11.041  1.00 35.26 ? 3   SER A O   1 
ATOM   5    C CB  . SER A 1 3  ? 15.097  15.635  9.120   1.00 35.75 ? 3   SER A CB  1 
ATOM   6    O OG  . SER A 1 3  ? 13.779  16.061  8.748   1.00 38.03 ? 3   SER A OG  1 
ATOM   7    N N   . ALA A 1 4  ? 13.143  12.928  9.022   1.00 31.18 ? 4   ALA A N   1 
ATOM   8    C CA  . ALA A 1 4  ? 12.182  11.937  9.555   1.00 27.73 ? 4   ALA A CA  1 
ATOM   9    C C   . ALA A 1 4  ? 12.991  10.723  10.076  1.00 24.30 ? 4   ALA A C   1 
ATOM   10   O O   . ALA A 1 4  ? 13.872  10.237  9.349   1.00 23.34 ? 4   ALA A O   1 
ATOM   11   C CB  . ALA A 1 4  ? 11.159  11.477  8.438   1.00 29.27 ? 4   ALA A CB  1 
ATOM   12   N N   . PRO A 1 5  ? 12.653  10.197  11.280  1.00 20.23 ? 5   PRO A N   1 
ATOM   13   C CA  . PRO A 1 5  ? 13.070  8.831   11.610  1.00 18.15 ? 5   PRO A CA  1 
ATOM   14   C C   . PRO A 1 5  ? 12.541  7.790   10.659  1.00 15.02 ? 5   PRO A C   1 
ATOM   15   O O   . PRO A 1 5  ? 11.544  7.975   9.955   1.00 13.80 ? 5   PRO A O   1 
ATOM   16   C CB  . PRO A 1 5  ? 12.527  8.572   12.993  1.00 16.92 ? 5   PRO A CB  1 
ATOM   17   C CG  . PRO A 1 5  ? 11.503  9.631   13.221  1.00 19.22 ? 5   PRO A CG  1 
ATOM   18   C CD  . PRO A 1 5  ? 11.670  10.727  12.248  1.00 22.71 ? 5   PRO A CD  1 
ATOM   19   N N   . ALA A 1 6  ? 13.268  6.689   10.587  1.00 9.42  ? 6   ALA A N   1 
ATOM   20   C CA  . ALA A 1 6  ? 12.855  5.606   9.676   1.00 7.10  ? 6   ALA A CA  1 
ATOM   21   C C   . ALA A 1 6  ? 11.549  5.037   10.229  1.00 7.13  ? 6   ALA A C   1 
ATOM   22   O O   . ALA A 1 6  ? 11.400  4.932   11.405  1.00 7.57  ? 6   ALA A O   1 
ATOM   23   C CB  . ALA A 1 6  ? 13.967  4.558   9.599   1.00 7.41  ? 6   ALA A CB  1 
ATOM   24   N N   . PHE A 1 7  ? 10.727  4.503   9.348   1.00 7.72  ? 7   PHE A N   1 
ATOM   25   C CA  . PHE A 1 7  ? 9.408   3.949   9.659   1.00 5.94  ? 7   PHE A CA  1 
ATOM   26   C C   . PHE A 1 7  ? 9.257   2.595   9.074   1.00 5.92  ? 7   PHE A C   1 
ATOM   27   O O   . PHE A 1 7  ? 10.020  2.151   8.218   1.00 6.08  ? 7   PHE A O   1 
ATOM   28   C CB  . PHE A 1 7  ? 8.308   4.879   9.153   1.00 6.63  ? 7   PHE A CB  1 
ATOM   29   C CG  . PHE A 1 7  ? 8.406   5.221   7.693   1.00 7.34  ? 7   PHE A CG  1 
ATOM   30   C CD1 . PHE A 1 7  ? 7.821   4.441   6.742   1.00 4.74  ? 7   PHE A CD1 1 
ATOM   31   C CD2 . PHE A 1 7  ? 9.027   6.400   7.272   1.00 10.74 ? 7   PHE A CD2 1 
ATOM   32   C CE1 . PHE A 1 7  ? 7.998   4.722   5.443   1.00 5.36  ? 7   PHE A CE1 1 
ATOM   33   C CE2 . PHE A 1 7  ? 9.173   6.712   5.925   1.00 6.17  ? 7   PHE A CE2 1 
ATOM   34   C CZ  . PHE A 1 7  ? 8.607   5.845   4.990   1.00 6.59  ? 7   PHE A CZ  1 
ATOM   35   N N   . PRO A 1 8  ? 8.387   1.771   9.697   1.00 4.49  ? 8   PRO A N   1 
ATOM   36   C CA  . PRO A 1 8  ? 8.166   0.431   9.141   1.00 4.37  ? 8   PRO A CA  1 
ATOM   37   C C   . PRO A 1 8  ? 7.659   0.441   7.743   1.00 6.89  ? 8   PRO A C   1 
ATOM   38   O O   . PRO A 1 8  ? 6.903   1.337   7.271   1.00 5.93  ? 8   PRO A O   1 
ATOM   39   C CB  . PRO A 1 8  ? 7.168   -0.190  10.140  1.00 5.99  ? 8   PRO A CB  1 
ATOM   40   C CG  . PRO A 1 8  ? 7.187   0.812   11.348  1.00 6.51  ? 8   PRO A CG  1 
ATOM   41   C CD  . PRO A 1 8  ? 7.490   2.087   10.793  1.00 5.66  ? 8   PRO A CD  1 
ATOM   42   N N   . THR A 1 9  ? 8.112   -0.603  7.027   1.00 5.79  ? 9   THR A N   1 
ATOM   43   C CA  . THR A 1 9  ? 7.666   -0.810  5.614   1.00 7.50  ? 9   THR A CA  1 
ATOM   44   C C   . THR A 1 9  ? 7.457   -2.256  5.398   1.00 6.25  ? 9   THR A C   1 
ATOM   45   O O   . THR A 1 9  ? 7.666   -3.123  6.268   1.00 6.30  ? 9   THR A O   1 
ATOM   46   C CB  . THR A 1 9  ? 8.797   -0.340  4.664   1.00 7.37  ? 9   THR A CB  1 
ATOM   47   O OG1 . THR A 1 9  ? 9.959   -1.115  4.915   1.00 6.55  ? 9   THR A OG1 1 
ATOM   48   C CG2 . THR A 1 9  ? 9.050   1.169   4.778   1.00 9.17  ? 9   THR A CG2 1 
ATOM   49   N N   . GLY A 1 10 ? 6.947   -2.563  4.198   1.00 5.72  ? 10  GLY A N   1 
ATOM   50   C CA  . GLY A 1 10 ? 6.659   -3.903  3.841   1.00 6.70  ? 10  GLY A CA  1 
ATOM   51   C C   . GLY A 1 10 ? 5.621   -4.709  4.618   1.00 5.30  ? 10  GLY A C   1 
ATOM   52   O O   . GLY A 1 10 ? 5.816   -5.927  4.824   1.00 5.82  ? 10  GLY A O   1 
ATOM   53   N N   . LEU A 1 11 ? 4.655   -3.976  5.180   1.00 5.96  ? 11  LEU A N   1 
ATOM   54   C CA  . LEU A 1 11 ? 3.630   -4.623  5.985   1.00 4.30  ? 11  LEU A CA  1 
ATOM   55   C C   . LEU A 1 11 ? 2.760   -5.571  5.150   1.00 5.05  ? 11  LEU A C   1 
ATOM   56   O O   . LEU A 1 11 ? 2.368   -5.237  4.018   1.00 6.62  ? 11  LEU A O   1 
ATOM   57   C CB  . LEU A 1 11 ? 2.736   -3.568  6.553   1.00 5.00  ? 11  LEU A CB  1 
ATOM   58   C CG  . LEU A 1 11 ? 1.671   -3.989  7.540   1.00 3.11  ? 11  LEU A CG  1 
ATOM   59   C CD1 . LEU A 1 11 ? 2.288   -4.706  8.742   1.00 2.00  ? 11  LEU A CD1 1 
ATOM   60   C CD2 . LEU A 1 11 ? 0.779   -2.854  8.007   1.00 3.84  ? 11  LEU A CD2 1 
ATOM   61   N N   A SER A 1 12 ? 2.575   -6.775  5.683   0.70 5.63  ? 12  SER A N   1 
ATOM   62   N N   B SER A 1 12 ? 2.535   -6.764  5.681   0.30 5.17  ? 12  SER A N   1 
ATOM   63   C CA  A SER A 1 12 ? 1.726   -7.845  5.127   0.70 5.76  ? 12  SER A CA  1 
ATOM   64   C CA  B SER A 1 12 ? 1.590   -7.698  5.094   0.30 4.91  ? 12  SER A CA  1 
ATOM   65   C C   A SER A 1 12 ? 0.713   -8.272  6.201   0.70 5.24  ? 12  SER A C   1 
ATOM   66   C C   B SER A 1 12 ? 0.712   -8.296  6.180   0.30 4.92  ? 12  SER A C   1 
ATOM   67   O O   A SER A 1 12 ? 1.126   -8.458  7.343   0.70 4.85  ? 12  SER A O   1 
ATOM   68   O O   B SER A 1 12 ? 1.201   -8.644  7.254   0.30 4.92  ? 12  SER A O   1 
ATOM   69   C CB  A SER A 1 12 ? 2.585   -9.055  4.724   0.70 7.34  ? 12  SER A CB  1 
ATOM   70   C CB  B SER A 1 12 ? 2.299   -8.810  4.330   0.30 5.13  ? 12  SER A CB  1 
ATOM   71   O OG  A SER A 1 12 ? 1.810   -10.179 4.310   0.70 10.30 ? 12  SER A OG  1 
ATOM   72   O OG  B SER A 1 12 ? 2.875   -9.754  5.223   0.30 2.91  ? 12  SER A OG  1 
ATOM   73   N N   . ALA A 1 13 ? -0.581  -8.398  5.903   1.00 5.11  ? 13  ALA A N   1 
ATOM   74   C CA  . ALA A 1 13 ? -1.598  -8.853  6.855   1.00 5.20  ? 13  ALA A CA  1 
ATOM   75   C C   . ALA A 1 13 ? -2.360  -10.043 6.244   1.00 6.98  ? 13  ALA A C   1 
ATOM   76   O O   . ALA A 1 13 ? -3.017  -9.890  5.222   1.00 7.47  ? 13  ALA A O   1 
ATOM   77   C CB  . ALA A 1 13 ? -2.561  -7.718  7.157   1.00 7.11  ? 13  ALA A CB  1 
ATOM   78   N N   . VAL A 1 14 ? -2.093  -11.225 6.760   1.00 5.97  ? 14  VAL A N   1 
ATOM   79   C CA  . VAL A 1 14 ? -2.568  -12.453 6.151   1.00 5.64  ? 14  VAL A CA  1 
ATOM   80   C C   . VAL A 1 14 ? -3.415  -13.180 7.154   1.00 5.22  ? 14  VAL A C   1 
ATOM   81   O O   . VAL A 1 14 ? -2.950  -13.483 8.263   1.00 7.50  ? 14  VAL A O   1 
ATOM   82   C CB  . VAL A 1 14 ? -1.435  -13.279 5.598   1.00 7.66  ? 14  VAL A CB  1 
ATOM   83   C CG1 . VAL A 1 14 ? -1.953  -14.608 4.904   1.00 10.24 ? 14  VAL A CG1 1 
ATOM   84   C CG2 . VAL A 1 14 ? -0.659  -12.412 4.581   1.00 9.08  ? 14  VAL A CG2 1 
ATOM   85   N N   . LEU A 1 15 ? -4.611  -13.580 6.746   1.00 7.41  ? 15  LEU A N   1 
ATOM   86   C CA  . LEU A 1 15 ? -5.433  -14.491 7.589   1.00 8.05  ? 15  LEU A CA  1 
ATOM   87   C C   . LEU A 1 15 ? -4.857  -15.867 7.726   1.00 10.26 ? 15  LEU A C   1 
ATOM   88   O O   . LEU A 1 15 ? -4.202  -16.369 6.845   1.00 9.12  ? 15  LEU A O   1 
ATOM   89   C CB  . LEU A 1 15 ? -6.850  -14.594 7.016   1.00 8.21  ? 15  LEU A CB  1 
ATOM   90   C CG  . LEU A 1 15 ? -7.735  -13.331 7.141   1.00 9.72  ? 15  LEU A CG  1 
ATOM   91   C CD1 . LEU A 1 15 ? -9.020  -13.403 6.219   1.00 9.81  ? 15  LEU A CD1 1 
ATOM   92   C CD2 . LEU A 1 15 ? -8.198  -13.070 8.596   1.00 6.01  ? 15  LEU A CD2 1 
ATOM   93   N N   . ASP A 1 16 ? -5.181  -16.516 8.847   1.00 10.40 ? 16  ASP A N   1 
ATOM   94   C CA  . ASP A 1 16 ? -5.048  -17.989 8.861   1.00 12.13 ? 16  ASP A CA  1 
ATOM   95   C C   . ASP A 1 16 ? -6.138  -18.638 8.003   1.00 12.53 ? 16  ASP A C   1 
ATOM   96   O O   . ASP A 1 16 ? -7.022  -17.968 7.452   1.00 11.17 ? 16  ASP A O   1 
ATOM   97   C CB  . ASP A 1 16 ? -4.975  -18.608 10.258  1.00 13.33 ? 16  ASP A CB  1 
ATOM   98   C CG  . ASP A 1 16 ? -6.129  -18.274 11.122  1.00 15.80 ? 16  ASP A CG  1 
ATOM   99   O OD1 . ASP A 1 16 ? -7.216  -18.102 10.607  1.00 20.13 ? 16  ASP A OD1 1 
ATOM   100  O OD2 . ASP A 1 16 ? -5.967  -18.257 12.383  1.00 21.60 ? 16  ASP A OD2 1 
ATOM   101  N N   . SER A 1 17 ? -6.004  -19.947 7.801   1.00 16.26 ? 17  SER A N   1 
ATOM   102  C CA  . SER A 1 17 ? -6.840  -20.603 6.826   1.00 17.85 ? 17  SER A CA  1 
ATOM   103  C C   . SER A 1 17 ? -8.279  -20.695 7.246   1.00 17.34 ? 17  SER A C   1 
ATOM   104  O O   . SER A 1 17 ? -9.161  -20.905 6.386   1.00 16.42 ? 17  SER A O   1 
ATOM   105  C CB  . SER A 1 17 ? -6.276  -21.989 6.511   1.00 18.64 ? 17  SER A CB  1 
ATOM   106  O OG  . SER A 1 17 ? -6.234  -22.756 7.705   1.00 22.08 ? 17  SER A OG  1 
ATOM   107  N N   . SER A 1 18 ? -8.552  -20.523 8.555   1.00 15.75 ? 18  SER A N   1 
ATOM   108  C CA  . SER A 1 18 ? -9.943  -20.389 9.018   1.00 16.43 ? 18  SER A CA  1 
ATOM   109  C C   . SER A 1 18 ? -10.494 -18.982 9.084   1.00 15.76 ? 18  SER A C   1 
ATOM   110  O O   . SER A 1 18 ? -11.667 -18.763 9.436   1.00 15.11 ? 18  SER A O   1 
ATOM   111  C CB  . SER A 1 18 ? -10.105 -21.052 10.418  1.00 18.15 ? 18  SER A CB  1 
ATOM   112  O OG  . SER A 1 18 ? -9.364  -20.326 11.383  1.00 22.22 ? 18  SER A OG  1 
ATOM   113  N N   . GLY A 1 19 ? -9.695  -17.985 8.651   1.00 12.82 ? 19  GLY A N   1 
ATOM   114  C CA  . GLY A 1 19 ? -10.220 -16.640 8.700   1.00 13.37 ? 19  GLY A CA  1 
ATOM   115  C C   . GLY A 1 19 ? -10.378 -16.089 10.106  1.00 13.17 ? 19  GLY A C   1 
ATOM   116  O O   . GLY A 1 19 ? -11.079 -15.096 10.287  1.00 12.98 ? 19  GLY A O   1 
ATOM   117  N N   . ASN A 1 20 ? -9.709  -16.713 11.080  1.00 12.12 ? 20  ASN A N   1 
ATOM   118  C CA  . ASN A 1 20 ? -9.934  -16.363 12.463  1.00 11.79 ? 20  ASN A CA  1 
ATOM   119  C C   . ASN A 1 20 ? -9.006  -15.276 12.976  1.00 11.69 ? 20  ASN A C   1 
ATOM   120  O O   . ASN A 1 20 ? -9.392  -14.504 13.876  1.00 12.80 ? 20  ASN A O   1 
ATOM   121  C CB  . ASN A 1 20 ? -9.770  -17.616 13.324  1.00 13.36 ? 20  ASN A CB  1 
ATOM   122  C CG  . ASN A 1 20 ? -10.219 -17.437 14.754  1.00 10.98 ? 20  ASN A CG  1 
ATOM   123  O OD1 . ASN A 1 20 ? -11.232 -16.760 15.047  1.00 14.57 ? 20  ASN A OD1 1 
ATOM   124  N ND2 . ASN A 1 20 ? -9.518  -18.125 15.653  1.00 10.18 ? 20  ASN A ND2 1 
ATOM   125  N N   . THR A 1 21 ? -7.762  -15.324 12.525  1.00 9.46  ? 21  THR A N   1 
ATOM   126  C CA  . THR A 1 21 ? -6.760  -14.329 13.018  1.00 9.67  ? 21  THR A CA  1 
ATOM   127  C C   . THR A 1 21 ? -6.053  -13.667 11.862  1.00 8.82  ? 21  THR A C   1 
ATOM   128  O O   . THR A 1 21 ? -5.926  -14.263 10.796  1.00 8.56  ? 21  THR A O   1 
ATOM   129  C CB  . THR A 1 21 ? -5.682  -14.950 13.918  1.00 8.05  ? 21  THR A CB  1 
ATOM   130  O OG1 . THR A 1 21 ? -4.862  -15.883 13.182  1.00 10.67 ? 21  THR A OG1 1 
ATOM   131  C CG2 . THR A 1 21 ? -6.307  -15.644 15.130  1.00 11.10 ? 21  THR A CG2 1 
ATOM   132  N N   . ALA A 1 22 ? -5.564  -12.462 12.071  1.00 8.83  ? 22  ALA A N   1 
ATOM   133  C CA  . ALA A 1 22 ? -4.741  -11.692 11.076  1.00 7.80  ? 22  ALA A CA  1 
ATOM   134  C C   . ALA A 1 22 ? -3.315  -11.680 11.544  1.00 8.69  ? 22  ALA A C   1 
ATOM   135  O O   . ALA A 1 22 ? -3.035  -11.222 12.653  1.00 11.22 ? 22  ALA A O   1 
ATOM   136  C CB  . ALA A 1 22 ? -5.262  -10.245 10.906  1.00 8.30  ? 22  ALA A CB  1 
ATOM   137  N N   . ASN A 1 23 ? -2.434  -12.187 10.686  1.00 8.73  ? 23  ASN A N   1 
ATOM   138  C CA  . ASN A 1 23 ? -1.037  -12.373 11.004  1.00 7.15  ? 23  ASN A CA  1 
ATOM   139  C C   . ASN A 1 23 ? -0.274  -11.336 10.227  1.00 6.35  ? 23  ASN A C   1 
ATOM   140  O O   . ASN A 1 23 ? -0.211  -11.360 8.997   1.00 7.00  ? 23  ASN A O   1 
ATOM   141  C CB  . ASN A 1 23 ? -0.673  -13.801 10.693  1.00 8.76  ? 23  ASN A CB  1 
ATOM   142  C CG  . ASN A 1 23 ? -1.486  -14.743 11.601  1.00 12.51 ? 23  ASN A CG  1 
ATOM   143  O OD1 . ASN A 1 23 ? -1.133  -14.901 12.746  1.00 15.19 ? 23  ASN A OD1 1 
ATOM   144  N ND2 . ASN A 1 23 ? -2.744  -15.085 11.153  1.00 15.97 ? 23  ASN A ND2 1 
ATOM   145  N N   . LEU A 1 24 ? 0.281   -10.372 10.984  1.00 5.83  ? 24  LEU A N   1 
ATOM   146  C CA  . LEU A 1 24 ? 1.055   -9.252  10.428  1.00 5.71  ? 24  LEU A CA  1 
ATOM   147  C C   . LEU A 1 24 ? 2.542   -9.456  10.523  1.00 5.08  ? 24  LEU A C   1 
ATOM   148  O O   . LEU A 1 24 ? 3.009   -9.940  11.554  1.00 5.58  ? 24  LEU A O   1 
ATOM   149  C CB  . LEU A 1 24 ? 0.689   -7.989  11.205  1.00 4.90  ? 24  LEU A CB  1 
ATOM   150  C CG  . LEU A 1 24 ? -0.589  -7.234  10.782  1.00 7.78  ? 24  LEU A CG  1 
ATOM   151  C CD1 . LEU A 1 24 ? -1.834  -8.103  10.961  1.00 10.40 ? 24  LEU A CD1 1 
ATOM   152  C CD2 . LEU A 1 24 ? -0.734  -5.899  11.585  1.00 9.05  ? 24  LEU A CD2 1 
ATOM   153  N N   A THR A 1 25 ? 3.262   -9.003  9.511   0.50 4.65  ? 25  THR A N   1 
ATOM   154  N N   B THR A 1 25 ? 3.267   -9.054  9.482   0.50 5.58  ? 25  THR A N   1 
ATOM   155  C CA  A THR A 1 25 ? 4.702   -9.009  9.515   0.50 5.65  ? 25  THR A CA  1 
ATOM   156  C CA  B THR A 1 25 ? 4.723   -9.019  9.469   0.50 7.30  ? 25  THR A CA  1 
ATOM   157  C C   A THR A 1 25 ? 5.158   -7.747  8.787   0.50 5.33  ? 25  THR A C   1 
ATOM   158  C C   B THR A 1 25 ? 5.157   -7.737  8.780   0.50 6.12  ? 25  THR A C   1 
ATOM   159  O O   A THR A 1 25 ? 4.480   -7.294  7.854   0.50 5.88  ? 25  THR A O   1 
ATOM   160  O O   B THR A 1 25 ? 4.481   -7.277  7.850   0.50 6.56  ? 25  THR A O   1 
ATOM   161  C CB  A THR A 1 25 ? 5.192   -10.254 8.790   0.50 6.89  ? 25  THR A CB  1 
ATOM   162  C CB  B THR A 1 25 ? 5.300   -10.210 8.685   0.50 8.65  ? 25  THR A CB  1 
ATOM   163  O OG1 A THR A 1 25 ? 4.685   -10.260 7.477   0.50 8.53  ? 25  THR A OG1 1 
ATOM   164  O OG1 B THR A 1 25 ? 6.708   -10.352 8.977   0.50 12.96 ? 25  THR A OG1 1 
ATOM   165  C CG2 A THR A 1 25 ? 4.703   -11.542 9.472   0.50 2.00  ? 25  THR A CG2 1 
ATOM   166  C CG2 B THR A 1 25 ? 5.094   -10.048 7.219   0.50 8.67  ? 25  THR A CG2 1 
ATOM   167  N N   . TRP A 1 26 ? 6.268   -7.159  9.236   1.00 4.59  ? 26  TRP A N   1 
ATOM   168  C CA  . TRP A 1 26 ? 6.778   -5.980  8.613   1.00 4.20  ? 26  TRP A CA  1 
ATOM   169  C C   . TRP A 1 26 ? 8.332   -5.957  8.766   1.00 5.51  ? 26  TRP A C   1 
ATOM   170  O O   . TRP A 1 26 ? 8.909   -6.741  9.495   1.00 7.55  ? 26  TRP A O   1 
ATOM   171  C CB  . TRP A 1 26 ? 6.124   -4.747  9.204   1.00 4.62  ? 26  TRP A CB  1 
ATOM   172  C CG  . TRP A 1 26 ? 6.321   -4.569  10.657  1.00 4.19  ? 26  TRP A CG  1 
ATOM   173  C CD1 . TRP A 1 26 ? 7.365   -3.886  11.316  1.00 4.89  ? 26  TRP A CD1 1 
ATOM   174  C CD2 . TRP A 1 26 ? 5.464   -5.048  11.719  1.00 2.00  ? 26  TRP A CD2 1 
ATOM   175  N NE1 . TRP A 1 26 ? 7.154   -3.907  12.694  1.00 4.61  ? 26  TRP A NE1 1 
ATOM   176  C CE2 . TRP A 1 26 ? 6.017   -4.594  12.959  1.00 4.92  ? 26  TRP A CE2 1 
ATOM   177  C CE3 . TRP A 1 26 ? 4.245   -5.739  11.744  1.00 5.81  ? 26  TRP A CE3 1 
ATOM   178  C CZ2 . TRP A 1 26 ? 5.424   -4.945  14.174  1.00 5.36  ? 26  TRP A CZ2 1 
ATOM   179  C CZ3 . TRP A 1 26 ? 3.702   -6.084  12.938  1.00 5.31  ? 26  TRP A CZ3 1 
ATOM   180  C CH2 . TRP A 1 26 ? 4.278   -5.717  14.118  1.00 4.77  ? 26  TRP A CH2 1 
ATOM   181  N N   . ASN A 1 27 ? 8.944   -5.124  7.946   1.00 5.01  ? 27  ASN A N   1 
ATOM   182  C CA  . ASN A 1 27 ? 10.333  -4.790  8.029   1.00 5.26  ? 27  ASN A CA  1 
ATOM   183  C C   . ASN A 1 27 ? 10.619  -3.860  9.195   1.00 4.95  ? 27  ASN A C   1 
ATOM   184  O O   . ASN A 1 27 ? 9.942   -2.858  9.374   1.00 5.69  ? 27  ASN A O   1 
ATOM   185  C CB  . ASN A 1 27 ? 10.744  -4.035  6.721   1.00 4.47  ? 27  ASN A CB  1 
ATOM   186  C CG  . ASN A 1 27 ? 10.422  -4.809  5.461   1.00 8.45  ? 27  ASN A CG  1 
ATOM   187  O OD1 . ASN A 1 27 ? 10.531  -6.064  5.446   1.00 8.43  ? 27  ASN A OD1 1 
ATOM   188  N ND2 . ASN A 1 27 ? 10.193  -4.062  4.360   1.00 9.47  ? 27  ASN A ND2 1 
ATOM   189  N N   . ALA A 1 28 ? 11.666  -4.205  9.950   1.00 5.94  ? 28  ALA A N   1 
ATOM   190  C CA  . ALA A 1 28 ? 12.147  -3.399  11.038  1.00 7.73  ? 28  ALA A CA  1 
ATOM   191  C C   . ALA A 1 28 ? 12.539  -2.016  10.643  1.00 8.18  ? 28  ALA A C   1 
ATOM   192  O O   . ALA A 1 28 ? 12.972  -1.728  9.493   1.00 9.70  ? 28  ALA A O   1 
ATOM   193  C CB  . ALA A 1 28 ? 13.311  -4.063  11.702  1.00 7.71  ? 28  ALA A CB  1 
ATOM   194  N N   . ALA A 1 29 ? 12.233  -1.079  11.517  1.00 7.08  ? 29  ALA A N   1 
ATOM   195  C CA  . ALA A 1 29 ? 12.648  0.352   11.352  1.00 5.40  ? 29  ALA A CA  1 
ATOM   196  C C   . ALA A 1 29 ? 13.890  0.625   12.161  1.00 7.85  ? 29  ALA A C   1 
ATOM   197  O O   . ALA A 1 29 ? 13.835  0.551   13.380  1.00 6.75  ? 29  ALA A O   1 
ATOM   198  C CB  . ALA A 1 29 ? 11.537  1.319   11.785  1.00 7.80  ? 29  ALA A CB  1 
ATOM   199  N N   . PRO A 1 30 ? 15.033  0.899   11.497  1.00 6.40  ? 30  PRO A N   1 
ATOM   200  C CA  . PRO A 1 30 ? 16.204  1.341   12.242  1.00 5.72  ? 30  PRO A CA  1 
ATOM   201  C C   . PRO A 1 30 ? 15.774  2.485   13.143  1.00 4.35  ? 30  PRO A C   1 
ATOM   202  O O   . PRO A 1 30 ? 15.081  3.428   12.699  1.00 5.43  ? 30  PRO A O   1 
ATOM   203  C CB  . PRO A 1 30 ? 17.181  1.759   11.137  1.00 4.54  ? 30  PRO A CB  1 
ATOM   204  C CG  . PRO A 1 30 ? 16.798  0.811   9.984   1.00 6.33  ? 30  PRO A CG  1 
ATOM   205  C CD  . PRO A 1 30 ? 15.272  0.844   10.039  1.00 7.99  ? 30  PRO A CD  1 
ATOM   206  N N   . GLY A 1 31 ? 16.269  2.431   14.400  1.00 5.53  ? 31  GLY A N   1 
ATOM   207  C CA  . GLY A 1 31 ? 15.879  3.371   15.402  1.00 5.99  ? 31  GLY A CA  1 
ATOM   208  C C   . GLY A 1 31 ? 14.780  2.973   16.345  1.00 4.55  ? 31  GLY A C   1 
ATOM   209  O O   . GLY A 1 31 ? 14.631  3.525   17.440  1.00 7.07  ? 31  GLY A O   1 
ATOM   210  N N   . ALA A 1 32 ? 14.006  1.972   15.932  1.00 5.10  ? 32  ALA A N   1 
ATOM   211  C CA  . ALA A 1 32 ? 12.876  1.568   16.755  1.00 4.99  ? 32  ALA A CA  1 
ATOM   212  C C   . ALA A 1 32 ? 13.243  0.889   18.062  1.00 3.74  ? 32  ALA A C   1 
ATOM   213  O O   . ALA A 1 32 ? 14.148  0.035   18.136  1.00 4.94  ? 32  ALA A O   1 
ATOM   214  C CB  . ALA A 1 32 ? 11.977  0.641   15.934  1.00 6.83  ? 32  ALA A CB  1 
ATOM   215  N N   . ASN A 1 33 ? 12.428  1.213   19.057  1.00 5.25  ? 33  ASN A N   1 
ATOM   216  C CA  . ASN A 1 33 ? 12.323  0.464   20.329  1.00 6.29  ? 33  ASN A CA  1 
ATOM   217  C C   . ASN A 1 33 ? 11.100  -0.431  20.421  1.00 8.33  ? 33  ASN A C   1 
ATOM   218  O O   . ASN A 1 33 ? 11.140  -1.461  21.133  1.00 6.78  ? 33  ASN A O   1 
ATOM   219  C CB  . ASN A 1 33 ? 12.329  1.433   21.528  1.00 8.55  ? 33  ASN A CB  1 
ATOM   220  C CG  . ASN A 1 33 ? 13.576  2.287   21.569  1.00 11.18 ? 33  ASN A CG  1 
ATOM   221  O OD1 . ASN A 1 33 ? 13.525  3.507   21.431  1.00 12.41 ? 33  ASN A OD1 1 
ATOM   222  N ND2 . ASN A 1 33 ? 14.723  1.611   21.545  1.00 12.57 ? 33  ASN A ND2 1 
ATOM   223  N N   . SER A 1 34 ? 10.040  -0.004  19.725  1.00 6.27  ? 34  SER A N   1 
ATOM   224  C CA  . SER A 1 34 ? 8.804   -0.777  19.686  1.00 6.65  ? 34  SER A CA  1 
ATOM   225  C C   . SER A 1 34 ? 7.969   -0.287  18.532  1.00 3.97  ? 34  SER A C   1 
ATOM   226  O O   . SER A 1 34 ? 8.382   0.629   17.810  1.00 5.53  ? 34  SER A O   1 
ATOM   227  C CB  . SER A 1 34 ? 8.032   -0.554  20.980  1.00 7.01  ? 34  SER A CB  1 
ATOM   228  O OG  . SER A 1 34 ? 7.644   0.793   21.132  1.00 7.58  ? 34  SER A OG  1 
ATOM   229  N N   . TYR A 1 35 ? 6.794   -0.943  18.388  1.00 3.03  ? 35  TYR A N   1 
ATOM   230  C CA  . TYR A 1 35 ? 5.865   -0.697  17.289  1.00 2.76  ? 35  TYR A CA  1 
ATOM   231  C C   . TYR A 1 35 ? 4.443   -0.581  17.819  1.00 3.62  ? 35  TYR A C   1 
ATOM   232  O O   . TYR A 1 35 ? 4.056   -1.219  18.801  1.00 4.94  ? 35  TYR A O   1 
ATOM   233  C CB  . TYR A 1 35 ? 5.911   -1.827  16.217  1.00 4.14  ? 35  TYR A CB  1 
ATOM   234  C CG  . TYR A 1 35 ? 7.285   -2.014  15.676  1.00 3.03  ? 35  TYR A CG  1 
ATOM   235  C CD1 . TYR A 1 35 ? 7.715   -1.212  14.600  1.00 3.11  ? 35  TYR A CD1 1 
ATOM   236  C CD2 . TYR A 1 35 ? 8.175   -2.997  16.130  1.00 6.05  ? 35  TYR A CD2 1 
ATOM   237  C CE1 . TYR A 1 35 ? 9.034   -1.294  14.088  1.00 3.70  ? 35  TYR A CE1 1 
ATOM   238  C CE2 . TYR A 1 35 ? 9.471   -3.051  15.628  1.00 7.11  ? 35  TYR A CE2 1 
ATOM   239  C CZ  . TYR A 1 35 ? 9.902   -2.216  14.561  1.00 3.48  ? 35  TYR A CZ  1 
ATOM   240  O OH  . TYR A 1 35 ? 11.202  -2.323  14.091  1.00 5.48  ? 35  TYR A OH  1 
ATOM   241  N N   . ASN A 1 36 ? 3.686   0.217   17.084  1.00 2.88  ? 36  ASN A N   1 
ATOM   242  C CA  . ASN A 1 36 ? 2.198   0.372   17.233  1.00 4.96  ? 36  ASN A CA  1 
ATOM   243  C C   . ASN A 1 36 ? 1.497   -0.214  16.016  1.00 4.75  ? 36  ASN A C   1 
ATOM   244  O O   . ASN A 1 36 ? 1.815   0.139   14.877  1.00 4.46  ? 36  ASN A O   1 
ATOM   245  C CB  . ASN A 1 36 ? 1.782   1.836   17.411  1.00 6.99  ? 36  ASN A CB  1 
ATOM   246  C CG  . ASN A 1 36 ? 2.324   2.460   18.710  1.00 6.92  ? 36  ASN A CG  1 
ATOM   247  O OD1 . ASN A 1 36 ? 2.677   1.770   19.683  1.00 6.95  ? 36  ASN A OD1 1 
ATOM   248  N ND2 . ASN A 1 36 ? 2.451   3.777   18.704  1.00 8.11  ? 36  ASN A ND2 1 
ATOM   249  N N   . VAL A 1 37 ? 0.566   -1.086  16.278  1.00 4.36  ? 37  VAL A N   1 
ATOM   250  C CA  . VAL A 1 37 ? -0.272  -1.739  15.245  1.00 3.40  ? 37  VAL A CA  1 
ATOM   251  C C   . VAL A 1 37 ? -1.637  -1.041  15.189  1.00 4.95  ? 37  VAL A C   1 
ATOM   252  O O   . VAL A 1 37 ? -2.316  -0.864  16.219  1.00 4.33  ? 37  VAL A O   1 
ATOM   253  C CB  . VAL A 1 37 ? -0.475  -3.216  15.544  1.00 4.68  ? 37  VAL A CB  1 
ATOM   254  C CG1 . VAL A 1 37 ? -1.280  -3.881  14.391  1.00 6.67  ? 37  VAL A CG1 1 
ATOM   255  C CG2 . VAL A 1 37 ? 0.937   -3.943  15.662  1.00 6.55  ? 37  VAL A CG2 1 
ATOM   256  N N   . LYS A 1 38 ? -2.092  -0.691  13.979  1.00 3.86  ? 38  LYS A N   1 
ATOM   257  C CA  . LYS A 1 38 ? -3.325  0.130   13.828  1.00 3.29  ? 38  LYS A CA  1 
ATOM   258  C C   . LYS A 1 38 ? -4.150  -0.511  12.724  1.00 5.58  ? 38  LYS A C   1 
ATOM   259  O O   . LYS A 1 38 ? -3.608  -1.086  11.774  1.00 5.87  ? 38  LYS A O   1 
ATOM   260  C CB  . LYS A 1 38 ? -3.018  1.604   13.510  1.00 4.75  ? 38  LYS A CB  1 
ATOM   261  C CG  . LYS A 1 38 ? -1.889  2.175   14.343  1.00 4.32  ? 38  LYS A CG  1 
ATOM   262  C CD  . LYS A 1 38 ? -1.576  3.627   14.064  1.00 5.80  ? 38  LYS A CD  1 
ATOM   263  C CE  . LYS A 1 38 ? -0.509  4.124   14.951  1.00 6.82  ? 38  LYS A CE  1 
ATOM   264  N NZ  . LYS A 1 38 ? -0.037  5.508   14.624  1.00 6.65  ? 38  LYS A NZ  1 
ATOM   265  N N   . ARG A 1 39 ? -5.443  -0.316  12.779  1.00 5.93  ? 39  ARG A N   1 
ATOM   266  C CA  . ARG A 1 39 ? -6.411  -1.017  11.927  1.00 5.08  ? 39  ARG A CA  1 
ATOM   267  C C   . ARG A 1 39 ? -7.606  -0.131  11.613  1.00 5.68  ? 39  ARG A C   1 
ATOM   268  O O   . ARG A 1 39 ? -7.965  0.728   12.400  1.00 5.64  ? 39  ARG A O   1 
ATOM   269  C CB  . ARG A 1 39 ? -6.943  -2.268  12.638  1.00 5.44  ? 39  ARG A CB  1 
ATOM   270  C CG  . ARG A 1 39 ? -7.780  -3.254  11.810  1.00 5.70  ? 39  ARG A CG  1 
ATOM   271  C CD  . ARG A 1 39 ? -8.211  -4.398  12.719  1.00 8.55  ? 39  ARG A CD  1 
ATOM   272  N NE  . ARG A 1 39 ? -9.274  -4.009  13.644  1.00 8.49  ? 39  ARG A NE  1 
ATOM   273  C CZ  . ARG A 1 39 ? -9.576  -4.677  14.754  1.00 11.54 ? 39  ARG A CZ  1 
ATOM   274  N NH1 . ARG A 1 39 ? -8.820  -5.682  15.191  1.00 12.61 ? 39  ARG A NH1 1 
ATOM   275  N NH2 . ARG A 1 39 ? -10.510 -4.180  15.563  1.00 16.50 ? 39  ARG A NH2 1 
ATOM   276  N N   . SER A 1 40 ? -8.172  -0.362  10.426  1.00 5.90  ? 40  SER A N   1 
ATOM   277  C CA  . SER A 1 40 ? -9.371  0.314   9.924   1.00 6.43  ? 40  SER A CA  1 
ATOM   278  C C   . SER A 1 40 ? -10.269 -0.686  9.138   1.00 6.67  ? 40  SER A C   1 
ATOM   279  O O   . SER A 1 40 ? -9.734  -1.628  8.549   1.00 8.14  ? 40  SER A O   1 
ATOM   280  C CB  . SER A 1 40 ? -8.988  1.436   8.949   1.00 7.44  ? 40  SER A CB  1 
ATOM   281  O OG  . SER A 1 40 ? -10.182 2.127   8.521   1.00 8.38  ? 40  SER A OG  1 
ATOM   282  N N   . THR A 1 41 ? -11.576 -0.442  9.167   1.00 7.02  ? 41  THR A N   1 
ATOM   283  C CA  . THR A 1 41 ? -12.457 -1.209  8.298   1.00 8.48  ? 41  THR A CA  1 
ATOM   284  C C   . THR A 1 41 ? -12.591 -0.576  6.939   1.00 9.78  ? 41  THR A C   1 
ATOM   285  O O   . THR A 1 41 ? -13.232 -1.191  6.037   1.00 10.11 ? 41  THR A O   1 
ATOM   286  C CB  . THR A 1 41 ? -13.820 -1.398  8.888   1.00 10.91 ? 41  THR A CB  1 
ATOM   287  O OG1 . THR A 1 41 ? -14.353 -0.140  9.189   1.00 11.94 ? 41  THR A OG1 1 
ATOM   288  C CG2 . THR A 1 41 ? -13.746 -2.230  10.192  1.00 15.33 ? 41  THR A CG2 1 
ATOM   289  N N   . LYS A 1 42 ? -11.976 0.589   6.713   1.00 8.55  ? 42  LYS A N   1 
ATOM   290  C CA  . LYS A 1 42 ? -11.964 1.138   5.398   1.00 10.98 ? 42  LYS A CA  1 
ATOM   291  C C   . LYS A 1 42 ? -10.586 1.544   4.948   1.00 9.81  ? 42  LYS A C   1 
ATOM   292  O O   . LYS A 1 42 ? -9.741  1.952   5.779   1.00 8.48  ? 42  LYS A O   1 
ATOM   293  C CB  . LYS A 1 42 ? -12.972 2.296   5.262   1.00 13.42 ? 42  LYS A CB  1 
ATOM   294  C CG  . LYS A 1 42 ? -12.673 3.555   5.978   1.00 17.85 ? 42  LYS A CG  1 
ATOM   295  C CD  . LYS A 1 42 ? -13.696 4.643   5.452   1.00 21.88 ? 42  LYS A CD  1 
ATOM   296  C CE  . LYS A 1 42 ? -13.529 6.066   6.042   1.00 28.41 ? 42  LYS A CE  1 
ATOM   297  N NZ  . LYS A 1 42 ? -13.146 6.040   7.469   1.00 24.16 ? 42  LYS A NZ  1 
ATOM   298  N N   . SER A 1 43 ? -10.320 1.390   3.652   1.00 9.12  ? 43  SER A N   1 
ATOM   299  C CA  . SER A 1 43 ? -9.005  1.716   3.123   1.00 7.78  ? 43  SER A CA  1 
ATOM   300  C C   . SER A 1 43 ? -8.712  3.146   3.361   1.00 8.31  ? 43  SER A C   1 
ATOM   301  O O   . SER A 1 43 ? -9.525  3.963   3.008   1.00 9.44  ? 43  SER A O   1 
ATOM   302  C CB  . SER A 1 43 ? -8.898  1.416   1.650   1.00 9.35  ? 43  SER A CB  1 
ATOM   303  O OG  . SER A 1 43 ? -7.570  1.669   1.234   1.00 9.15  ? 43  SER A OG  1 
ATOM   304  N N   . GLY A 1 44 ? -7.511  3.436   3.885   1.00 7.18  ? 44  GLY A N   1 
ATOM   305  C CA  . GLY A 1 44 ? -7.054  4.821   4.093   1.00 6.96  ? 44  GLY A CA  1 
ATOM   306  C C   . GLY A 1 44 ? -7.301  5.429   5.429   1.00 7.52  ? 44  GLY A C   1 
ATOM   307  O O   . GLY A 1 44 ? -6.772  6.485   5.742   1.00 8.52  ? 44  GLY A O   1 
ATOM   308  N N   . GLY A 1 45 ? -7.978  4.696   6.291   1.00 7.04  ? 45  GLY A N   1 
ATOM   309  C CA  . GLY A 1 45 ? -8.264  5.115   7.636   1.00 8.09  ? 45  GLY A CA  1 
ATOM   310  C C   . GLY A 1 45 ? -9.353  6.160   7.705   1.00 8.68  ? 45  GLY A C   1 
ATOM   311  O O   . GLY A 1 45 ? -10.224 6.198   6.822   1.00 7.73  ? 45  GLY A O   1 
ATOM   312  N N   . PRO A 1 46 ? -9.454  6.883   8.824   1.00 9.24  ? 46  PRO A N   1 
ATOM   313  C CA  . PRO A 1 46 ? -8.516  6.895   9.981   1.00 8.32  ? 46  PRO A CA  1 
ATOM   314  C C   . PRO A 1 46 ? -8.352  5.550   10.655  1.00 7.78  ? 46  PRO A C   1 
ATOM   315  O O   . PRO A 1 46 ? -9.292  4.762   10.687  1.00 9.61  ? 46  PRO A O   1 
ATOM   316  C CB  . PRO A 1 46 ? -9.103  7.954   10.965  1.00 8.13  ? 46  PRO A CB  1 
ATOM   317  C CG  . PRO A 1 46 ? -9.968  8.864   10.030  1.00 13.09 ? 46  PRO A CG  1 
ATOM   318  C CD  . PRO A 1 46 ? -10.523 7.908   8.949   1.00 9.47  ? 46  PRO A CD  1 
ATOM   319  N N   . TYR A 1 47 ? -7.169  5.314   11.198  1.00 5.97  ? 47  TYR A N   1 
ATOM   320  C CA  . TYR A 1 47 ? -6.860  4.059   11.852  1.00 6.32  ? 47  TYR A CA  1 
ATOM   321  C C   . TYR A 1 47 ? -7.050  4.117   13.354  1.00 9.05  ? 47  TYR A C   1 
ATOM   322  O O   . TYR A 1 47 ? -6.945  5.221   13.953  1.00 10.55 ? 47  TYR A O   1 
ATOM   323  C CB  . TYR A 1 47 ? -5.422  3.646   11.543  1.00 9.38  ? 47  TYR A CB  1 
ATOM   324  C CG  . TYR A 1 47 ? -5.131  3.581   10.067  1.00 8.09  ? 47  TYR A CG  1 
ATOM   325  C CD1 . TYR A 1 47 ? -5.408  2.460   9.316   1.00 4.90  ? 47  TYR A CD1 1 
ATOM   326  C CD2 . TYR A 1 47 ? -4.557  4.645   9.406   1.00 5.23  ? 47  TYR A CD2 1 
ATOM   327  C CE1 . TYR A 1 47 ? -5.207  2.418   8.002   1.00 6.00  ? 47  TYR A CE1 1 
ATOM   328  C CE2 . TYR A 1 47 ? -4.327  4.567   8.051   1.00 5.76  ? 47  TYR A CE2 1 
ATOM   329  C CZ  . TYR A 1 47 ? -4.656  3.452   7.332   1.00 7.35  ? 47  TYR A CZ  1 
ATOM   330  O OH  . TYR A 1 47 ? -4.439  3.350   5.940   1.00 7.57  ? 47  TYR A OH  1 
ATOM   331  N N   . THR A 1 48 ? -7.420  2.958   13.900  1.00 6.36  ? 48  THR A N   1 
ATOM   332  C CA  . THR A 1 48 ? -7.580  2.739   15.309  1.00 6.54  ? 48  THR A CA  1 
ATOM   333  C C   . THR A 1 48 ? -6.401  1.907   15.862  1.00 6.49  ? 48  THR A C   1 
ATOM   334  O O   . THR A 1 48 ? -6.070  0.895   15.303  1.00 6.32  ? 48  THR A O   1 
ATOM   335  C CB  . THR A 1 48 ? -8.845  1.948   15.552  1.00 5.81  ? 48  THR A CB  1 
ATOM   336  O OG1 . THR A 1 48 ? -10.009 2.654   15.067  1.00 8.18  ? 48  THR A OG1 1 
ATOM   337  C CG2 . THR A 1 48 ? -9.017  1.685   17.068  1.00 9.66  ? 48  THR A CG2 1 
ATOM   338  N N   . THR A 1 49 ? -5.749  2.393   16.900  1.00 7.22  ? 49  THR A N   1 
ATOM   339  C CA  . THR A 1 49 ? -4.635  1.628   17.455  1.00 6.23  ? 49  THR A CA  1 
ATOM   340  C C   . THR A 1 49 ? -5.225  0.372   18.083  1.00 6.75  ? 49  THR A C   1 
ATOM   341  O O   . THR A 1 49 ? -6.216  0.484   18.819  1.00 7.00  ? 49  THR A O   1 
ATOM   342  C CB  . THR A 1 49 ? -3.806  2.445   18.428  1.00 8.05  ? 49  THR A CB  1 
ATOM   343  O OG1 . THR A 1 49 ? -3.089  3.441   17.669  1.00 9.13  ? 49  THR A OG1 1 
ATOM   344  C CG2 . THR A 1 49 ? -2.779  1.572   19.221  1.00 8.36  ? 49  THR A CG2 1 
ATOM   345  N N   . ILE A 1 50 ? -4.680  -0.780  17.723  1.00 4.17  ? 50  ILE A N   1 
ATOM   346  C CA  . ILE A 1 50 ? -5.008  -2.018  18.413  1.00 4.06  ? 50  ILE A CA  1 
ATOM   347  C C   . ILE A 1 50 ? -3.963  -2.614  19.324  1.00 4.00  ? 50  ILE A C   1 
ATOM   348  O O   . ILE A 1 50 ? -4.315  -3.382  20.202  1.00 6.47  ? 50  ILE A O   1 
ATOM   349  C CB  . ILE A 1 50 ? -5.515  -3.075  17.401  1.00 6.46  ? 50  ILE A CB  1 
ATOM   350  C CG1 . ILE A 1 50 ? -4.464  -3.560  16.454  1.00 7.28  ? 50  ILE A CG1 1 
ATOM   351  C CG2 . ILE A 1 50 ? -6.865  -2.665  16.614  1.00 7.54  ? 50  ILE A CG2 1 
ATOM   352  C CD1 . ILE A 1 50 ? -4.820  -4.808  15.604  1.00 6.92  ? 50  ILE A CD1 1 
ATOM   353  N N   . ALA A 1 51 ? -2.688  -2.276  19.186  1.00 5.34  ? 51  ALA A N   1 
ATOM   354  C CA  . ALA A 1 51 ? -1.655  -2.749  20.056  1.00 7.06  ? 51  ALA A CA  1 
ATOM   355  C C   . ALA A 1 51 ? -0.508  -1.760  20.117  1.00 7.34  ? 51  ALA A C   1 
ATOM   356  O O   . ALA A 1 51 ? -0.228  -1.060  19.116  1.00 6.31  ? 51  ALA A O   1 
ATOM   357  C CB  . ALA A 1 51 ? -1.131  -4.119  19.607  1.00 7.69  ? 51  ALA A CB  1 
ATOM   358  N N   . THR A 1 52 ? 0.122   -1.645  21.307  1.00 7.19  ? 52  THR A N   1 
ATOM   359  C CA  . THR A 1 52 ? 1.272   -0.786  21.510  1.00 8.61  ? 52  THR A CA  1 
ATOM   360  C C   . THR A 1 52 ? 2.365   -1.564  22.208  1.00 6.10  ? 52  THR A C   1 
ATOM   361  O O   . THR A 1 52 ? 2.171   -2.698  22.651  1.00 8.55  ? 52  THR A O   1 
ATOM   362  C CB  . THR A 1 52 ? 0.893   0.530   22.232  1.00 7.83  ? 52  THR A CB  1 
ATOM   363  O OG1 . THR A 1 52 ? 1.977   1.489   22.205  1.00 10.34 ? 52  THR A OG1 1 
ATOM   364  C CG2 . THR A 1 52 ? 0.498   0.245   23.694  1.00 10.75 ? 52  THR A CG2 1 
ATOM   365  N N   . ASN A 1 53 ? 3.574   -0.991  22.191  1.00 6.65  ? 53  ASN A N   1 
ATOM   366  C CA  . ASN A 1 53 ? 4.725   -1.639  22.859  1.00 6.92  ? 53  ASN A CA  1 
ATOM   367  C C   . ASN A 1 53 ? 5.012   -3.063  22.345  1.00 6.40  ? 53  ASN A C   1 
ATOM   368  O O   . ASN A 1 53 ? 5.444   -4.000  23.060  1.00 9.61  ? 53  ASN A O   1 
ATOM   369  C CB  . ASN A 1 53 ? 4.538   -1.715  24.386  1.00 7.04  ? 53  ASN A CB  1 
ATOM   370  C CG  . ASN A 1 53 ? 5.878   -2.102  25.083  1.00 14.39 ? 53  ASN A CG  1 
ATOM   371  O OD1 . ASN A 1 53 ? 6.967   -1.688  24.598  1.00 19.60 ? 53  ASN A OD1 1 
ATOM   372  N ND2 . ASN A 1 53 ? 5.804   -2.805  26.238  1.00 22.70 ? 53  ASN A ND2 1 
ATOM   373  N N   . ILE A 1 54 ? 4.872   -3.209  21.038  1.00 6.29  ? 54  ILE A N   1 
ATOM   374  C CA  . ILE A 1 54 ? 5.219   -4.440  20.392  1.00 7.18  ? 54  ILE A CA  1 
ATOM   375  C C   . ILE A 1 54 ? 6.672   -4.399  20.032  1.00 7.26  ? 54  ILE A C   1 
ATOM   376  O O   . ILE A 1 54 ? 7.132   -3.437  19.366  1.00 7.78  ? 54  ILE A O   1 
ATOM   377  C CB  . ILE A 1 54 ? 4.356   -4.644  19.148  1.00 6.96  ? 54  ILE A CB  1 
ATOM   378  C CG1 . ILE A 1 54 ? 2.868   -4.748  19.508  1.00 9.44  ? 54  ILE A CG1 1 
ATOM   379  C CG2 . ILE A 1 54 ? 4.816   -5.812  18.348  1.00 8.37  ? 54  ILE A CG2 1 
ATOM   380  C CD1 . ILE A 1 54 ? 2.573   -5.600  20.758  1.00 8.81  ? 54  ILE A CD1 1 
ATOM   381  N N   . THR A 1 55 ? 7.439   -5.399  20.497  1.00 9.62  ? 55  THR A N   1 
ATOM   382  C CA  . THR A 1 55 ? 8.884   -5.308  20.312  1.00 7.85  ? 55  THR A CA  1 
ATOM   383  C C   . THR A 1 55 ? 9.415   -6.279  19.299  1.00 8.00  ? 55  THR A C   1 
ATOM   384  O O   . THR A 1 55 ? 10.642  -6.293  19.017  1.00 12.72 ? 55  THR A O   1 
ATOM   385  C CB  . THR A 1 55 ? 9.683   -5.529  21.598  1.00 9.85  ? 55  THR A CB  1 
ATOM   386  O OG1 . THR A 1 55 ? 9.312   -6.782  22.119  1.00 11.09 ? 55  THR A OG1 1 
ATOM   387  C CG2 . THR A 1 55 ? 9.337   -4.444  22.622  1.00 9.57  ? 55  THR A CG2 1 
ATOM   388  N N   . SER A 1 56 ? 8.563   -7.072  18.703  1.00 8.02  ? 56  SER A N   1 
ATOM   389  C CA  . SER A 1 56 ? 8.911   -7.865  17.503  1.00 7.47  ? 56  SER A CA  1 
ATOM   390  C C   . SER A 1 56 ? 8.323   -7.245  16.243  1.00 8.89  ? 56  SER A C   1 
ATOM   391  O O   . SER A 1 56 ? 7.449   -6.414  16.318  1.00 9.76  ? 56  SER A O   1 
ATOM   392  C CB  . SER A 1 56 ? 8.319   -9.244  17.606  1.00 9.51  ? 56  SER A CB  1 
ATOM   393  O OG  . SER A 1 56 ? 8.775   -9.944  18.771  1.00 16.11 ? 56  SER A OG  1 
ATOM   394  N N   . THR A 1 57 ? 8.745   -7.745  15.074  1.00 8.45  ? 57  THR A N   1 
ATOM   395  C CA  . THR A 1 57 ? 8.254   -7.306  13.770  1.00 8.19  ? 57  THR A CA  1 
ATOM   396  C C   . THR A 1 57 ? 7.149   -8.188  13.251  1.00 8.34  ? 57  THR A C   1 
ATOM   397  O O   . THR A 1 57 ? 6.944   -8.386  12.027  1.00 11.14 ? 57  THR A O   1 
ATOM   398  C CB  . THR A 1 57 ? 9.391   -7.099  12.744  1.00 8.49  ? 57  THR A CB  1 
ATOM   399  O OG1 . THR A 1 57 ? 10.192  -8.268  12.600  1.00 8.74  ? 57  THR A OG1 1 
ATOM   400  C CG2 . THR A 1 57 ? 10.368  -5.960  13.178  1.00 8.36  ? 57  THR A CG2 1 
ATOM   401  N N   . ASN A 1 58 ? 6.313   -8.594  14.175  1.00 8.09  ? 58  ASN A N   1 
ATOM   402  C CA  . ASN A 1 58 ? 5.135   -9.368  13.797  1.00 8.42  ? 58  ASN A CA  1 
ATOM   403  C C   . ASN A 1 58 ? 4.093   -9.248  14.894  1.00 8.60  ? 58  ASN A C   1 
ATOM   404  O O   . ASN A 1 58 ? 4.436   -8.896  16.064  1.00 9.74  ? 58  ASN A O   1 
ATOM   405  C CB  . ASN A 1 58 ? 5.514   -10.769 13.484  1.00 10.84 ? 58  ASN A CB  1 
ATOM   406  C CG  . ASN A 1 58 ? 6.293   -11.401 14.567  1.00 18.02 ? 58  ASN A CG  1 
ATOM   407  O OD1 . ASN A 1 58 ? 7.517   -11.371 14.568  1.00 22.11 ? 58  ASN A OD1 1 
ATOM   408  N ND2 . ASN A 1 58 ? 5.599   -11.899 15.524  1.00 21.17 ? 58  ASN A ND2 1 
ATOM   409  N N   . TYR A 1 59 ? 2.824   -9.460  14.518  1.00 6.46  ? 59  TYR A N   1 
ATOM   410  C CA  . TYR A 1 59 ? 1.751   -9.361  15.482  1.00 6.22  ? 59  TYR A CA  1 
ATOM   411  C C   . TYR A 1 59 ? 0.583   -10.147 14.965  1.00 8.05  ? 59  TYR A C   1 
ATOM   412  O O   . TYR A 1 59 ? 0.342   -10.165 13.778  1.00 7.71  ? 59  TYR A O   1 
ATOM   413  C CB  . TYR A 1 59 ? 1.364   -7.895  15.736  1.00 8.26  ? 59  TYR A CB  1 
ATOM   414  C CG  . TYR A 1 59 ? 0.346   -7.721  16.799  1.00 5.67  ? 59  TYR A CG  1 
ATOM   415  C CD1 . TYR A 1 59 ? 0.692   -7.902  18.130  1.00 8.63  ? 59  TYR A CD1 1 
ATOM   416  C CD2 . TYR A 1 59 ? -0.965  -7.399  16.483  1.00 8.01  ? 59  TYR A CD2 1 
ATOM   417  C CE1 . TYR A 1 59 ? -0.221  -7.770  19.130  1.00 10.09 ? 59  TYR A CE1 1 
ATOM   418  C CE2 . TYR A 1 59 ? -1.933  -7.334  17.510  1.00 9.44  ? 59  TYR A CE2 1 
ATOM   419  C CZ  . TYR A 1 59 ? -1.530  -7.457  18.815  1.00 10.36 ? 59  TYR A CZ  1 
ATOM   420  O OH  . TYR A 1 59 ? -2.456  -7.335  19.876  1.00 15.26 ? 59  TYR A OH  1 
ATOM   421  N N   . THR A 1 60 ? -0.122  -10.862 15.848  1.00 6.47  ? 60  THR A N   1 
ATOM   422  C CA  . THR A 1 60 ? -1.374  -11.537 15.504  1.00 7.68  ? 60  THR A CA  1 
ATOM   423  C C   . THR A 1 60 ? -2.561  -10.791 16.063  1.00 5.72  ? 60  THR A C   1 
ATOM   424  O O   . THR A 1 60 ? -2.634  -10.560 17.308  1.00 8.99  ? 60  THR A O   1 
ATOM   425  C CB  . THR A 1 60 ? -1.386  -12.965 16.040  1.00 7.04  ? 60  THR A CB  1 
ATOM   426  O OG1 . THR A 1 60 ? -0.324  -13.623 15.379  1.00 10.24 ? 60  THR A OG1 1 
ATOM   427  C CG2 . THR A 1 60 ? -2.771  -13.678 15.702  1.00 13.23 ? 60  THR A CG2 1 
ATOM   428  N N   . ASP A 1 61 ? -3.450  -10.345 15.204  1.00 7.16  ? 61  ASP A N   1 
ATOM   429  C CA  . ASP A 1 61 ? -4.621  -9.635  15.554  1.00 7.85  ? 61  ASP A CA  1 
ATOM   430  C C   . ASP A 1 61 ? -5.798  -10.625 15.656  1.00 10.68 ? 61  ASP A C   1 
ATOM   431  O O   . ASP A 1 61 ? -6.246  -11.096 14.628  1.00 10.15 ? 61  ASP A O   1 
ATOM   432  C CB  . ASP A 1 61 ? -5.018  -8.563  14.545  1.00 10.03 ? 61  ASP A CB  1 
ATOM   433  C CG  . ASP A 1 61 ? -6.310  -7.849  14.899  1.00 9.87  ? 61  ASP A CG  1 
ATOM   434  O OD1 . ASP A 1 61 ? -6.871  -8.086  16.034  1.00 7.40  ? 61  ASP A OD1 1 
ATOM   435  O OD2 . ASP A 1 61 ? -6.806  -7.022  14.068  1.00 9.45  ? 61  ASP A OD2 1 
ATOM   436  N N   . THR A 1 62 ? -6.125  -11.038 16.870  1.00 8.14  ? 62  THR A N   1 
ATOM   437  C CA  . THR A 1 62 ? -7.165  -12.046 16.988  1.00 11.30 ? 62  THR A CA  1 
ATOM   438  C C   . THR A 1 62 ? -8.568  -11.473 17.057  1.00 11.61 ? 62  THR A C   1 
ATOM   439  O O   . THR A 1 62 ? -9.543  -12.247 17.127  1.00 12.46 ? 62  THR A O   1 
ATOM   440  C CB  . THR A 1 62 ? -6.939  -12.885 18.237  1.00 12.40 ? 62  THR A CB  1 
ATOM   441  O OG1 . THR A 1 62 ? -7.168  -12.039 19.377  1.00 16.36 ? 62  THR A OG1 1 
ATOM   442  C CG2 . THR A 1 62 ? -5.537  -13.413 18.256  1.00 13.60 ? 62  THR A CG2 1 
ATOM   443  N N   . GLY A 1 63 ? -8.698  -10.128 17.044  1.00 11.18 ? 63  GLY A N   1 
ATOM   444  C CA  . GLY A 1 63 ? -9.920  -9.429  17.146  1.00 13.44 ? 63  GLY A CA  1 
ATOM   445  C C   . GLY A 1 63 ? -10.724 -9.167  15.885  1.00 13.86 ? 63  GLY A C   1 
ATOM   446  O O   . GLY A 1 63 ? -11.748 -8.539  15.951  1.00 14.43 ? 63  GLY A O   1 
ATOM   447  N N   . VAL A 1 64 ? -10.303 -9.667  14.730  1.00 13.06 ? 64  VAL A N   1 
ATOM   448  C CA  . VAL A 1 64 ? -11.040 -9.435  13.527  1.00 13.18 ? 64  VAL A CA  1 
ATOM   449  C C   . VAL A 1 64 ? -12.341 -10.215 13.558  1.00 16.72 ? 64  VAL A C   1 
ATOM   450  O O   . VAL A 1 64 ? -12.349 -11.355 14.058  1.00 18.19 ? 64  VAL A O   1 
ATOM   451  C CB  . VAL A 1 64 ? -10.255 -9.870  12.298  1.00 15.53 ? 64  VAL A CB  1 
ATOM   452  C CG1 . VAL A 1 64 ? -9.068  -8.972  12.128  1.00 12.13 ? 64  VAL A CG1 1 
ATOM   453  C CG2 . VAL A 1 64 ? -9.758  -11.336 12.395  1.00 15.30 ? 64  VAL A CG2 1 
ATOM   454  N N   . ALA A 1 65 ? -13.398 -9.629  13.004  1.00 15.09 ? 65  ALA A N   1 
ATOM   455  C CA  . ALA A 1 65 ? -14.637 -10.377 12.729  1.00 16.55 ? 65  ALA A CA  1 
ATOM   456  C C   . ALA A 1 65 ? -14.302 -11.320 11.588  1.00 17.40 ? 65  ALA A C   1 
ATOM   457  O O   . ALA A 1 65 ? -13.861 -10.882 10.516  1.00 16.42 ? 65  ALA A O   1 
ATOM   458  C CB  . ALA A 1 65 ? -15.784 -9.446  12.366  1.00 15.28 ? 65  ALA A CB  1 
ATOM   459  N N   . THR A 1 66 ? -14.658 -12.592 11.757  1.00 18.03 ? 66  THR A N   1 
ATOM   460  C CA  . THR A 1 66 ? -14.389 -13.519 10.679  1.00 19.58 ? 66  THR A CA  1 
ATOM   461  C C   . THR A 1 66 ? -15.235 -13.066 9.506   1.00 18.86 ? 66  THR A C   1 
ATOM   462  O O   . THR A 1 66 ? -16.383 -12.705 9.708   1.00 22.60 ? 66  THR A O   1 
ATOM   463  C CB  . THR A 1 66 ? -14.692 -14.976 11.105  1.00 19.80 ? 66  THR A CB  1 
ATOM   464  O OG1 . THR A 1 66 ? -13.830 -15.332 12.221  1.00 21.73 ? 66  THR A OG1 1 
ATOM   465  C CG2 . THR A 1 66 ? -14.473 -15.931 9.943   1.00 22.38 ? 66  THR A CG2 1 
ATOM   466  N N   . GLY A 1 67 ? -14.643 -12.995 8.316   1.00 17.49 ? 67  GLY A N   1 
ATOM   467  C CA  . GLY A 1 67 ? -15.379 -12.574 7.098   1.00 18.76 ? 67  GLY A CA  1 
ATOM   468  C C   . GLY A 1 67 ? -15.312 -11.119 6.662   1.00 18.40 ? 67  GLY A C   1 
ATOM   469  O O   . GLY A 1 67 ? -15.825 -10.775 5.590   1.00 17.31 ? 67  GLY A O   1 
ATOM   470  N N   . THR A 1 68 ? -14.597 -10.289 7.441   1.00 17.40 ? 68  THR A N   1 
ATOM   471  C CA  . THR A 1 68 ? -14.619 -8.813  7.228   1.00 15.64 ? 68  THR A CA  1 
ATOM   472  C C   . THR A 1 68 ? -13.256 -8.342  6.751   1.00 13.28 ? 68  THR A C   1 
ATOM   473  O O   . THR A 1 68 ? -12.253 -8.821  7.233   1.00 12.08 ? 68  THR A O   1 
ATOM   474  C CB  . THR A 1 68 ? -15.015 -8.095  8.529   1.00 15.84 ? 68  THR A CB  1 
ATOM   475  O OG1 . THR A 1 68 ? -16.407 -8.427  8.793   1.00 19.60 ? 68  THR A OG1 1 
ATOM   476  C CG2 . THR A 1 68 ? -14.871 -6.564  8.462   1.00 16.33 ? 68  THR A CG2 1 
ATOM   477  N N   . LYS A 1 69 ? -13.273 -7.466  5.757   1.00 13.31 ? 69  LYS A N   1 
ATOM   478  C CA  . LYS A 1 69 ? -12.055 -6.807  5.287   1.00 12.13 ? 69  LYS A CA  1 
ATOM   479  C C   . LYS A 1 69 ? -11.537 -5.790  6.314   1.00 9.54  ? 69  LYS A C   1 
ATOM   480  O O   . LYS A 1 69 ? -12.287 -5.110  6.925   1.00 10.22 ? 69  LYS A O   1 
ATOM   481  C CB  . LYS A 1 69 ? -12.324 -6.075  3.978   1.00 14.15 ? 69  LYS A CB  1 
ATOM   482  C CG  . LYS A 1 69 ? -12.701 -6.873  2.803   1.00 17.38 ? 69  LYS A CG  1 
ATOM   483  C CD  . LYS A 1 69 ? -13.134 -5.930  1.671   1.00 22.39 ? 69  LYS A CD  1 
ATOM   484  C CE  . LYS A 1 69 ? -13.605 -6.725  0.388   1.00 27.81 ? 69  LYS A CE  1 
ATOM   485  N NZ  . LYS A 1 69 ? -13.373 -5.936  -0.869  1.00 32.44 ? 69  LYS A NZ  1 
ATOM   486  N N   . TYR A 1 70 ? -10.226 -5.760  6.520   1.00 7.38  ? 70  TYR A N   1 
ATOM   487  C CA  . TYR A 1 70 ? -9.570  -4.771  7.378   1.00 6.58  ? 70  TYR A CA  1 
ATOM   488  C C   . TYR A 1 70 ? -8.318  -4.298  6.642   1.00 7.18  ? 70  TYR A C   1 
ATOM   489  O O   . TYR A 1 70 ? -7.819  -4.995  5.762   1.00 7.90  ? 70  TYR A O   1 
ATOM   490  C CB  . TYR A 1 70 ? -9.165  -5.399  8.721   1.00 6.37  ? 70  TYR A CB  1 
ATOM   491  C CG  . TYR A 1 70 ? -10.320 -5.756  9.602   1.00 6.99  ? 70  TYR A CG  1 
ATOM   492  C CD1 . TYR A 1 70 ? -10.899 -4.813  10.445  1.00 7.63  ? 70  TYR A CD1 1 
ATOM   493  C CD2 . TYR A 1 70 ? -10.818 -7.032  9.614   1.00 7.49  ? 70  TYR A CD2 1 
ATOM   494  C CE1 . TYR A 1 70 ? -11.957 -5.163  11.306  1.00 12.80 ? 70  TYR A CE1 1 
ATOM   495  C CE2 . TYR A 1 70 ? -11.865 -7.358  10.418  1.00 9.80  ? 70  TYR A CE2 1 
ATOM   496  C CZ  . TYR A 1 70 ? -12.431 -6.443  11.233  1.00 12.41 ? 70  TYR A CZ  1 
ATOM   497  O OH  . TYR A 1 70 ? -13.473 -6.791  12.078  1.00 13.77 ? 70  TYR A OH  1 
ATOM   498  N N   . TYR A 1 71 ? -7.804  -3.156  7.100   1.00 5.83  ? 71  TYR A N   1 
ATOM   499  C CA  . TYR A 1 71 ? -6.635  -2.495  6.561   1.00 6.68  ? 71  TYR A CA  1 
ATOM   500  C C   . TYR A 1 71 ? -5.781  -2.115  7.727   1.00 7.49  ? 71  TYR A C   1 
ATOM   501  O O   . TYR A 1 71 ? -6.277  -1.602  8.738   1.00 7.86  ? 71  TYR A O   1 
ATOM   502  C CB  . TYR A 1 71 ? -7.177  -1.268  5.840   1.00 7.61  ? 71  TYR A CB  1 
ATOM   503  C CG  . TYR A 1 71 ? -8.210  -1.639  4.724   1.00 7.54  ? 71  TYR A CG  1 
ATOM   504  C CD1 . TYR A 1 71 ? -7.780  -1.825  3.434   1.00 6.20  ? 71  TYR A CD1 1 
ATOM   505  C CD2 . TYR A 1 71 ? -9.557  -1.829  5.038   1.00 8.99  ? 71  TYR A CD2 1 
ATOM   506  C CE1 . TYR A 1 71 ? -8.666  -2.188  2.470   1.00 8.78  ? 71  TYR A CE1 1 
ATOM   507  C CE2 . TYR A 1 71 ? -10.501 -2.133  4.040   1.00 10.32 ? 71  TYR A CE2 1 
ATOM   508  C CZ  . TYR A 1 71 ? -10.008 -2.307  2.769   1.00 11.22 ? 71  TYR A CZ  1 
ATOM   509  O OH  . TYR A 1 71 ? -10.839 -2.693  1.670   1.00 13.06 ? 71  TYR A OH  1 
ATOM   510  N N   . TYR A 1 72 ? -4.482  -2.291  7.564   1.00 4.56  ? 72  TYR A N   1 
ATOM   511  C CA  . TYR A 1 72 ? -3.579  -2.065  8.707   1.00 3.67  ? 72  TYR A CA  1 
ATOM   512  C C   . TYR A 1 72 ? -2.428  -1.194  8.303   1.00 4.47  ? 72  TYR A C   1 
ATOM   513  O O   . TYR A 1 72 ? -2.026  -1.137  7.174   1.00 4.39  ? 72  TYR A O   1 
ATOM   514  C CB  . TYR A 1 72 ? -2.920  -3.431  9.133   1.00 4.90  ? 72  TYR A CB  1 
ATOM   515  C CG  . TYR A 1 72 ? -3.862  -4.442  9.735   1.00 3.44  ? 72  TYR A CG  1 
ATOM   516  C CD1 . TYR A 1 72 ? -4.040  -4.472  11.100  1.00 5.02  ? 72  TYR A CD1 1 
ATOM   517  C CD2 . TYR A 1 72 ? -4.597  -5.319  8.958   1.00 5.34  ? 72  TYR A CD2 1 
ATOM   518  C CE1 . TYR A 1 72 ? -4.925  -5.413  11.702  1.00 5.18  ? 72  TYR A CE1 1 
ATOM   519  C CE2 . TYR A 1 72 ? -5.433  -6.226  9.545   1.00 5.86  ? 72  TYR A CE2 1 
ATOM   520  C CZ  . TYR A 1 72 ? -5.592  -6.278  10.874  1.00 6.83  ? 72  TYR A CZ  1 
ATOM   521  O OH  . TYR A 1 72 ? -6.471  -7.225  11.381  1.00 10.21 ? 72  TYR A OH  1 
ATOM   522  N N   . VAL A 1 73 ? -1.906  -0.490  9.290   1.00 4.86  ? 73  VAL A N   1 
ATOM   523  C CA  . VAL A 1 73 ? -0.612  0.178   9.237   1.00 4.25  ? 73  VAL A CA  1 
ATOM   524  C C   . VAL A 1 73 ? 0.065   -0.054  10.547  1.00 4.81  ? 73  VAL A C   1 
ATOM   525  O O   . VAL A 1 73 ? -0.568  -0.308  11.579  1.00 4.81  ? 73  VAL A O   1 
ATOM   526  C CB  . VAL A 1 73 ? -0.754  1.718   8.942   1.00 5.00  ? 73  VAL A CB  1 
ATOM   527  C CG1 . VAL A 1 73 ? -1.497  2.059   7.606   1.00 3.93  ? 73  VAL A CG1 1 
ATOM   528  C CG2 . VAL A 1 73 ? -1.455  2.467   10.083  1.00 6.27  ? 73  VAL A CG2 1 
ATOM   529  N N   . VAL A 1 74 ? 1.427   0.046   10.528  1.00 3.54  ? 74  VAL A N   1 
ATOM   530  C CA  . VAL A 1 74 ? 2.249   -0.066  11.722  1.00 3.99  ? 74  VAL A CA  1 
ATOM   531  C C   . VAL A 1 74 ? 3.202   1.113   11.768  1.00 5.67  ? 74  VAL A C   1 
ATOM   532  O O   . VAL A 1 74 ? 3.787   1.516   10.732  1.00 5.44  ? 74  VAL A O   1 
ATOM   533  C CB  . VAL A 1 74 ? 3.021   -1.423  11.730  1.00 6.37  ? 74  VAL A CB  1 
ATOM   534  C CG1 . VAL A 1 74 ? 4.103   -1.450  12.787  1.00 6.49  ? 74  VAL A CG1 1 
ATOM   535  C CG2 . VAL A 1 74 ? 2.056   -2.581  11.886  1.00 4.16  ? 74  VAL A CG2 1 
ATOM   536  N N   . SER A 1 75 ? 3.429   1.642   12.970  1.00 4.49  ? 75  SER A N   1 
ATOM   537  C CA  . SER A 1 75 ? 4.420   2.716   13.181  1.00 5.08  ? 75  SER A CA  1 
ATOM   538  C C   . SER A 1 75 ? 5.434   2.224   14.191  1.00 3.17  ? 75  SER A C   1 
ATOM   539  O O   . SER A 1 75 ? 5.255   1.196   14.882  1.00 3.83  ? 75  SER A O   1 
ATOM   540  C CB  . SER A 1 75 ? 3.846   3.992   13.763  1.00 4.43  ? 75  SER A CB  1 
ATOM   541  O OG  . SER A 1 75 ? 3.191   3.709   15.024  1.00 4.68  ? 75  SER A OG  1 
ATOM   542  N N   . ALA A 1 76 ? 6.561   2.934   14.256  1.00 4.77  ? 76  ALA A N   1 
ATOM   543  C CA  . ALA A 1 76 ? 7.559   2.664   15.242  1.00 3.85  ? 76  ALA A CA  1 
ATOM   544  C C   . ALA A 1 76 ? 7.586   3.725   16.239  1.00 3.12  ? 76  ALA A C   1 
ATOM   545  O O   . ALA A 1 76 ? 7.066   4.822   15.986  1.00 6.31  ? 76  ALA A O   1 
ATOM   546  C CB  . ALA A 1 76 ? 8.954   2.624   14.531  1.00 2.78  ? 76  ALA A CB  1 
ATOM   547  N N   . VAL A 1 77 ? 8.126   3.389   17.398  1.00 3.98  ? 77  VAL A N   1 
ATOM   548  C CA  . VAL A 1 77 ? 8.420   4.412   18.410  1.00 4.34  ? 77  VAL A CA  1 
ATOM   549  C C   . VAL A 1 77 ? 9.921   4.337   18.649  1.00 6.17  ? 77  VAL A C   1 
ATOM   550  O O   . VAL A 1 77 ? 10.416  3.248   19.041  1.00 5.77  ? 77  VAL A O   1 
ATOM   551  C CB  . VAL A 1 77 ? 7.583   4.236   19.692  1.00 6.07  ? 77  VAL A CB  1 
ATOM   552  C CG1 . VAL A 1 77 ? 8.002   5.370   20.663  1.00 8.07  ? 77  VAL A CG1 1 
ATOM   553  C CG2 . VAL A 1 77 ? 6.060   4.242   19.388  1.00 4.86  ? 77  VAL A CG2 1 
ATOM   554  N N   . SER A 1 78 ? 10.605  5.464   18.466  1.00 7.13  ? 78  SER A N   1 
ATOM   555  C CA  . SER A 1 78 ? 12.072  5.497   18.324  1.00 8.25  ? 78  SER A CA  1 
ATOM   556  C C   . SER A 1 78 ? 12.594  6.575   19.221  1.00 9.40  ? 78  SER A C   1 
ATOM   557  O O   . SER A 1 78 ? 12.410  7.743   18.904  1.00 11.85 ? 78  SER A O   1 
ATOM   558  C CB  . SER A 1 78 ? 12.416  5.764   16.890  1.00 9.08  ? 78  SER A CB  1 
ATOM   559  O OG  . SER A 1 78 ? 11.880  4.713   16.112  1.00 8.97  ? 78  SER A OG  1 
ATOM   560  N N   . ASN A 1 79 ? 13.177  6.129   20.320  1.00 12.31 ? 79  ASN A N   1 
ATOM   561  C CA  . ASN A 1 79 ? 13.598  7.021   21.432  1.00 15.31 ? 79  ASN A CA  1 
ATOM   562  C C   . ASN A 1 79 ? 12.407  7.935   21.798  1.00 15.51 ? 79  ASN A C   1 
ATOM   563  O O   . ASN A 1 79 ? 12.480  9.203   21.865  1.00 15.48 ? 79  ASN A O   1 
ATOM   564  C CB  . ASN A 1 79 ? 14.864  7.773   21.029  1.00 14.85 ? 79  ASN A CB  1 
ATOM   565  C CG  . ASN A 1 79 ? 15.467  8.596   22.165  1.00 18.76 ? 79  ASN A CG  1 
ATOM   566  O OD1 . ASN A 1 79 ? 15.427  8.220   23.330  1.00 26.87 ? 79  ASN A OD1 1 
ATOM   567  N ND2 . ASN A 1 79 ? 16.045  9.710   21.796  1.00 24.73 ? 79  ASN A ND2 1 
ATOM   568  N N   . GLY A 1 80 ? 11.261  7.299   21.910  1.00 14.66 ? 80  GLY A N   1 
ATOM   569  C CA  . GLY A 1 80 ? 10.068  8.008   22.376  1.00 15.25 ? 80  GLY A CA  1 
ATOM   570  C C   . GLY A 1 80 ? 9.318   8.824   21.318  1.00 14.16 ? 80  GLY A C   1 
ATOM   571  O O   . GLY A 1 80 ? 8.228   9.376   21.584  1.00 13.91 ? 80  GLY A O   1 
ATOM   572  N N   . VAL A 1 81 ? 9.827   8.857   20.103  1.00 10.57 ? 81  VAL A N   1 
ATOM   573  C CA  . VAL A 1 81 ? 9.223   9.614   19.041  1.00 10.56 ? 81  VAL A CA  1 
ATOM   574  C C   . VAL A 1 81 ? 8.486   8.620   18.129  1.00 8.26  ? 81  VAL A C   1 
ATOM   575  O O   . VAL A 1 81 ? 9.095   7.678   17.602  1.00 8.57  ? 81  VAL A O   1 
ATOM   576  C CB  . VAL A 1 81 ? 10.269  10.332  18.192  1.00 10.67 ? 81  VAL A CB  1 
ATOM   577  C CG1 . VAL A 1 81 ? 9.645   11.031  17.007  1.00 10.99 ? 81  VAL A CG1 1 
ATOM   578  C CG2 . VAL A 1 81 ? 11.065  11.294  19.029  1.00 13.37 ? 81  VAL A CG2 1 
ATOM   579  N N   . GLU A 1 82 ? 7.176   8.804   17.960  1.00 8.64  ? 82  GLU A N   1 
ATOM   580  C CA  . GLU A 1 82 ? 6.397   7.911   17.060  1.00 6.10  ? 82  GLU A CA  1 
ATOM   581  C C   . GLU A 1 82 ? 6.676   8.362   15.631  1.00 6.23  ? 82  GLU A C   1 
ATOM   582  O O   . GLU A 1 82 ? 6.557   9.573   15.266  1.00 8.42  ? 82  GLU A O   1 
ATOM   583  C CB  . GLU A 1 82 ? 4.913   8.042   17.344  1.00 6.46  ? 82  GLU A CB  1 
ATOM   584  C CG  . GLU A 1 82 ? 4.201   6.913   16.526  1.00 6.31  ? 82  GLU A CG  1 
ATOM   585  C CD  . GLU A 1 82 ? 2.740   6.719   16.832  1.00 6.60  ? 82  GLU A CD  1 
ATOM   586  O OE1 . GLU A 1 82 ? 2.126   7.574   17.490  1.00 7.96  ? 82  GLU A OE1 1 
ATOM   587  O OE2 . GLU A 1 82 ? 2.170   5.669   16.461  1.00 5.19  ? 82  GLU A OE2 1 
ATOM   588  N N   . THR A 1 83 ? 6.993   7.398   14.775  1.00 4.36  ? 83  THR A N   1 
ATOM   589  C CA  . THR A 1 83 ? 7.269   7.625   13.360  1.00 6.15  ? 83  THR A CA  1 
ATOM   590  C C   . THR A 1 83 ? 5.980   7.685   12.531  1.00 5.31  ? 83  THR A C   1 
ATOM   591  O O   . THR A 1 83 ? 4.888   7.445   13.045  1.00 5.26  ? 83  THR A O   1 
ATOM   592  C CB  . THR A 1 83 ? 8.136   6.469   12.746  1.00 6.44  ? 83  THR A CB  1 
ATOM   593  O OG1 . THR A 1 83 ? 7.385   5.236   12.613  1.00 5.32  ? 83  THR A OG1 1 
ATOM   594  C CG2 . THR A 1 83 ? 9.366   6.128   13.668  1.00 5.04  ? 83  THR A CG2 1 
ATOM   595  N N   . LEU A 1 84 ? 6.125   8.006   11.240  1.00 8.19  ? 84  LEU A N   1 
ATOM   596  C CA  . LEU A 1 84 ? 5.054   7.772   10.252  1.00 8.85  ? 84  LEU A CA  1 
ATOM   597  C C   . LEU A 1 84 ? 4.537   6.336   10.340  1.00 5.15  ? 84  LEU A C   1 
ATOM   598  O O   . LEU A 1 84 ? 5.248   5.407   10.684  1.00 6.45  ? 84  LEU A O   1 
ATOM   599  C CB  . LEU A 1 84 ? 5.568   8.050   8.824   1.00 8.46  ? 84  LEU A CB  1 
ATOM   600  C CG  . LEU A 1 84 ? 5.994   9.490   8.500   1.00 9.31  ? 84  LEU A CG  1 
ATOM   601  C CD1 . LEU A 1 84 ? 6.496   9.528   7.047   1.00 13.43 ? 84  LEU A CD1 1 
ATOM   602  C CD2 . LEU A 1 84 ? 4.795   10.444  8.876   1.00 11.69 ? 84  LEU A CD2 1 
ATOM   603  N N   . ASN A 1 85 ? 3.260   6.180   9.991   1.00 5.14  ? 85  ASN A N   1 
ATOM   604  C CA  . ASN A 1 85 ? 2.726   4.835   9.732   1.00 6.44  ? 85  ASN A CA  1 
ATOM   605  C C   . ASN A 1 85 ? 3.287   4.334   8.430   1.00 4.83  ? 85  ASN A C   1 
ATOM   606  O O   . ASN A 1 85 ? 3.372   5.069   7.400   1.00 5.97  ? 85  ASN A O   1 
ATOM   607  C CB  . ASN A 1 85 ? 1.253   4.977   9.577   1.00 2.83  ? 85  ASN A CB  1 
ATOM   608  C CG  . ASN A 1 85 ? 0.497   5.400   10.882  1.00 8.00  ? 85  ASN A CG  1 
ATOM   609  O OD1 . ASN A 1 85 ? 0.875   5.050   11.960  1.00 7.51  ? 85  ASN A OD1 1 
ATOM   610  N ND2 . ASN A 1 85 ? -0.616  6.127   10.732  1.00 6.85  ? 85  ASN A ND2 1 
ATOM   611  N N   . SER A 1 86 ? 3.532   3.040   8.412   1.00 3.83  ? 86  SER A N   1 
ATOM   612  C CA  . SER A 1 86 ? 3.796   2.323   7.192   1.00 3.88  ? 86  SER A CA  1 
ATOM   613  C C   . SER A 1 86 ? 2.716   2.568   6.145   1.00 4.91  ? 86  SER A C   1 
ATOM   614  O O   . SER A 1 86 ? 1.572   2.866   6.422   1.00 5.20  ? 86  SER A O   1 
ATOM   615  C CB  . SER A 1 86 ? 3.916   0.836   7.533   1.00 4.92  ? 86  SER A CB  1 
ATOM   616  O OG  . SER A 1 86 ? 2.660   0.216   7.745   1.00 3.77  ? 86  SER A OG  1 
ATOM   617  N N   . ALA A 1 87 ? 3.085   2.233   4.908   1.00 3.93  ? 87  ALA A N   1 
ATOM   618  C CA  . ALA A 1 87 ? 2.109   2.011   3.851   1.00 5.98  ? 87  ALA A CA  1 
ATOM   619  C C   . ALA A 1 87 ? 1.109   0.977   4.361   1.00 5.06  ? 87  ALA A C   1 
ATOM   620  O O   . ALA A 1 87 ? 1.457   0.047   5.134   1.00 4.83  ? 87  ALA A O   1 
ATOM   621  C CB  . ALA A 1 87 ? 2.781   1.587   2.585   1.00 4.30  ? 87  ALA A CB  1 
ATOM   622  N N   . GLU A 1 88 ? -0.139  1.115   3.908   1.00 4.69  ? 88  GLU A N   1 
ATOM   623  C CA  . GLU A 1 88 ? -1.199  0.246   4.285   1.00 6.52  ? 88  GLU A CA  1 
ATOM   624  C C   . GLU A 1 88 ? -1.057  -1.158  3.723   1.00 6.84  ? 88  GLU A C   1 
ATOM   625  O O   . GLU A 1 88 ? -0.612  -1.348  2.580   1.00 7.42  ? 88  GLU A O   1 
ATOM   626  C CB  . GLU A 1 88 ? -2.518  0.828   3.773   1.00 6.17  ? 88  GLU A CB  1 
ATOM   627  C CG  . GLU A 1 88 ? -3.767  -0.014  4.033   1.00 8.27  ? 88  GLU A CG  1 
ATOM   628  C CD  . GLU A 1 88 ? -4.973  0.804   3.611   1.00 6.88  ? 88  GLU A CD  1 
ATOM   629  O OE1 . GLU A 1 88 ? -5.344  0.688   2.411   1.00 9.00  ? 88  GLU A OE1 1 
ATOM   630  O OE2 . GLU A 1 88 ? -5.545  1.622   4.445   1.00 7.12  ? 88  GLU A OE2 1 
ATOM   631  N N   . ALA A 1 89 ? -1.499  -2.144  4.516   1.00 5.22  ? 89  ALA A N   1 
ATOM   632  C CA  . ALA A 1 89 ? -1.641  -3.542  4.106   1.00 4.57  ? 89  ALA A CA  1 
ATOM   633  C C   . ALA A 1 89 ? -3.118  -3.866  4.117   1.00 4.65  ? 89  ALA A C   1 
ATOM   634  O O   . ALA A 1 89 ? -3.785  -3.567  5.087   1.00 6.51  ? 89  ALA A O   1 
ATOM   635  C CB  . ALA A 1 89 ? -0.874  -4.468  5.106   1.00 5.93  ? 89  ALA A CB  1 
ATOM   636  N N   A ILE A 1 90 ? -3.590  -4.580  3.076   0.50 6.15  ? 90  ILE A N   1 
ATOM   637  N N   B ILE A 1 90 ? -3.564  -4.627  3.106   0.50 5.96  ? 90  ILE A N   1 
ATOM   638  C CA  A ILE A 1 90 ? -4.963  -5.075  2.966   0.50 7.13  ? 90  ILE A CA  1 
ATOM   639  C CA  B ILE A 1 90 ? -4.934  -5.076  2.979   0.50 6.62  ? 90  ILE A CA  1 
ATOM   640  C C   A ILE A 1 90 ? -5.012  -6.511  3.457   0.50 7.34  ? 90  ILE A C   1 
ATOM   641  C C   B ILE A 1 90 ? -5.009  -6.515  3.457   0.50 7.11  ? 90  ILE A C   1 
ATOM   642  O O   A ILE A 1 90 ? -4.243  -7.368  2.961   0.50 5.88  ? 90  ILE A O   1 
ATOM   643  O O   B ILE A 1 90 ? -4.238  -7.377  2.969   0.50 5.65  ? 90  ILE A O   1 
ATOM   644  C CB  A ILE A 1 90 ? -5.477  -5.081  1.525   0.50 8.99  ? 90  ILE A CB  1 
ATOM   645  C CB  B ILE A 1 90 ? -5.405  -5.028  1.541   0.50 8.39  ? 90  ILE A CB  1 
ATOM   646  C CG1 A ILE A 1 90 ? -4.895  -3.882  0.764   0.50 11.04 ? 90  ILE A CG1 1 
ATOM   647  C CG1 B ILE A 1 90 ? -5.460  -3.560  1.055   0.50 9.12  ? 90  ILE A CG1 1 
ATOM   648  C CG2 A ILE A 1 90 ? -6.998  -5.135  1.528   0.50 7.48  ? 90  ILE A CG2 1 
ATOM   649  C CG2 B ILE A 1 90 ? -6.711  -5.805  1.426   0.50 5.68  ? 90  ILE A CG2 1 
ATOM   650  C CD1 A ILE A 1 90 ? -5.729  -3.348  -0.442  0.50 8.92  ? 90  ILE A CD1 1 
ATOM   651  C CD1 B ILE A 1 90 ? -4.090  -3.076  0.384   0.50 7.11  ? 90  ILE A CD1 1 
ATOM   652  N N   . LEU A 1 91 ? -5.863  -6.754  4.471   1.00 5.50  ? 91  LEU A N   1 
ATOM   653  C CA  . LEU A 1 91 ? -6.029  -8.101  5.004   1.00 8.31  ? 91  LEU A CA  1 
ATOM   654  C C   . LEU A 1 91 ? -6.484  -9.032  3.843   1.00 8.05  ? 91  LEU A C   1 
ATOM   655  O O   . LEU A 1 91 ? -7.461  -8.721  3.106   1.00 6.96  ? 91  LEU A O   1 
ATOM   656  C CB  . LEU A 1 91 ? -7.083  -8.167  6.116   1.00 10.08 ? 91  LEU A CB  1 
ATOM   657  C CG  . LEU A 1 91 ? -7.159  -9.529  6.842   1.00 9.55  ? 91  LEU A CG  1 
ATOM   658  C CD1 . LEU A 1 91 ? -5.803  -10.086 7.407   1.00 6.52  ? 91  LEU A CD1 1 
ATOM   659  C CD2 . LEU A 1 91 ? -8.231  -9.299  7.965   1.00 8.09  ? 91  LEU A CD2 1 
ATOM   660  N N   . GLN A 1 92 ? -5.792  -10.157 3.760   1.00 8.12  ? 92  GLN A N   1 
ATOM   661  C CA  . GLN A 1 92 ? -6.096  -11.180 2.730   1.00 7.75  ? 92  GLN A CA  1 
ATOM   662  C C   . GLN A 1 92 ? -5.923  -12.561 3.217   1.00 8.31  ? 92  GLN A C   1 
ATOM   663  O O   . GLN A 1 92 ? -5.145  -12.806 4.128   1.00 7.42  ? 92  GLN A O   1 
ATOM   664  C CB  . GLN A 1 92 ? -5.273  -11.003 1.489   1.00 10.43 ? 92  GLN A CB  1 
ATOM   665  C CG  . GLN A 1 92 ? -3.824  -10.739 1.659   1.00 16.03 ? 92  GLN A CG  1 
ATOM   666  C CD  . GLN A 1 92 ? -3.351  -9.961  0.453   1.00 24.50 ? 92  GLN A CD  1 
ATOM   667  O OE1 . GLN A 1 92 ? -2.897  -10.586 -0.483  1.00 28.08 ? 92  GLN A OE1 1 
ATOM   668  N NE2 . GLN A 1 92 ? -3.588  -8.610  0.413   1.00 24.13 ? 92  GLN A NE2 1 
ATOM   669  N N   . TYR A 1 93 ? -6.694  -13.489 2.638   1.00 9.11  ? 93  TYR A N   1 
ATOM   670  C CA  . TYR A 1 93 ? -6.393  -14.898 2.891   1.00 9.17  ? 93  TYR A CA  1 
ATOM   671  C C   . TYR A 1 93 ? -5.084  -15.319 2.278   1.00 11.50 ? 93  TYR A C   1 
ATOM   672  O O   . TYR A 1 93 ? -4.555  -14.670 1.377   1.00 14.01 ? 93  TYR A O   1 
ATOM   673  C CB  . TYR A 1 93 ? -7.559  -15.774 2.348   1.00 9.41  ? 93  TYR A CB  1 
ATOM   674  C CG  . TYR A 1 93 ? -8.829  -15.891 3.234   1.00 8.41  ? 93  TYR A CG  1 
ATOM   675  C CD1 . TYR A 1 93 ? -8.904  -16.785 4.346   1.00 12.86 ? 93  TYR A CD1 1 
ATOM   676  C CD2 . TYR A 1 93 ? -9.986  -15.144 2.934   1.00 11.13 ? 93  TYR A CD2 1 
ATOM   677  C CE1 . TYR A 1 93 ? -10.056 -16.922 5.053   1.00 10.40 ? 93  TYR A CE1 1 
ATOM   678  C CE2 . TYR A 1 93 ? -11.184 -15.256 3.708   1.00 14.21 ? 93  TYR A CE2 1 
ATOM   679  C CZ  . TYR A 1 93 ? -11.222 -16.157 4.778   1.00 12.07 ? 93  TYR A CZ  1 
ATOM   680  O OH  . TYR A 1 93 ? -12.414 -16.160 5.490   1.00 17.75 ? 93  TYR A OH  1 
ATOM   681  N N   . PRO A 1 94 ? -4.514  -16.405 2.774   1.00 14.74 ? 94  PRO A N   1 
ATOM   682  C CA  . PRO A 1 94 ? -3.243  -16.821 2.229   1.00 16.75 ? 94  PRO A CA  1 
ATOM   683  C C   . PRO A 1 94 ? -3.429  -17.372 0.767   1.00 17.70 ? 94  PRO A C   1 
ATOM   684  O O   . PRO A 1 94 ? -4.531  -17.788 0.385   1.00 15.68 ? 94  PRO A O   1 
ATOM   685  C CB  . PRO A 1 94 ? -2.796  -17.924 3.202   1.00 17.77 ? 94  PRO A CB  1 
ATOM   686  C CG  . PRO A 1 94 ? -3.946  -18.241 4.065   1.00 17.93 ? 94  PRO A CG  1 
ATOM   687  C CD  . PRO A 1 94 ? -5.018  -17.260 3.858   1.00 15.04 ? 94  PRO A CD  1 
ATOM   688  N N   . LYS A 1 95 ? -2.372  -17.357 -0.024  1.00 20.62 ? 95  LYS A N   1 
ATOM   689  C CA  . LYS A 1 95 ? -2.372  -17.984 -1.360  1.00 21.64 ? 95  LYS A CA  1 
ATOM   690  C C   . LYS A 1 95 ? -2.464  -19.523 -1.254  1.00 20.31 ? 95  LYS A C   1 
ATOM   691  O O   . LYS A 1 95 ? -1.867  -20.105 -0.380  1.00 16.44 ? 95  LYS A O   1 
ATOM   692  C CB  . LYS A 1 95 ? -1.087  -17.594 -2.132  1.00 24.42 ? 95  LYS A CB  1 
ATOM   693  C CG  . LYS A 1 95 ? -1.327  -17.364 -3.645  1.00 30.72 ? 95  LYS A CG  1 
ATOM   694  C CD  . LYS A 1 95 ? -0.045  -17.052 -4.459  1.00 37.70 ? 95  LYS A CD  1 
ATOM   695  C CE  . LYS A 1 95 ? 0.372   -18.173 -5.438  1.00 40.28 ? 95  LYS A CE  1 
ATOM   696  N NZ  . LYS A 1 95 ? 1.401   -19.163 -4.870  1.00 41.37 ? 95  LYS A NZ  1 
ATOM   697  N N   . LEU A 1 96 ? -3.287  -20.175 -2.098  1.00 18.97 ? 96  LEU A N   1 
ATOM   698  C CA  . LEU A 1 96 ? -3.371  -21.639 -2.083  1.00 19.48 ? 96  LEU A CA  1 
ATOM   699  C C   . LEU A 1 96 ? -2.245  -22.098 -2.985  1.00 20.72 ? 96  LEU A C   1 
ATOM   700  O O   . LEU A 1 96 ? -2.016  -21.483 -3.999  1.00 22.87 ? 96  LEU A O   1 
ATOM   701  C CB  . LEU A 1 96 ? -4.726  -22.137 -2.652  1.00 18.63 ? 96  LEU A CB  1 
ATOM   702  C CG  . LEU A 1 96 ? -5.925  -21.862 -1.745  1.00 18.57 ? 96  LEU A CG  1 
ATOM   703  C CD1 . LEU A 1 96 ? -7.242  -22.003 -2.580  1.00 15.69 ? 96  LEU A CD1 1 
ATOM   704  C CD2 . LEU A 1 96 ? -5.882  -22.765 -0.465  1.00 14.90 ? 96  LEU A CD2 1 
ATOM   705  N N   . GLU A 1 97 ? -1.543  -23.137 -2.565  1.00 23.36 ? 97  GLU A N   1 
ATOM   706  C CA  . GLU A 1 97 ? -0.288  -23.567 -3.189  1.00 28.45 ? 97  GLU A CA  1 
ATOM   707  C C   . GLU A 1 97 ? -0.540  -24.586 -4.317  1.00 28.56 ? 97  GLU A C   1 
ATOM   708  O O   . GLU A 1 97 ? -1.505  -25.330 -4.239  1.00 24.52 ? 97  GLU A O   1 
ATOM   709  C CB  . GLU A 1 97 ? 0.589   -24.317 -2.159  1.00 29.30 ? 97  GLU A CB  1 
ATOM   710  C CG  . GLU A 1 97 ? 0.828   -23.624 -0.810  1.00 37.20 ? 97  GLU A CG  1 
ATOM   711  C CD  . GLU A 1 97 ? 1.285   -24.614 0.304   1.00 44.73 ? 97  GLU A CD  1 
ATOM   712  O OE1 . GLU A 1 97 ? 1.106   -24.278 1.499   1.00 49.63 ? 97  GLU A OE1 1 
ATOM   713  O OE2 . GLU A 1 97 ? 1.821   -25.713 -0.002  1.00 49.73 ? 97  GLU A OE2 1 
ATOM   714  N N   . HIS A 1 98 ? 0.355   -24.603 -5.312  1.00 32.44 ? 98  HIS A N   1 
ATOM   715  C CA  . HIS A 1 98 ? 0.702   -25.777 -6.198  1.00 35.78 ? 98  HIS A CA  1 
ATOM   716  C C   . HIS A 1 98 ? 0.331   -25.413 -7.638  1.00 35.84 ? 98  HIS A C   1 
ATOM   717  O O   . HIS A 1 98 ? 0.111   -24.235 -7.967  1.00 35.24 ? 98  HIS A O   1 
ATOM   718  C CB  . HIS A 1 98 ? 0.061   -27.093 -5.691  1.00 38.48 ? 98  HIS A CB  1 
ATOM   719  C CG  . HIS A 1 98 ? 0.470   -28.351 -6.413  1.00 44.40 ? 98  HIS A CG  1 
ATOM   720  N ND1 . HIS A 1 98 ? 0.386   -29.598 -5.814  1.00 50.07 ? 98  HIS A ND1 1 
ATOM   721  C CD2 . HIS A 1 98 ? 0.903   -28.579 -7.682  1.00 50.77 ? 98  HIS A CD2 1 
ATOM   722  C CE1 . HIS A 1 98 ? 0.753   -30.531 -6.678  1.00 51.16 ? 98  HIS A CE1 1 
ATOM   723  N NE2 . HIS A 1 98 ? 1.076   -29.939 -7.817  1.00 52.39 ? 98  HIS A NE2 1 
ATOM   724  N N   . SER B 1 3  ? 17.013  19.961  -11.865 1.00 33.67 ? 3   SER B N   1 
ATOM   725  C CA  . SER B 1 3  ? 17.067  20.222  -10.392 1.00 34.60 ? 3   SER B CA  1 
ATOM   726  C C   . SER B 1 3  ? 15.628  20.387  -9.833  1.00 33.17 ? 3   SER B C   1 
ATOM   727  O O   . SER B 1 3  ? 15.388  20.197  -8.634  1.00 31.98 ? 3   SER B O   1 
ATOM   728  C CB  . SER B 1 3  ? 18.030  21.385  -10.048 1.00 35.33 ? 3   SER B CB  1 
ATOM   729  O OG  . SER B 1 3  ? 17.754  22.026  -8.805  1.00 33.69 ? 3   SER B OG  1 
ATOM   730  N N   . ALA B 1 4  ? 14.665  20.656  -10.719 1.00 31.68 ? 4   ALA B N   1 
ATOM   731  C CA  . ALA B 1 4  ? 13.267  20.318  -10.448 1.00 29.34 ? 4   ALA B CA  1 
ATOM   732  C C   . ALA B 1 4  ? 13.310  18.781  -10.180 1.00 28.19 ? 4   ALA B C   1 
ATOM   733  O O   . ALA B 1 4  ? 14.058  18.050  -10.840 1.00 27.67 ? 4   ALA B O   1 
ATOM   734  C CB  . ALA B 1 4  ? 12.404  20.670  -11.667 1.00 28.89 ? 4   ALA B CB  1 
ATOM   735  N N   . PRO B 1 5  ? 12.585  18.297  -9.162  1.00 26.45 ? 5   PRO B N   1 
ATOM   736  C CA  . PRO B 1 5  ? 12.717  16.863  -8.808  1.00 24.71 ? 5   PRO B CA  1 
ATOM   737  C C   . PRO B 1 5  ? 11.998  15.962  -9.818  1.00 21.33 ? 5   PRO B C   1 
ATOM   738  O O   . PRO B 1 5  ? 11.016  16.398  -10.418 1.00 22.37 ? 5   PRO B O   1 
ATOM   739  C CB  . PRO B 1 5  ? 12.014  16.780  -7.449  1.00 25.40 ? 5   PRO B CB  1 
ATOM   740  C CG  . PRO B 1 5  ? 10.842  17.826  -7.595  1.00 26.16 ? 5   PRO B CG  1 
ATOM   741  C CD  . PRO B 1 5  ? 11.412  18.926  -8.511  1.00 27.38 ? 5   PRO B CD  1 
ATOM   742  N N   . ALA B 1 6  ? 12.493  14.736  -10.011 1.00 19.23 ? 6   ALA B N   1 
ATOM   743  C CA  . ALA B 1 6  ? 11.953  13.816  -11.038 1.00 15.87 ? 6   ALA B CA  1 
ATOM   744  C C   . ALA B 1 6  ? 10.639  13.206  -10.565 1.00 15.34 ? 6   ALA B C   1 
ATOM   745  O O   . ALA B 1 6  ? 10.523  12.823  -9.384  1.00 17.26 ? 6   ALA B O   1 
ATOM   746  C CB  . ALA B 1 6  ? 12.955  12.668  -11.336 1.00 17.00 ? 6   ALA B CB  1 
ATOM   747  N N   . PHE B 1 7  ? 9.709   13.016  -11.513 1.00 13.61 ? 7   PHE B N   1 
ATOM   748  C CA  . PHE B 1 7  ? 8.460   12.270  -11.234 1.00 12.59 ? 7   PHE B CA  1 
ATOM   749  C C   . PHE B 1 7  ? 8.623   10.839  -11.719 1.00 12.08 ? 7   PHE B C   1 
ATOM   750  O O   . PHE B 1 7  ? 9.579   10.471  -12.409 1.00 11.80 ? 7   PHE B O   1 
ATOM   751  C CB  . PHE B 1 7  ? 7.228   12.961  -11.868 1.00 11.86 ? 7   PHE B CB  1 
ATOM   752  C CG  . PHE B 1 7  ? 7.449   13.372  -13.311 1.00 12.86 ? 7   PHE B CG  1 
ATOM   753  C CD1 . PHE B 1 7  ? 7.244   12.446  -14.314 1.00 14.58 ? 7   PHE B CD1 1 
ATOM   754  C CD2 . PHE B 1 7  ? 7.805   14.694  -13.659 1.00 15.89 ? 7   PHE B CD2 1 
ATOM   755  C CE1 . PHE B 1 7  ? 7.379   12.817  -15.675 1.00 13.97 ? 7   PHE B CE1 1 
ATOM   756  C CE2 . PHE B 1 7  ? 8.038   15.065  -15.056 1.00 18.09 ? 7   PHE B CE2 1 
ATOM   757  C CZ  . PHE B 1 7  ? 7.815   14.143  -16.043 1.00 14.69 ? 7   PHE B CZ  1 
ATOM   758  N N   . PRO B 1 8  ? 7.762   9.945   -11.242 1.00 10.78 ? 8   PRO B N   1 
ATOM   759  C CA  . PRO B 1 8  ? 7.873   8.550   -11.573 1.00 10.13 ? 8   PRO B CA  1 
ATOM   760  C C   . PRO B 1 8  ? 7.463   8.349   -13.003 1.00 11.95 ? 8   PRO B C   1 
ATOM   761  O O   . PRO B 1 8  ? 6.736   9.150   -13.576 1.00 12.16 ? 8   PRO B O   1 
ATOM   762  C CB  . PRO B 1 8  ? 6.923   7.865   -10.589 1.00 9.84  ? 8   PRO B CB  1 
ATOM   763  C CG  . PRO B 1 8  ? 6.814   8.823   -9.493  1.00 10.61 ? 8   PRO B CG  1 
ATOM   764  C CD  . PRO B 1 8  ? 6.781   10.135  -10.193 1.00 11.17 ? 8   PRO B CD  1 
ATOM   765  N N   . THR B 1 9  ? 8.045   7.301   -13.559 1.00 10.71 ? 9   THR B N   1 
ATOM   766  C CA  . THR B 1 9  ? 7.841   6.905   -14.954 1.00 12.85 ? 9   THR B CA  1 
ATOM   767  C C   . THR B 1 9  ? 7.486   5.420   -15.030 1.00 13.75 ? 9   THR B C   1 
ATOM   768  O O   . THR B 1 9  ? 7.583   4.641   -14.069 1.00 12.43 ? 9   THR B O   1 
ATOM   769  C CB  . THR B 1 9  ? 9.153   7.135   -15.772 1.00 13.39 ? 9   THR B CB  1 
ATOM   770  O OG1 . THR B 1 9  ? 10.183  6.234   -15.320 1.00 13.60 ? 9   THR B OG1 1 
ATOM   771  C CG2 . THR B 1 9  ? 9.645   8.582   -15.621 1.00 12.39 ? 9   THR B CG2 1 
ATOM   772  N N   . GLY B 1 10 ? 7.116   5.007   -16.232 1.00 12.31 ? 10  GLY B N   1 
ATOM   773  C CA  . GLY B 1 10 ? 6.777   3.619   -16.468 1.00 11.08 ? 10  GLY B CA  1 
ATOM   774  C C   . GLY B 1 10 ? 5.564   2.997   -15.793 1.00 12.51 ? 10  GLY B C   1 
ATOM   775  O O   . GLY B 1 10 ? 5.535   1.773   -15.603 1.00 14.27 ? 10  GLY B O   1 
ATOM   776  N N   . LEU B 1 11 ? 4.563   3.808   -15.492 1.00 10.77 ? 11  LEU B N   1 
ATOM   777  C CA  . LEU B 1 11 ? 3.383   3.308   -14.748 1.00 7.65  ? 11  LEU B CA  1 
ATOM   778  C C   . LEU B 1 11 ? 2.503   2.437   -15.642 1.00 7.39  ? 11  LEU B C   1 
ATOM   779  O O   . LEU B 1 11 ? 2.116   2.851   -16.766 1.00 9.35  ? 11  LEU B O   1 
ATOM   780  C CB  . LEU B 1 11 ? 2.560   4.463   -14.147 1.00 8.07  ? 11  LEU B CB  1 
ATOM   781  C CG  . LEU B 1 11 ? 1.328   4.096   -13.310 1.00 6.26  ? 11  LEU B CG  1 
ATOM   782  C CD1 . LEU B 1 11 ? 1.784   3.267   -12.099 1.00 5.03  ? 11  LEU B CD1 1 
ATOM   783  C CD2 . LEU B 1 11 ? 0.498   5.357   -12.908 1.00 7.26  ? 11  LEU B CD2 1 
ATOM   784  N N   A SER B 1 12 ? 2.277   1.176   -15.245 0.70 9.30  ? 12  SER B N   1 
ATOM   785  N N   B SER B 1 12 ? 2.106   1.287   -15.093 0.30 7.65  ? 12  SER B N   1 
ATOM   786  C CA  A SER B 1 12 ? 1.137   0.397   -15.739 0.70 7.71  ? 12  SER B CA  1 
ATOM   787  C CA  B SER B 1 12 ? 1.248   0.296   -15.743 0.30 6.54  ? 12  SER B CA  1 
ATOM   788  C C   A SER B 1 12 ? 0.201   -0.008  -14.639 0.70 6.90  ? 12  SER B C   1 
ATOM   789  C C   B SER B 1 12 ? 0.273   -0.219  -14.696 0.30 6.10  ? 12  SER B C   1 
ATOM   790  O O   A SER B 1 12 ? 0.581   -0.067  -13.462 0.70 7.41  ? 12  SER B O   1 
ATOM   791  O O   B SER B 1 12 ? 0.754   -0.571  -13.599 0.30 5.70  ? 12  SER B O   1 
ATOM   792  C CB  A SER B 1 12 ? 1.606   -0.899  -16.405 0.70 10.44 ? 12  SER B CB  1 
ATOM   793  C CB  B SER B 1 12 ? 2.125   -0.880  -16.214 0.30 7.52  ? 12  SER B CB  1 
ATOM   794  O OG  A SER B 1 12 ? 2.397   -1.624  -15.482 0.70 13.46 ? 12  SER B OG  1 
ATOM   795  O OG  B SER B 1 12 ? 1.403   -2.101  -16.399 0.30 7.07  ? 12  SER B OG  1 
ATOM   796  N N   . ALA B 1 13 ? -1.040  -0.276  -15.028 1.00 6.18  ? 13  ALA B N   1 
ATOM   797  C CA  . ALA B 1 13 ? -2.115  -0.709  -14.152 1.00 6.53  ? 13  ALA B CA  1 
ATOM   798  C C   . ALA B 1 13 ? -2.830  -1.834  -14.899 1.00 7.38  ? 13  ALA B C   1 
ATOM   799  O O   . ALA B 1 13 ? -3.451  -1.622  -15.961 1.00 9.16  ? 13  ALA B O   1 
ATOM   800  C CB  . ALA B 1 13 ? -3.096  0.473   -13.797 1.00 6.08  ? 13  ALA B CB  1 
ATOM   801  N N   . VAL B 1 14 ? -2.692  -3.009  -14.350 1.00 7.84  ? 14  VAL B N   1 
ATOM   802  C CA  . VAL B 1 14 ? -3.153  -4.249  -15.056 1.00 9.21  ? 14  VAL B CA  1 
ATOM   803  C C   . VAL B 1 14 ? -4.026  -5.053  -14.084 1.00 9.70  ? 14  VAL B C   1 
ATOM   804  O O   . VAL B 1 14 ? -3.588  -5.412  -12.961 1.00 9.83  ? 14  VAL B O   1 
ATOM   805  C CB  . VAL B 1 14 ? -2.020  -5.075  -15.558 1.00 9.79  ? 14  VAL B CB  1 
ATOM   806  C CG1 . VAL B 1 14 ? -2.610  -6.381  -16.315 1.00 11.69 ? 14  VAL B CG1 1 
ATOM   807  C CG2 . VAL B 1 14 ? -1.068  -4.286  -16.469 1.00 10.26 ? 14  VAL B CG2 1 
ATOM   808  N N   . LEU B 1 15 ? -5.254  -5.360  -14.470 1.00 10.09 ? 15  LEU B N   1 
ATOM   809  C CA  . LEU B 1 15 ? -6.133  -6.285  -13.686 1.00 13.37 ? 15  LEU B CA  1 
ATOM   810  C C   . LEU B 1 15 ? -5.497  -7.667  -13.495 1.00 15.66 ? 15  LEU B C   1 
ATOM   811  O O   . LEU B 1 15 ? -4.732  -8.110  -14.339 1.00 14.60 ? 15  LEU B O   1 
ATOM   812  C CB  . LEU B 1 15 ? -7.497  -6.426  -14.391 1.00 12.15 ? 15  LEU B CB  1 
ATOM   813  C CG  . LEU B 1 15 ? -8.418  -5.235  -14.295 1.00 14.15 ? 15  LEU B CG  1 
ATOM   814  C CD1 . LEU B 1 15 ? -9.714  -5.393  -15.204 1.00 12.94 ? 15  LEU B CD1 1 
ATOM   815  C CD2 . LEU B 1 15 ? -8.780  -4.886  -12.799 1.00 12.34 ? 15  LEU B CD2 1 
ATOM   816  N N   . ASP B 1 16 ? -5.653  -8.279  -12.327 1.00 16.60 ? 16  ASP B N   1 
ATOM   817  C CA  . ASP B 1 16 ? -5.144  -9.631  -12.181 1.00 19.17 ? 16  ASP B CA  1 
ATOM   818  C C   . ASP B 1 16 ? -6.151  -10.613 -12.761 1.00 21.47 ? 16  ASP B C   1 
ATOM   819  O O   . ASP B 1 16 ? -7.161  -10.208 -13.352 1.00 20.32 ? 16  ASP B O   1 
ATOM   820  C CB  . ASP B 1 16 ? -4.830  -9.983  -10.741 1.00 20.04 ? 16  ASP B CB  1 
ATOM   821  C CG  . ASP B 1 16 ? -6.038  -10.015 -9.879  1.00 19.66 ? 16  ASP B CG  1 
ATOM   822  O OD1 . ASP B 1 16 ? -7.213  -9.845  -10.325 1.00 21.11 ? 16  ASP B OD1 1 
ATOM   823  O OD2 . ASP B 1 16 ? -5.808  -10.082 -8.654  1.00 27.33 ? 16  ASP B OD2 1 
ATOM   824  N N   . SER B 1 17 ? -5.848  -11.904 -12.556 1.00 25.54 ? 17  SER B N   1 
ATOM   825  C CA  . SER B 1 17 ? -6.539  -13.000 -13.242 1.00 26.09 ? 17  SER B CA  1 
ATOM   826  C C   . SER B 1 17 ? -7.996  -13.125 -12.825 1.00 27.03 ? 17  SER B C   1 
ATOM   827  O O   . SER B 1 17 ? -8.794  -13.703 -13.548 1.00 28.75 ? 17  SER B O   1 
ATOM   828  C CB  . SER B 1 17 ? -5.810  -14.325 -13.026 1.00 26.09 ? 17  SER B CB  1 
ATOM   829  O OG  . SER B 1 17 ? -5.483  -14.520 -11.647 1.00 27.57 ? 17  SER B OG  1 
ATOM   830  N N   . SER B 1 18 ? -8.352  -12.537 -11.689 1.00 26.83 ? 18  SER B N   1 
ATOM   831  C CA  . SER B 1 18 ? -9.729  -12.501 -11.257 1.00 26.91 ? 18  SER B CA  1 
ATOM   832  C C   . SER B 1 18 ? -10.503 -11.418 -11.923 1.00 26.74 ? 18  SER B C   1 
ATOM   833  O O   . SER B 1 18 ? -11.725 -11.536 -12.041 1.00 24.75 ? 18  SER B O   1 
ATOM   834  C CB  . SER B 1 18 ? -9.833  -12.357 -9.731  1.00 27.57 ? 18  SER B CB  1 
ATOM   835  O OG  . SER B 1 18 ? -9.782  -11.016 -9.251  1.00 33.44 ? 18  SER B OG  1 
ATOM   836  N N   . GLY B 1 19 ? -9.813  -10.324 -12.283 1.00 25.00 ? 19  GLY B N   1 
ATOM   837  C CA  . GLY B 1 19 ? -10.484 -9.185  -12.876 1.00 24.78 ? 19  GLY B CA  1 
ATOM   838  C C   . GLY B 1 19 ? -11.032 -8.117  -11.951 1.00 24.27 ? 19  GLY B C   1 
ATOM   839  O O   . GLY B 1 19 ? -11.656 -7.192  -12.428 1.00 25.65 ? 19  GLY B O   1 
ATOM   840  N N   . ASN B 1 20 ? -10.860 -8.276  -10.641 1.00 25.90 ? 20  ASN B N   1 
ATOM   841  C CA  . ASN B 1 20 ? -11.355 -7.265  -9.698  1.00 25.19 ? 20  ASN B CA  1 
ATOM   842  C C   . ASN B 1 20 ? -10.327 -6.630  -8.752  1.00 24.11 ? 20  ASN B C   1 
ATOM   843  O O   . ASN B 1 20 ? -10.761 -5.919  -7.825  1.00 25.06 ? 20  ASN B O   1 
ATOM   844  C CB  . ASN B 1 20 ? -12.497 -7.827  -8.849  1.00 28.31 ? 20  ASN B CB  1 
ATOM   845  C CG  . ASN B 1 20 ? -12.172 -9.175  -8.308  1.00 29.99 ? 20  ASN B CG  1 
ATOM   846  O OD1 . ASN B 1 20 ? -11.140 -9.349  -7.628  1.00 38.03 ? 20  ASN B OD1 1 
ATOM   847  N ND2 . ASN B 1 20 ? -12.954 -10.183 -8.735  1.00 33.08 ? 20  ASN B ND2 1 
ATOM   848  N N   . THR B 1 21 ? -9.027  -6.947  -8.914  1.00 20.52 ? 21  THR B N   1 
ATOM   849  C CA  . THR B 1 21 ? -7.944  -6.138  -8.289  1.00 19.46 ? 21  THR B CA  1 
ATOM   850  C C   . THR B 1 21 ? -7.001  -5.601  -9.375  1.00 15.39 ? 21  THR B C   1 
ATOM   851  O O   . THR B 1 21 ? -6.718  -6.302  -10.319 1.00 15.69 ? 21  THR B O   1 
ATOM   852  C CB  . THR B 1 21 ? -7.102  -6.986  -7.301  1.00 19.77 ? 21  THR B CB  1 
ATOM   853  O OG1 . THR B 1 21 ? -7.933  -7.295  -6.163  1.00 27.95 ? 21  THR B OG1 1 
ATOM   854  C CG2 . THR B 1 21 ? -5.865  -6.242  -6.853  1.00 19.08 ? 21  THR B CG2 1 
ATOM   855  N N   . ALA B 1 22 ? -6.502  -4.381  -9.223  1.00 11.47 ? 22  ALA B N   1 
ATOM   856  C CA  . ALA B 1 22 ? -5.528  -3.857  -10.178 1.00 12.15 ? 22  ALA B CA  1 
ATOM   857  C C   . ALA B 1 22 ? -4.123  -3.867  -9.612  1.00 10.85 ? 22  ALA B C   1 
ATOM   858  O O   . ALA B 1 22 ? -3.903  -3.292  -8.503  1.00 10.87 ? 22  ALA B O   1 
ATOM   859  C CB  . ALA B 1 22 ? -5.961  -2.457  -10.573 1.00 11.81 ? 22  ALA B CB  1 
ATOM   860  N N   . ASN B 1 23 ? -3.167  -4.323  -10.406 1.00 10.34 ? 23  ASN B N   1 
ATOM   861  C CA  . ASN B 1 23 ? -1.766  -4.343  -10.024 1.00 9.34  ? 23  ASN B CA  1 
ATOM   862  C C   . ASN B 1 23 ? -1.019  -3.277  -10.771 1.00 8.60  ? 23  ASN B C   1 
ATOM   863  O O   . ASN B 1 23 ? -0.979  -3.217  -11.996 1.00 8.48  ? 23  ASN B O   1 
ATOM   864  C CB  . ASN B 1 23 ? -1.137  -5.728  -10.341 1.00 12.33 ? 23  ASN B CB  1 
ATOM   865  C CG  . ASN B 1 23 ? -1.626  -6.853  -9.409  1.00 16.72 ? 23  ASN B CG  1 
ATOM   866  O OD1 . ASN B 1 23 ? -1.908  -6.651  -8.221  1.00 19.73 ? 23  ASN B OD1 1 
ATOM   867  N ND2 . ASN B 1 23 ? -1.673  -8.108  -9.980  1.00 18.97 ? 23  ASN B ND2 1 
ATOM   868  N N   . LEU B 1 24 ? -0.454  -2.353  -9.996  1.00 7.26  ? 24  LEU B N   1 
ATOM   869  C CA  . LEU B 1 24 ? 0.307   -1.255  -10.496 1.00 7.07  ? 24  LEU B CA  1 
ATOM   870  C C   . LEU B 1 24 ? 1.788   -1.460  -10.279 1.00 7.12  ? 24  LEU B C   1 
ATOM   871  O O   . LEU B 1 24 ? 2.240   -1.925  -9.214  1.00 8.18  ? 24  LEU B O   1 
ATOM   872  C CB  . LEU B 1 24 ? -0.076  0.093   -9.796  1.00 5.89  ? 24  LEU B CB  1 
ATOM   873  C CG  . LEU B 1 24 ? -1.292  0.920   -10.247 1.00 7.30  ? 24  LEU B CG  1 
ATOM   874  C CD1 . LEU B 1 24 ? -2.577  0.071   -10.103 1.00 10.09 ? 24  LEU B CD1 1 
ATOM   875  C CD2 . LEU B 1 24 ? -1.346  2.273   -9.378  1.00 8.62  ? 24  LEU B CD2 1 
ATOM   876  N N   A THR B 1 25 ? 2.544   -1.049  -11.291 0.70 6.54  ? 25  THR B N   1 
ATOM   877  N N   B THR B 1 25 ? 2.577   -1.096  -11.292 0.30 7.43  ? 25  THR B N   1 
ATOM   878  C CA  A THR B 1 25 ? 4.004   -1.108  -11.244 0.70 6.46  ? 25  THR B CA  1 
ATOM   879  C CA  B THR B 1 25 ? 4.052   -1.165  -11.230 0.30 7.41  ? 25  THR B CA  1 
ATOM   880  C C   A THR B 1 25 ? 4.547   0.175   -11.874 0.70 6.76  ? 25  THR B C   1 
ATOM   881  C C   B THR B 1 25 ? 4.624   0.082   -11.931 0.30 7.34  ? 25  THR B C   1 
ATOM   882  O O   A THR B 1 25 ? 3.974   0.672   -12.821 0.70 6.11  ? 25  THR B O   1 
ATOM   883  O O   B THR B 1 25 ? 4.107   0.508   -12.956 0.30 6.54  ? 25  THR B O   1 
ATOM   884  C CB  A THR B 1 25 ? 4.512   -2.340  -12.067 0.70 9.76  ? 25  THR B CB  1 
ATOM   885  C CB  B THR B 1 25 ? 4.589   -2.520  -11.867 0.30 10.00 ? 25  THR B CB  1 
ATOM   886  O OG1 A THR B 1 25 ? 4.272   -2.149  -13.434 0.70 14.23 ? 25  THR B OG1 1 
ATOM   887  O OG1 B THR B 1 25 ? 5.969   -2.419  -12.271 0.30 6.99  ? 25  THR B OG1 1 
ATOM   888  C CG2 A THR B 1 25 ? 3.826   -3.576  -11.584 0.70 2.30  ? 25  THR B CG2 1 
ATOM   889  C CG2 B THR B 1 25 ? 3.755   -2.941  -13.008 0.30 8.94  ? 25  THR B CG2 1 
ATOM   890  N N   . TRP B 1 26 ? 5.660   0.690   -11.355 1.00 6.91  ? 26  TRP B N   1 
ATOM   891  C CA  . TRP B 1 26 ? 6.257   1.844   -11.959 1.00 6.78  ? 26  TRP B CA  1 
ATOM   892  C C   . TRP B 1 26 ? 7.742   1.810   -11.649 1.00 6.93  ? 26  TRP B C   1 
ATOM   893  O O   . TRP B 1 26 ? 8.197   0.973   -10.897 1.00 6.21  ? 26  TRP B O   1 
ATOM   894  C CB  . TRP B 1 26 ? 5.637   3.153   -11.474 1.00 6.51  ? 26  TRP B CB  1 
ATOM   895  C CG  . TRP B 1 26 ? 5.709   3.400   -9.952  1.00 3.25  ? 26  TRP B CG  1 
ATOM   896  C CD1 . TRP B 1 26 ? 6.669   4.128   -9.286  1.00 6.33  ? 26  TRP B CD1 1 
ATOM   897  C CD2 . TRP B 1 26 ? 4.808   2.902   -8.938  1.00 6.13  ? 26  TRP B CD2 1 
ATOM   898  N NE1 . TRP B 1 26 ? 6.395   4.117   -7.953  1.00 5.73  ? 26  TRP B NE1 1 
ATOM   899  C CE2 . TRP B 1 26 ? 5.270   3.372   -7.702  1.00 2.90  ? 26  TRP B CE2 1 
ATOM   900  C CE3 . TRP B 1 26 ? 3.645   2.151   -8.963  1.00 6.17  ? 26  TRP B CE3 1 
ATOM   901  C CZ2 . TRP B 1 26 ? 4.611   3.095   -6.513  1.00 4.36  ? 26  TRP B CZ2 1 
ATOM   902  C CZ3 . TRP B 1 26 ? 3.041   1.828   -7.824  1.00 6.58  ? 26  TRP B CZ3 1 
ATOM   903  C CH2 . TRP B 1 26 ? 3.513   2.302   -6.570  1.00 5.06  ? 26  TRP B CH2 1 
ATOM   904  N N   . ASN B 1 27 ? 8.473   2.698   -12.306 1.00 8.25  ? 27  ASN B N   1 
ATOM   905  C CA  . ASN B 1 27 ? 9.876   2.836   -12.023 1.00 7.62  ? 27  ASN B CA  1 
ATOM   906  C C   . ASN B 1 27 ? 10.143  3.853   -10.944 1.00 9.57  ? 27  ASN B C   1 
ATOM   907  O O   . ASN B 1 27 ? 9.564   4.939   -10.943 1.00 9.41  ? 27  ASN B O   1 
ATOM   908  C CB  . ASN B 1 27 ? 10.583  3.338   -13.254 1.00 10.16 ? 27  ASN B CB  1 
ATOM   909  C CG  . ASN B 1 27 ? 10.502  2.388   -14.385 1.00 11.50 ? 27  ASN B CG  1 
ATOM   910  O OD1 . ASN B 1 27 ? 10.625  1.160   -14.215 1.00 14.63 ? 27  ASN B OD1 1 
ATOM   911  N ND2 . ASN B 1 27 ? 10.286  2.946   -15.575 1.00 16.57 ? 27  ASN B ND2 1 
ATOM   912  N N   . ALA B 1 28 ? 11.009  3.514   -10.004 1.00 9.06  ? 28  ALA B N   1 
ATOM   913  C CA  . ALA B 1 28 ? 11.507  4.486   -9.062  1.00 8.83  ? 28  ALA B CA  1 
ATOM   914  C C   . ALA B 1 28 ? 11.986  5.797   -9.680  1.00 7.59  ? 28  ALA B C   1 
ATOM   915  O O   . ALA B 1 28 ? 12.531  5.867   -10.810 1.00 8.81  ? 28  ALA B O   1 
ATOM   916  C CB  . ALA B 1 28 ? 12.668  3.888   -8.168  1.00 8.64  ? 28  ALA B CB  1 
ATOM   917  N N   . ALA B 1 29 ? 11.753  6.876   -8.956  1.00 7.33  ? 29  ALA B N   1 
ATOM   918  C CA  . ALA B 1 29 ? 12.183  8.244   -9.364  1.00 6.20  ? 29  ALA B CA  1 
ATOM   919  C C   . ALA B 1 29 ? 13.366  8.707   -8.612  1.00 8.63  ? 29  ALA B C   1 
ATOM   920  O O   . ALA B 1 29 ? 13.364  8.745   -7.372  1.00 7.95  ? 29  ALA B O   1 
ATOM   921  C CB  . ALA B 1 29 ? 11.028  9.258   -9.219  1.00 7.56  ? 29  ALA B CB  1 
ATOM   922  N N   . PRO B 1 30 ? 14.451  9.051   -9.334  1.00 6.91  ? 30  PRO B N   1 
ATOM   923  C CA  . PRO B 1 30 ? 15.536  9.632   -8.587  1.00 8.89  ? 30  PRO B CA  1 
ATOM   924  C C   . PRO B 1 30 ? 15.073  10.815  -7.773  1.00 8.45  ? 30  PRO B C   1 
ATOM   925  O O   . PRO B 1 30 ? 14.349  11.682  -8.262  1.00 9.60  ? 30  PRO B O   1 
ATOM   926  C CB  . PRO B 1 30 ? 16.556  10.033  -9.698  1.00 9.56  ? 30  PRO B CB  1 
ATOM   927  C CG  . PRO B 1 30 ? 16.320  8.986   -10.756 1.00 9.32  ? 30  PRO B CG  1 
ATOM   928  C CD  . PRO B 1 30 ? 14.774  8.926   -10.770 1.00 11.62 ? 30  PRO B CD  1 
ATOM   929  N N   . GLY B 1 31 ? 15.569  10.885  -6.539  1.00 7.94  ? 31  GLY B N   1 
ATOM   930  C CA  . GLY B 1 31 ? 15.139  11.868  -5.583  1.00 7.65  ? 31  GLY B CA  1 
ATOM   931  C C   . GLY B 1 31 ? 14.021  11.486  -4.643  1.00 8.22  ? 31  GLY B C   1 
ATOM   932  O O   . GLY B 1 31 ? 13.840  12.172  -3.590  1.00 10.45 ? 31  GLY B O   1 
ATOM   933  N N   . ALA B 1 32 ? 13.301  10.403  -4.961  1.00 6.69  ? 32  ALA B N   1 
ATOM   934  C CA  . ALA B 1 32 ? 12.118  9.992   -4.198  1.00 7.60  ? 32  ALA B CA  1 
ATOM   935  C C   . ALA B 1 32 ? 12.463  9.258   -2.937  1.00 7.17  ? 32  ALA B C   1 
ATOM   936  O O   . ALA B 1 32 ? 13.361  8.382   -2.928  1.00 7.63  ? 32  ALA B O   1 
ATOM   937  C CB  . ALA B 1 32 ? 11.123  9.164   -5.030  1.00 10.40 ? 32  ALA B CB  1 
ATOM   938  N N   . ASN B 1 33 ? 11.644  9.535   -1.930  1.00 4.94  ? 33  ASN B N   1 
ATOM   939  C CA  . ASN B 1 33 ? 11.542  8.722   -0.745  1.00 5.48  ? 33  ASN B CA  1 
ATOM   940  C C   . ASN B 1 33 ? 10.379  7.819   -0.663  1.00 7.64  ? 33  ASN B C   1 
ATOM   941  O O   . ASN B 1 33 ? 10.415  6.746   0.026   1.00 8.18  ? 33  ASN B O   1 
ATOM   942  C CB  . ASN B 1 33 ? 11.464  9.633   0.497   1.00 7.06  ? 33  ASN B CB  1 
ATOM   943  C CG  . ASN B 1 33 ? 12.636  10.587  0.611   1.00 12.96 ? 33  ASN B CG  1 
ATOM   944  O OD1 . ASN B 1 33 ? 12.476  11.797  0.630   1.00 20.09 ? 33  ASN B OD1 1 
ATOM   945  N ND2 . ASN B 1 33 ? 13.811  10.045  0.598   1.00 13.79 ? 33  ASN B ND2 1 
ATOM   946  N N   . SER B 1 34 ? 9.262   8.285   -1.225  1.00 5.85  ? 34  SER B N   1 
ATOM   947  C CA  . SER B 1 34 ? 8.035   7.506   -1.184  1.00 5.36  ? 34  SER B CA  1 
ATOM   948  C C   . SER B 1 34 ? 7.130   7.981   -2.303  1.00 4.12  ? 34  SER B C   1 
ATOM   949  O O   . SER B 1 34 ? 7.506   8.878   -3.071  1.00 3.56  ? 34  SER B O   1 
ATOM   950  C CB  . SER B 1 34 ? 7.359   7.746   0.178   1.00 6.88  ? 34  SER B CB  1 
ATOM   951  O OG  . SER B 1 34 ? 6.851   9.063   0.321   1.00 7.25  ? 34  SER B OG  1 
ATOM   952  N N   . TYR B 1 35 ? 5.958   7.308   -2.413  1.00 5.51  ? 35  TYR B N   1 
ATOM   953  C CA  . TYR B 1 35 ? 5.077   7.456   -3.543  1.00 2.62  ? 35  TYR B CA  1 
ATOM   954  C C   . TYR B 1 35 ? 3.627   7.540   -3.058  1.00 3.50  ? 35  TYR B C   1 
ATOM   955  O O   . TYR B 1 35 ? 3.254   6.901   -2.081  1.00 3.71  ? 35  TYR B O   1 
ATOM   956  C CB  . TYR B 1 35 ? 5.172   6.312   -4.556  1.00 2.27  ? 35  TYR B CB  1 
ATOM   957  C CG  . TYR B 1 35 ? 6.563   6.170   -5.083  1.00 2.99  ? 35  TYR B CG  1 
ATOM   958  C CD1 . TYR B 1 35 ? 7.036   7.045   -6.052  1.00 2.64  ? 35  TYR B CD1 1 
ATOM   959  C CD2 . TYR B 1 35 ? 7.472   5.242   -4.542  1.00 5.11  ? 35  TYR B CD2 1 
ATOM   960  C CE1 . TYR B 1 35 ? 8.335   6.964   -6.513  1.00 4.52  ? 35  TYR B CE1 1 
ATOM   961  C CE2 . TYR B 1 35 ? 8.783   5.198   -4.982  1.00 7.31  ? 35  TYR B CE2 1 
ATOM   962  C CZ  . TYR B 1 35 ? 9.194   6.039   -5.978  1.00 5.19  ? 35  TYR B CZ  1 
ATOM   963  O OH  . TYR B 1 35 ? 10.547  6.037   -6.337  1.00 6.73  ? 35  TYR B OH  1 
ATOM   964  N N   A ASN B 1 36 ? 2.829   8.308   -3.778  0.70 4.74  ? 36  ASN B N   1 
ATOM   965  N N   B ASN B 1 36 ? 2.836   8.319   -3.781  0.30 4.07  ? 36  ASN B N   1 
ATOM   966  C CA  A ASN B 1 36 ? 1.375   8.464   -3.566  0.70 5.33  ? 36  ASN B CA  1 
ATOM   967  C CA  B ASN B 1 36 ? 1.390   8.396   -3.601  0.30 4.30  ? 36  ASN B CA  1 
ATOM   968  C C   A ASN B 1 36 ? 0.640   7.962   -4.839  0.70 5.92  ? 36  ASN B C   1 
ATOM   969  C C   B ASN B 1 36 ? 0.709   7.891   -4.862  0.30 4.72  ? 36  ASN B C   1 
ATOM   970  O O   A ASN B 1 36 ? 0.906   8.413   -5.984  0.70 6.82  ? 36  ASN B O   1 
ATOM   971  O O   B ASN B 1 36 ? 1.046   8.301   -5.986  0.30 4.96  ? 36  ASN B O   1 
ATOM   972  C CB  A ASN B 1 36 ? 0.996   9.933   -3.282  0.70 6.62  ? 36  ASN B CB  1 
ATOM   973  C CB  B ASN B 1 36 ? 0.945   9.829   -3.339  0.30 4.74  ? 36  ASN B CB  1 
ATOM   974  C CG  A ASN B 1 36 ? 1.402   10.422  -1.889  0.70 8.87  ? 36  ASN B CG  1 
ATOM   975  C CG  B ASN B 1 36 ? 1.830   10.535  -2.360  0.30 4.94  ? 36  ASN B CG  1 
ATOM   976  O OD1 A ASN B 1 36 ? 1.765   9.659   -0.985  0.70 9.99  ? 36  ASN B OD1 1 
ATOM   977  O OD1 B ASN B 1 36 ? 1.682   10.364  -1.141  0.30 2.26  ? 36  ASN B OD1 1 
ATOM   978  N ND2 A ASN B 1 36 ? 1.348   11.753  -1.725  0.70 11.07 ? 36  ASN B ND2 1 
ATOM   979  N ND2 B ASN B 1 36 ? 2.734   11.362  -2.873  0.30 4.95  ? 36  ASN B ND2 1 
ATOM   980  N N   . VAL B 1 37 ? -0.220  6.968   -4.680  1.00 4.16  ? 37  VAL B N   1 
ATOM   981  C CA  . VAL B 1 37 ? -0.992  6.417   -5.760  1.00 2.62  ? 37  VAL B CA  1 
ATOM   982  C C   . VAL B 1 37 ? -2.343  7.190   -5.834  1.00 4.81  ? 37  VAL B C   1 
ATOM   983  O O   . VAL B 1 37 ? -3.070  7.368   -4.826  1.00 5.01  ? 37  VAL B O   1 
ATOM   984  C CB  . VAL B 1 37 ? -1.189  4.924   -5.589  1.00 3.65  ? 37  VAL B CB  1 
ATOM   985  C CG1 . VAL B 1 37 ? -2.198  4.432   -6.631  1.00 4.84  ? 37  VAL B CG1 1 
ATOM   986  C CG2 . VAL B 1 37 ? 0.151   4.134   -5.607  1.00 5.69  ? 37  VAL B CG2 1 
ATOM   987  N N   . LYS B 1 38 ? -2.699  7.579   -7.049  1.00 4.13  ? 38  LYS B N   1 
ATOM   988  C CA  . LYS B 1 38 ? -3.952  8.357   -7.288  1.00 5.55  ? 38  LYS B CA  1 
ATOM   989  C C   . LYS B 1 38 ? -4.730  7.755   -8.446  1.00 5.78  ? 38  LYS B C   1 
ATOM   990  O O   . LYS B 1 38 ? -4.171  7.122   -9.342  1.00 6.21  ? 38  LYS B O   1 
ATOM   991  C CB  . LYS B 1 38 ? -3.653  9.823   -7.558  1.00 6.26  ? 38  LYS B CB  1 
ATOM   992  C CG  . LYS B 1 38 ? -2.564  10.398  -6.660  1.00 4.58  ? 38  LYS B CG  1 
ATOM   993  C CD  . LYS B 1 38 ? -2.300  11.858  -6.961  1.00 6.38  ? 38  LYS B CD  1 
ATOM   994  C CE  . LYS B 1 38 ? -1.333  12.431  -5.942  1.00 7.70  ? 38  LYS B CE  1 
ATOM   995  N NZ  . LYS B 1 38 ? -0.828  13.819  -6.316  1.00 7.28  ? 38  LYS B NZ  1 
ATOM   996  N N   . ARG B 1 39 ? -6.040  7.980   -8.451  1.00 5.74  ? 39  ARG B N   1 
ATOM   997  C CA  . ARG B 1 39 ? -6.937  7.284   -9.381  1.00 6.49  ? 39  ARG B CA  1 
ATOM   998  C C   . ARG B 1 39 ? -8.072  8.248   -9.712  1.00 8.77  ? 39  ARG B C   1 
ATOM   999  O O   . ARG B 1 39 ? -8.510  9.040   -8.869  1.00 6.85  ? 39  ARG B O   1 
ATOM   1000 C CB  . ARG B 1 39 ? -7.489  6.042   -8.685  1.00 6.56  ? 39  ARG B CB  1 
ATOM   1001 C CG  . ARG B 1 39 ? -8.366  5.116   -9.594  1.00 9.88  ? 39  ARG B CG  1 
ATOM   1002 C CD  . ARG B 1 39 ? -8.830  3.880   -8.788  1.00 9.78  ? 39  ARG B CD  1 
ATOM   1003 N NE  . ARG B 1 39 ? -9.919  4.311   -7.911  1.00 10.53 ? 39  ARG B NE  1 
ATOM   1004 C CZ  . ARG B 1 39 ? -10.199 3.765   -6.719  1.00 18.70 ? 39  ARG B CZ  1 
ATOM   1005 N NH1 . ARG B 1 39 ? -9.591  2.668   -6.278  1.00 12.71 ? 39  ARG B NH1 1 
ATOM   1006 N NH2 . ARG B 1 39 ? -11.120 4.330   -5.909  1.00 20.34 ? 39  ARG B NH2 1 
ATOM   1007 N N   . SER B 1 40 ? -8.573  8.095   -10.922 1.00 7.19  ? 40  SER B N   1 
ATOM   1008 C CA  . SER B 1 40 ? -9.702  8.865   -11.446 1.00 8.66  ? 40  SER B CA  1 
ATOM   1009 C C   . SER B 1 40 ? -10.582 7.910   -12.294 1.00 10.31 ? 40  SER B C   1 
ATOM   1010 O O   . SER B 1 40 ? -10.109 6.907   -12.770 1.00 10.44 ? 40  SER B O   1 
ATOM   1011 C CB  . SER B 1 40 ? -9.250  10.003  -12.318 1.00 9.20  ? 40  SER B CB  1 
ATOM   1012 O OG  . SER B 1 40 ? -10.402 10.779  -12.783 1.00 12.98 ? 40  SER B OG  1 
ATOM   1013 N N   . THR B 1 41 ? -11.852 8.265   -12.450 1.00 13.20 ? 41  THR B N   1 
ATOM   1014 C CA  . THR B 1 41 ? -12.712 7.617   -13.448 1.00 14.15 ? 41  THR B CA  1 
ATOM   1015 C C   . THR B 1 41 ? -12.719 8.403   -14.748 1.00 15.64 ? 41  THR B C   1 
ATOM   1016 O O   . THR B 1 41 ? -13.253 7.915   -15.725 1.00 19.47 ? 41  THR B O   1 
ATOM   1017 C CB  . THR B 1 41 ? -14.106 7.396   -12.911 1.00 16.14 ? 41  THR B CB  1 
ATOM   1018 O OG1 . THR B 1 41 ? -14.648 8.667   -12.581 1.00 19.79 ? 41  THR B OG1 1 
ATOM   1019 C CG2 . THR B 1 41 ? -14.104 6.461   -11.719 1.00 19.63 ? 41  THR B CG2 1 
ATOM   1020 N N   . LYS B 1 42 ? -12.006 9.521   -14.849 1.00 16.42 ? 42  LYS B N   1 
ATOM   1021 C CA  . LYS B 1 42 ? -11.873 10.294  -16.084 1.00 17.51 ? 42  LYS B CA  1 
ATOM   1022 C C   . LYS B 1 42 ? -10.405 10.511  -16.453 1.00 16.78 ? 42  LYS B C   1 
ATOM   1023 O O   . LYS B 1 42 ? -9.605  10.822  -15.603 1.00 14.68 ? 42  LYS B O   1 
ATOM   1024 C CB  . LYS B 1 42 ? -12.609 11.619  -15.888 1.00 17.85 ? 42  LYS B CB  1 
ATOM   1025 C CG  . LYS B 1 42 ? -12.551 12.637  -17.045 1.00 22.98 ? 42  LYS B CG  1 
ATOM   1026 C CD  . LYS B 1 42 ? -13.154 14.071  -16.651 1.00 28.81 ? 42  LYS B CD  1 
ATOM   1027 C CE  . LYS B 1 42 ? -14.286 14.025  -15.597 1.00 32.05 ? 42  LYS B CE  1 
ATOM   1028 N NZ  . LYS B 1 42 ? -14.352 15.232  -14.663 1.00 34.11 ? 42  LYS B NZ  1 
ATOM   1029 N N   . SER B 1 43 ? -10.055 10.358  -17.730 1.00 14.20 ? 43  SER B N   1 
ATOM   1030 C CA  . SER B 1 43 ? -8.727  10.657  -18.194 1.00 14.11 ? 43  SER B CA  1 
ATOM   1031 C C   . SER B 1 43 ? -8.375  12.128  -17.932 1.00 16.00 ? 43  SER B C   1 
ATOM   1032 O O   . SER B 1 43 ? -9.186  13.036  -18.187 1.00 19.44 ? 43  SER B O   1 
ATOM   1033 C CB  . SER B 1 43 ? -8.570  10.298  -19.696 1.00 13.39 ? 43  SER B CB  1 
ATOM   1034 O OG  . SER B 1 43 ? -7.246  10.454  -20.097 1.00 16.76 ? 43  SER B OG  1 
ATOM   1035 N N   . GLY B 1 44 ? -7.240  12.362  -17.289 1.00 13.64 ? 44  GLY B N   1 
ATOM   1036 C CA  . GLY B 1 44 ? -6.802  13.666  -16.925 1.00 15.55 ? 44  GLY B CA  1 
ATOM   1037 C C   . GLY B 1 44 ? -7.217  14.139  -15.538 1.00 16.06 ? 44  GLY B C   1 
ATOM   1038 O O   . GLY B 1 44 ? -6.711  15.159  -15.031 1.00 16.99 ? 44  GLY B O   1 
ATOM   1039 N N   . GLY B 1 45 ? -8.045  13.343  -14.880 1.00 14.74 ? 45  GLY B N   1 
ATOM   1040 C CA  . GLY B 1 45 ? -8.439  13.601  -13.534 1.00 15.14 ? 45  GLY B CA  1 
ATOM   1041 C C   . GLY B 1 45 ? -9.649  14.520  -13.517 1.00 16.10 ? 45  GLY B C   1 
ATOM   1042 O O   . GLY B 1 45 ? -10.358 14.589  -14.529 1.00 16.88 ? 45  GLY B O   1 
ATOM   1043 N N   . PRO B 1 46 ? -9.927  15.183  -12.405 1.00 17.38 ? 46  PRO B N   1 
ATOM   1044 C CA  . PRO B 1 46 ? -9.097  15.172  -11.164 1.00 16.95 ? 46  PRO B CA  1 
ATOM   1045 C C   . PRO B 1 46 ? -8.898  13.804  -10.518 1.00 13.51 ? 46  PRO B C   1 
ATOM   1046 O O   . PRO B 1 46 ? -9.789  12.963  -10.584 1.00 13.63 ? 46  PRO B O   1 
ATOM   1047 C CB  . PRO B 1 46 ? -9.854  16.098  -10.232 1.00 18.35 ? 46  PRO B CB  1 
ATOM   1048 C CG  . PRO B 1 46 ? -11.254 15.994  -10.655 1.00 22.42 ? 46  PRO B CG  1 
ATOM   1049 C CD  . PRO B 1 46 ? -11.235 15.839  -12.150 1.00 21.02 ? 46  PRO B CD  1 
ATOM   1050 N N   . TYR B 1 47 ? -7.758  13.669  -9.811  1.00 10.28 ? 47  TYR B N   1 
ATOM   1051 C CA  . TYR B 1 47 ? -7.383  12.420  -9.226  1.00 9.27  ? 47  TYR B CA  1 
ATOM   1052 C C   . TYR B 1 47 ? -7.716  12.412  -7.737  1.00 10.24 ? 47  TYR B C   1 
ATOM   1053 O O   . TYR B 1 47 ? -7.683  13.469  -7.024  1.00 13.75 ? 47  TYR B O   1 
ATOM   1054 C CB  . TYR B 1 47 ? -5.902  12.090  -9.467  1.00 10.35 ? 47  TYR B CB  1 
ATOM   1055 C CG  . TYR B 1 47 ? -5.548  12.019  -10.947 1.00 8.28  ? 47  TYR B CG  1 
ATOM   1056 C CD1 . TYR B 1 47 ? -5.741  10.854  -11.708 1.00 10.44 ? 47  TYR B CD1 1 
ATOM   1057 C CD2 . TYR B 1 47 ? -5.015  13.137  -11.614 1.00 10.59 ? 47  TYR B CD2 1 
ATOM   1058 C CE1 . TYR B 1 47 ? -5.474  10.826  -13.090 1.00 10.10 ? 47  TYR B CE1 1 
ATOM   1059 C CE2 . TYR B 1 47 ? -4.693  13.058  -12.972 1.00 10.51 ? 47  TYR B CE2 1 
ATOM   1060 C CZ  . TYR B 1 47 ? -4.923  11.898  -13.679 1.00 8.90  ? 47  TYR B CZ  1 
ATOM   1061 O OH  . TYR B 1 47 ? -4.631  11.758  -15.009 1.00 13.98 ? 47  TYR B OH  1 
ATOM   1062 N N   . THR B 1 48 ? -8.071  11.247  -7.247  1.00 7.16  ? 48  THR B N   1 
ATOM   1063 C CA  . THR B 1 48 ? -8.230  10.999  -5.826  1.00 6.51  ? 48  THR B CA  1 
ATOM   1064 C C   . THR B 1 48 ? -7.023  10.248  -5.300  1.00 7.34  ? 48  THR B C   1 
ATOM   1065 O O   . THR B 1 48 ? -6.578  9.284   -5.912  1.00 7.53  ? 48  THR B O   1 
ATOM   1066 C CB  . THR B 1 48 ? -9.498  10.130  -5.617  1.00 7.46  ? 48  THR B CB  1 
ATOM   1067 O OG1 . THR B 1 48 ? -10.659 10.823  -6.121  1.00 8.94  ? 48  THR B OG1 1 
ATOM   1068 C CG2 . THR B 1 48 ? -9.690  9.779   -4.176  1.00 6.80  ? 48  THR B CG2 1 
ATOM   1069 N N   . THR B 1 49 ? -6.433  10.699  -4.173  1.00 7.51  ? 49  THR B N   1 
ATOM   1070 C CA  . THR B 1 49 ? -5.322  9.959   -3.594  1.00 6.05  ? 49  THR B CA  1 
ATOM   1071 C C   . THR B 1 49 ? -5.895  8.706   -2.964  1.00 8.84  ? 49  THR B C   1 
ATOM   1072 O O   . THR B 1 49 ? -6.821  8.810   -2.146  1.00 8.22  ? 49  THR B O   1 
ATOM   1073 C CB  . THR B 1 49 ? -4.565  10.833  -2.575  1.00 7.59  ? 49  THR B CB  1 
ATOM   1074 O OG1 . THR B 1 49 ? -3.944  11.910  -3.302  1.00 8.24  ? 49  THR B OG1 1 
ATOM   1075 C CG2 . THR B 1 49 ? -3.533  9.989   -1.872  1.00 8.10  ? 49  THR B CG2 1 
ATOM   1076 N N   . ILE B 1 50 ? -5.418  7.523   -3.394  1.00 7.68  ? 50  ILE B N   1 
ATOM   1077 C CA  . ILE B 1 50 ? -5.880  6.291   -2.804  1.00 5.68  ? 50  ILE B CA  1 
ATOM   1078 C C   . ILE B 1 50 ? -4.946  5.607   -1.817  1.00 6.34  ? 50  ILE B C   1 
ATOM   1079 O O   . ILE B 1 50 ? -5.413  4.805   -0.986  1.00 9.16  ? 50  ILE B O   1 
ATOM   1080 C CB  . ILE B 1 50 ? -6.364  5.335   -3.861  1.00 8.07  ? 50  ILE B CB  1 
ATOM   1081 C CG1 . ILE B 1 50 ? -5.289  4.811   -4.770  1.00 8.92  ? 50  ILE B CG1 1 
ATOM   1082 C CG2 . ILE B 1 50 ? -7.703  5.853   -4.682  1.00 9.31  ? 50  ILE B CG2 1 
ATOM   1083 C CD1 . ILE B 1 50 ? -5.838  3.576   -5.656  1.00 12.45 ? 50  ILE B CD1 1 
ATOM   1084 N N   . ALA B 1 51 ? -3.638  5.843   -1.886  1.00 3.46  ? 51  ALA B N   1 
ATOM   1085 C CA  . ALA B 1 51 ? -2.695  5.255   -0.998  1.00 4.05  ? 51  ALA B CA  1 
ATOM   1086 C C   . ALA B 1 51 ? -1.466  6.095   -0.952  1.00 5.83  ? 51  ALA B C   1 
ATOM   1087 O O   . ALA B 1 51 ? -1.088  6.780   -1.924  1.00 7.89  ? 51  ALA B O   1 
ATOM   1088 C CB  . ALA B 1 51 ? -2.353  3.826   -1.455  1.00 3.74  ? 51  ALA B CB  1 
ATOM   1089 N N   A THR B 1 52 ? -0.854  6.123   0.210   0.70 4.82  ? 52  THR B N   1 
ATOM   1090 N N   B THR B 1 52 ? -0.839  6.084   0.218   0.30 5.44  ? 52  THR B N   1 
ATOM   1091 C CA  A THR B 1 52 ? 0.316   6.976   0.440   0.70 6.46  ? 52  THR B CA  1 
ATOM   1092 C CA  B THR B 1 52 ? 0.266   6.985   0.553   0.30 5.81  ? 52  THR B CA  1 
ATOM   1093 C C   A THR B 1 52 ? 1.396   6.269   1.251   0.70 5.82  ? 52  THR B C   1 
ATOM   1094 C C   B THR B 1 52 ? 1.408   6.257   1.244   0.30 5.44  ? 52  THR B C   1 
ATOM   1095 O O   A THR B 1 52 ? 1.183   5.137   1.794   0.70 5.40  ? 52  THR B O   1 
ATOM   1096 O O   B THR B 1 52 ? 1.244   5.122   1.728   0.30 5.66  ? 52  THR B O   1 
ATOM   1097 C CB  A THR B 1 52 ? -0.162  8.243   1.122   0.70 7.94  ? 52  THR B CB  1 
ATOM   1098 C CB  B THR B 1 52 ? -0.226  8.042   1.514   0.30 6.93  ? 52  THR B CB  1 
ATOM   1099 O OG1 A THR B 1 52 ? 0.855   9.256   1.110   0.70 6.64  ? 52  THR B OG1 1 
ATOM   1100 O OG1 B THR B 1 52 ? -0.884  7.409   2.615   0.30 5.35  ? 52  THR B OG1 1 
ATOM   1101 C CG2 A THR B 1 52 ? -0.522  7.917   2.595   0.70 6.12  ? 52  THR B CG2 1 
ATOM   1102 C CG2 B THR B 1 52 ? -1.180  8.997   0.836   0.30 5.01  ? 52  THR B CG2 1 
ATOM   1103 N N   . ASN B 1 53 ? 2.552   6.937   1.336   1.00 4.14  ? 53  ASN B N   1 
ATOM   1104 C CA  . ASN B 1 53 ? 3.730   6.385   1.984   1.00 3.06  ? 53  ASN B CA  1 
ATOM   1105 C C   . ASN B 1 53 ? 4.206   5.025   1.537   1.00 2.97  ? 53  ASN B C   1 
ATOM   1106 O O   . ASN B 1 53 ? 4.895   4.297   2.271   1.00 5.84  ? 53  ASN B O   1 
ATOM   1107 C CB  . ASN B 1 53 ? 3.612   6.460   3.494   1.00 4.51  ? 53  ASN B CB  1 
ATOM   1108 C CG  . ASN B 1 53 ? 4.931   6.717   4.166   1.00 4.61  ? 53  ASN B CG  1 
ATOM   1109 O OD1 . ASN B 1 53 ? 5.813   7.310   3.574   1.00 8.29  ? 53  ASN B OD1 1 
ATOM   1110 N ND2 . ASN B 1 53 ? 5.105   6.175   5.385   1.00 6.70  ? 53  ASN B ND2 1 
ATOM   1111 N N   . ILE B 1 54 ? 4.103   4.833   0.252   1.00 4.61  ? 54  ILE B N   1 
ATOM   1112 C CA  . ILE B 1 54 ? 4.569   3.625   -0.443  1.00 4.03  ? 54  ILE B CA  1 
ATOM   1113 C C   . ILE B 1 54 ? 6.054   3.827   -0.745  1.00 3.59  ? 54  ILE B C   1 
ATOM   1114 O O   . ILE B 1 54 ? 6.441   4.773   -1.442  1.00 4.84  ? 54  ILE B O   1 
ATOM   1115 C CB  . ILE B 1 54 ? 3.765   3.304   -1.706  1.00 4.23  ? 54  ILE B CB  1 
ATOM   1116 C CG1 . ILE B 1 54 ? 2.265   3.032   -1.297  1.00 5.60  ? 54  ILE B CG1 1 
ATOM   1117 C CG2 . ILE B 1 54 ? 4.359   2.116   -2.438  1.00 3.59  ? 54  ILE B CG2 1 
ATOM   1118 C CD1 . ILE B 1 54 ? 1.310   3.184   -2.351  1.00 8.40  ? 54  ILE B CD1 1 
ATOM   1119 N N   . THR B 1 55 ? 6.878   2.885   -0.296  1.00 4.21  ? 55  THR B N   1 
ATOM   1120 C CA  . THR B 1 55 ? 8.284   2.949   -0.572  1.00 5.03  ? 55  THR B CA  1 
ATOM   1121 C C   . THR B 1 55 ? 8.811   1.991   -1.607  1.00 6.67  ? 55  THR B C   1 
ATOM   1122 O O   . THR B 1 55 ? 9.957   2.210   -2.089  1.00 9.62  ? 55  THR B O   1 
ATOM   1123 C CB  . THR B 1 55 ? 9.130   2.835   0.707   1.00 5.92  ? 55  THR B CB  1 
ATOM   1124 O OG1 . THR B 1 55 ? 9.095   1.512   1.229   1.00 7.67  ? 55  THR B OG1 1 
ATOM   1125 C CG2 . THR B 1 55 ? 8.736   3.950   1.761   1.00 6.42  ? 55  THR B CG2 1 
ATOM   1126 N N   . SER B 1 56 ? 8.022   0.983   -2.035  1.00 6.41  ? 56  SER B N   1 
ATOM   1127 C CA  . SER B 1 56 ? 8.399   0.047   -3.089  1.00 10.82 ? 56  SER B CA  1 
ATOM   1128 C C   . SER B 1 56 ? 7.510   0.332   -4.272  1.00 11.22 ? 56  SER B C   1 
ATOM   1129 O O   . SER B 1 56 ? 6.269   0.508   -4.088  1.00 17.12 ? 56  SER B O   1 
ATOM   1130 C CB  . SER B 1 56 ? 8.137   -1.404  -2.647  1.00 13.14 ? 56  SER B CB  1 
ATOM   1131 O OG  . SER B 1 56 ? 8.905   -1.661  -1.468  1.00 19.57 ? 56  SER B OG  1 
ATOM   1132 N N   . THR B 1 57 ? 8.016   0.136   -5.469  1.00 8.37  ? 57  THR B N   1 
ATOM   1133 C CA  . THR B 1 57 ? 7.354   0.576   -6.701  1.00 6.81  ? 57  THR B CA  1 
ATOM   1134 C C   . THR B 1 57 ? 6.266   -0.370  -7.255  1.00 5.88  ? 57  THR B C   1 
ATOM   1135 O O   . THR B 1 57 ? 6.200   -0.588  -8.463  1.00 8.92  ? 57  THR B O   1 
ATOM   1136 C CB  . THR B 1 57 ? 8.406   0.972   -7.736  1.00 6.49  ? 57  THR B CB  1 
ATOM   1137 O OG1 . THR B 1 57 ? 9.233   -0.146  -8.088  1.00 7.65  ? 57  THR B OG1 1 
ATOM   1138 C CG2 . THR B 1 57 ? 9.319   2.058   -7.222  1.00 7.29  ? 57  THR B CG2 1 
ATOM   1139 N N   . ASN B 1 58 ? 5.353   -0.762  -6.360  1.00 6.03  ? 58  ASN B N   1 
ATOM   1140 C CA  . ASN B 1 58 ? 4.209   -1.636  -6.669  1.00 8.48  ? 58  ASN B CA  1 
ATOM   1141 C C   . ASN B 1 58 ? 3.039   -1.249  -5.807  1.00 8.08  ? 58  ASN B C   1 
ATOM   1142 O O   . ASN B 1 58 ? 3.259   -0.812  -4.628  1.00 7.73  ? 58  ASN B O   1 
ATOM   1143 C CB  . ASN B 1 58 ? 4.544   -3.117  -6.405  1.00 10.32 ? 58  ASN B CB  1 
ATOM   1144 C CG  . ASN B 1 58 ? 5.560   -3.669  -7.407  1.00 12.95 ? 58  ASN B CG  1 
ATOM   1145 O OD1 . ASN B 1 58 ? 5.273   -3.967  -8.590  1.00 19.65 ? 58  ASN B OD1 1 
ATOM   1146 N ND2 . ASN B 1 58 ? 6.792   -3.717  -6.956  1.00 8.97  ? 58  ASN B ND2 1 
ATOM   1147 N N   . TYR B 1 59 ? 1.809   -1.448  -6.294  1.00 7.06  ? 59  TYR B N   1 
ATOM   1148 C CA  . TYR B 1 59 ? 0.678   -1.240  -5.441  1.00 8.15  ? 59  TYR B CA  1 
ATOM   1149 C C   . TYR B 1 59 ? -0.462  -2.110  -5.983  1.00 8.00  ? 59  TYR B C   1 
ATOM   1150 O O   . TYR B 1 59 ? -0.602  -2.210  -7.183  1.00 6.47  ? 59  TYR B O   1 
ATOM   1151 C CB  . TYR B 1 59 ? 0.247   0.241   -5.465  1.00 8.41  ? 59  TYR B CB  1 
ATOM   1152 C CG  . TYR B 1 59 ? -0.959  0.426   -4.634  1.00 7.70  ? 59  TYR B CG  1 
ATOM   1153 C CD1 . TYR B 1 59 ? -0.857  0.450   -3.216  1.00 6.05  ? 59  TYR B CD1 1 
ATOM   1154 C CD2 . TYR B 1 59 ? -2.191  0.715   -5.178  1.00 5.40  ? 59  TYR B CD2 1 
ATOM   1155 C CE1 . TYR B 1 59 ? -2.010  0.568   -2.435  1.00 5.93  ? 59  TYR B CE1 1 
ATOM   1156 C CE2 . TYR B 1 59 ? -3.287  0.851   -4.391  1.00 6.43  ? 59  TYR B CE2 1 
ATOM   1157 C CZ  . TYR B 1 59 ? -3.199  0.819   -3.002  1.00 7.81  ? 59  TYR B CZ  1 
ATOM   1158 O OH  . TYR B 1 59 ? -4.288  0.968   -2.142  1.00 8.55  ? 59  TYR B OH  1 
ATOM   1159 N N   A THR B 1 60 ? -1.206  -2.773  -5.093  0.70 7.48  ? 60  THR B N   1 
ATOM   1160 N N   B THR B 1 60 ? -1.193  -2.759  -5.075  0.30 7.16  ? 60  THR B N   1 
ATOM   1161 C CA  A THR B 1 60 ? -2.409  -3.511  -5.424  0.70 9.98  ? 60  THR B CA  1 
ATOM   1162 C CA  B THR B 1 60 ? -2.390  -3.536  -5.370  0.30 7.60  ? 60  THR B CA  1 
ATOM   1163 C C   A THR B 1 60 ? -3.666  -2.743  -5.004  0.70 9.55  ? 60  THR B C   1 
ATOM   1164 C C   B THR B 1 60 ? -3.629  -2.711  -4.992  0.30 8.44  ? 60  THR B C   1 
ATOM   1165 O O   A THR B 1 60 ? -3.921  -2.486  -3.843  0.70 10.83 ? 60  THR B O   1 
ATOM   1166 O O   B THR B 1 60 ? -3.837  -2.409  -3.824  0.30 8.84  ? 60  THR B O   1 
ATOM   1167 C CB  A THR B 1 60 ? -2.358  -4.895  -4.778  0.70 11.17 ? 60  THR B CB  1 
ATOM   1168 C CB  B THR B 1 60 ? -2.373  -4.853  -4.551  0.30 7.75  ? 60  THR B CB  1 
ATOM   1169 O OG1 A THR B 1 60 ? -1.306  -5.618  -5.405  0.70 13.40 ? 60  THR B OG1 1 
ATOM   1170 O OG1 B THR B 1 60 ? -2.700  -4.579  -3.184  0.30 7.12  ? 60  THR B OG1 1 
ATOM   1171 C CG2 A THR B 1 60 ? -3.652  -5.614  -4.989  0.70 13.68 ? 60  THR B CG2 1 
ATOM   1172 C CG2 B THR B 1 60 ? -0.998  -5.507  -4.628  0.30 4.28  ? 60  THR B CG2 1 
ATOM   1173 N N   . ASP B 1 61 ? -4.401  -2.276  -5.975  1.00 9.10  ? 61  ASP B N   1 
ATOM   1174 C CA  . ASP B 1 61 ? -5.649  -1.547  -5.718  1.00 9.80  ? 61  ASP B CA  1 
ATOM   1175 C C   . ASP B 1 61 ? -6.858  -2.550  -5.669  1.00 9.66  ? 61  ASP B C   1 
ATOM   1176 O O   . ASP B 1 61 ? -7.276  -3.049  -6.710  1.00 10.90 ? 61  ASP B O   1 
ATOM   1177 C CB  . ASP B 1 61 ? -5.915  -0.502  -6.764  1.00 9.24  ? 61  ASP B CB  1 
ATOM   1178 C CG  . ASP B 1 61 ? -7.182  0.285   -6.521  1.00 7.83  ? 61  ASP B CG  1 
ATOM   1179 O OD1 . ASP B 1 61 ? -7.883  0.150   -5.474  1.00 8.22  ? 61  ASP B OD1 1 
ATOM   1180 O OD2 . ASP B 1 61 ? -7.503  1.126   -7.373  1.00 8.94  ? 61  ASP B OD2 1 
ATOM   1181 N N   . THR B 1 62 ? -7.330  -2.858  -4.471  1.00 10.95 ? 62  THR B N   1 
ATOM   1182 C CA  . THR B 1 62 ? -8.460  -3.796  -4.343  1.00 13.98 ? 62  THR B CA  1 
ATOM   1183 C C   . THR B 1 62 ? -9.826  -3.091  -4.324  1.00 16.24 ? 62  THR B C   1 
ATOM   1184 O O   . THR B 1 62 ? -10.882 -3.717  -4.037  1.00 20.38 ? 62  THR B O   1 
ATOM   1185 C CB  . THR B 1 62 ? -8.236  -4.671  -3.046  1.00 15.16 ? 62  THR B CB  1 
ATOM   1186 O OG1 . THR B 1 62 ? -8.288  -3.811  -1.912  1.00 14.98 ? 62  THR B OG1 1 
ATOM   1187 C CG2 . THR B 1 62 ? -6.853  -5.330  -3.065  1.00 15.27 ? 62  THR B CG2 1 
ATOM   1188 N N   . GLY B 1 63 ? -9.829  -1.794  -4.564  1.00 13.86 ? 63  GLY B N   1 
ATOM   1189 C CA  . GLY B 1 63 ? -11.042 -0.996  -4.499  1.00 16.46 ? 63  GLY B CA  1 
ATOM   1190 C C   . GLY B 1 63 ? -11.743 -0.685  -5.818  1.00 17.72 ? 63  GLY B C   1 
ATOM   1191 O O   . GLY B 1 63 ? -12.584 0.218   -5.859  1.00 20.28 ? 63  GLY B O   1 
ATOM   1192 N N   . VAL B 1 64 ? -11.431 -1.430  -6.870  1.00 17.05 ? 64  VAL B N   1 
ATOM   1193 C CA  . VAL B 1 64 ? -11.968 -1.153  -8.207  1.00 17.20 ? 64  VAL B CA  1 
ATOM   1194 C C   . VAL B 1 64 ? -13.292 -1.922  -8.386  1.00 21.13 ? 64  VAL B C   1 
ATOM   1195 O O   . VAL B 1 64 ? -13.387 -3.099  -8.036  1.00 23.18 ? 64  VAL B O   1 
ATOM   1196 C CB  . VAL B 1 64 ? -10.996 -1.604  -9.364  1.00 17.67 ? 64  VAL B CB  1 
ATOM   1197 C CG1 . VAL B 1 64 ? -9.758  -0.659  -9.479  1.00 13.81 ? 64  VAL B CG1 1 
ATOM   1198 C CG2 . VAL B 1 64 ? -10.474 -3.042  -9.190  1.00 18.00 ? 64  VAL B CG2 1 
ATOM   1199 N N   . ALA B 1 65 ? -14.255 -1.275  -9.022  1.00 24.19 ? 65  ALA B N   1 
ATOM   1200 C CA  . ALA B 1 65 ? -15.491 -1.936  -9.464  1.00 25.48 ? 65  ALA B CA  1 
ATOM   1201 C C   . ALA B 1 65 ? -15.165 -2.822  -10.647 1.00 27.20 ? 65  ALA B C   1 
ATOM   1202 O O   . ALA B 1 65 ? -14.420 -2.413  -11.529 1.00 25.79 ? 65  ALA B O   1 
ATOM   1203 C CB  . ALA B 1 65 ? -16.537 -0.880  -9.830  1.00 24.04 ? 65  ALA B CB  1 
ATOM   1204 N N   . THR B 1 66 ? -15.717 -4.048  -10.663 1.00 28.07 ? 66  THR B N   1 
ATOM   1205 C CA  . THR B 1 66 ? -15.513 -4.912  -11.809 1.00 28.95 ? 66  THR B CA  1 
ATOM   1206 C C   . THR B 1 66 ? -16.097 -4.256  -13.050 1.00 27.69 ? 66  THR B C   1 
ATOM   1207 O O   . THR B 1 66 ? -17.120 -3.536  -12.993 1.00 26.16 ? 66  THR B O   1 
ATOM   1208 C CB  . THR B 1 66 ? -16.070 -6.335  -11.645 1.00 29.56 ? 66  THR B CB  1 
ATOM   1209 O OG1 . THR B 1 66 ? -15.565 -6.891  -10.428 1.00 31.32 ? 66  THR B OG1 1 
ATOM   1210 C CG2 . THR B 1 66 ? -15.593 -7.226  -12.831 1.00 32.02 ? 66  THR B CG2 1 
ATOM   1211 N N   . GLY B 1 67 ? -15.375 -4.446  -14.149 1.00 26.05 ? 67  GLY B N   1 
ATOM   1212 C CA  . GLY B 1 67 ? -15.798 -3.943  -15.422 1.00 24.78 ? 67  GLY B CA  1 
ATOM   1213 C C   . GLY B 1 67 ? -15.636 -2.462  -15.653 1.00 23.50 ? 67  GLY B C   1 
ATOM   1214 O O   . GLY B 1 67 ? -15.996 -1.993  -16.724 1.00 25.14 ? 67  GLY B O   1 
ATOM   1215 N N   . THR B 1 68 ? -15.019 -1.748  -14.693 1.00 20.29 ? 68  THR B N   1 
ATOM   1216 C CA  . THR B 1 68 ? -14.918 -0.302  -14.720 1.00 18.71 ? 68  THR B CA  1 
ATOM   1217 C C   . THR B 1 68 ? -13.515 0.171   -15.090 1.00 15.71 ? 68  THR B C   1 
ATOM   1218 O O   . THR B 1 68 ? -12.533 -0.441  -14.617 1.00 16.19 ? 68  THR B O   1 
ATOM   1219 C CB  . THR B 1 68 ? -15.308 0.281   -13.380 1.00 18.95 ? 68  THR B CB  1 
ATOM   1220 O OG1 . THR B 1 68 ? -16.703 -0.015  -13.168 1.00 24.70 ? 68  THR B OG1 1 
ATOM   1221 C CG2 . THR B 1 68 ? -15.064 1.808   -13.323 1.00 18.92 ? 68  THR B CG2 1 
ATOM   1222 N N   . LYS B 1 69 ? -13.450 1.171   -15.976 1.00 13.62 ? 69  LYS B N   1 
ATOM   1223 C CA  . LYS B 1 69 ? -12.181 1.707   -16.417 1.00 14.67 ? 69  LYS B CA  1 
ATOM   1224 C C   . LYS B 1 69 ? -11.714 2.781   -15.416 1.00 12.29 ? 69  LYS B C   1 
ATOM   1225 O O   . LYS B 1 69 ? -12.488 3.699   -15.064 1.00 14.84 ? 69  LYS B O   1 
ATOM   1226 C CB  . LYS B 1 69 ? -12.257 2.343   -17.801 1.00 14.49 ? 69  LYS B CB  1 
ATOM   1227 C CG  . LYS B 1 69 ? -10.909 2.710   -18.362 1.00 14.51 ? 69  LYS B CG  1 
ATOM   1228 C CD  . LYS B 1 69 ? -11.005 3.268   -19.782 1.00 22.38 ? 69  LYS B CD  1 
ATOM   1229 C CE  . LYS B 1 69 ? -10.909 2.140   -20.779 1.00 22.14 ? 69  LYS B CE  1 
ATOM   1230 N NZ  . LYS B 1 69 ? -10.669 2.639   -22.131 1.00 25.20 ? 69  LYS B NZ  1 
ATOM   1231 N N   . TYR B 1 70 ? -10.475 2.668   -14.974 1.00 11.16 ? 70  TYR B N   1 
ATOM   1232 C CA  . TYR B 1 70 ? -9.878  3.669   -14.085 1.00 10.62 ? 70  TYR B CA  1 
ATOM   1233 C C   . TYR B 1 70 ? -8.599  4.172   -14.753 1.00 10.20 ? 70  TYR B C   1 
ATOM   1234 O O   . TYR B 1 70 ? -7.998  3.470   -15.603 1.00 9.96  ? 70  TYR B O   1 
ATOM   1235 C CB  . TYR B 1 70 ? -9.572  3.092   -12.715 1.00 9.61  ? 70  TYR B CB  1 
ATOM   1236 C CG  . TYR B 1 70 ? -10.759 2.682   -11.962 1.00 12.10 ? 70  TYR B CG  1 
ATOM   1237 C CD1 . TYR B 1 70 ? -11.419 3.586   -11.173 1.00 12.26 ? 70  TYR B CD1 1 
ATOM   1238 C CD2 . TYR B 1 70 ? -11.240 1.372   -12.027 1.00 13.18 ? 70  TYR B CD2 1 
ATOM   1239 C CE1 . TYR B 1 70 ? -12.590 3.204   -10.483 1.00 15.76 ? 70  TYR B CE1 1 
ATOM   1240 C CE2 . TYR B 1 70 ? -12.380 0.991   -11.318 1.00 14.45 ? 70  TYR B CE2 1 
ATOM   1241 C CZ  . TYR B 1 70 ? -13.036 1.920   -10.565 1.00 15.42 ? 70  TYR B CZ  1 
ATOM   1242 O OH  . TYR B 1 70 ? -14.143 1.559   -9.803  1.00 20.24 ? 70  TYR B OH  1 
ATOM   1243 N N   . TYR B 1 71 ? -8.143  5.347   -14.277 1.00 8.67  ? 71  TYR B N   1 
ATOM   1244 C CA  . TYR B 1 71 ? -6.966  6.013   -14.751 1.00 7.89  ? 71  TYR B CA  1 
ATOM   1245 C C   . TYR B 1 71 ? -6.136  6.316   -13.522 1.00 8.52  ? 71  TYR B C   1 
ATOM   1246 O O   . TYR B 1 71 ? -6.687  6.873   -12.527 1.00 8.92  ? 71  TYR B O   1 
ATOM   1247 C CB  . TYR B 1 71 ? -7.325  7.339   -15.424 1.00 7.67  ? 71  TYR B CB  1 
ATOM   1248 C CG  . TYR B 1 71 ? -8.286  7.150   -16.585 1.00 11.82 ? 71  TYR B CG  1 
ATOM   1249 C CD1 . TYR B 1 71 ? -7.778  7.005   -17.880 1.00 12.43 ? 71  TYR B CD1 1 
ATOM   1250 C CD2 . TYR B 1 71 ? -9.627  6.972   -16.347 1.00 12.76 ? 71  TYR B CD2 1 
ATOM   1251 C CE1 . TYR B 1 71 ? -8.642  6.826   -18.933 1.00 12.84 ? 71  TYR B CE1 1 
ATOM   1252 C CE2 . TYR B 1 71 ? -10.505 6.753   -17.423 1.00 17.61 ? 71  TYR B CE2 1 
ATOM   1253 C CZ  . TYR B 1 71 ? -9.947  6.689   -18.691 1.00 14.33 ? 71  TYR B CZ  1 
ATOM   1254 O OH  . TYR B 1 71 ? -10.730 6.484   -19.831 1.00 18.40 ? 71  TYR B OH  1 
ATOM   1255 N N   . TYR B 1 72 ? -4.852  6.003   -13.590 1.00 6.57  ? 72  TYR B N   1 
ATOM   1256 C CA  . TYR B 1 72 ? -4.000  6.153   -12.407 1.00 5.82  ? 72  TYR B CA  1 
ATOM   1257 C C   . TYR B 1 72 ? -2.850  7.074   -12.716 1.00 5.32  ? 72  TYR B C   1 
ATOM   1258 O O   . TYR B 1 72 ? -2.355  7.088   -13.829 1.00 5.56  ? 72  TYR B O   1 
ATOM   1259 C CB  . TYR B 1 72 ? -3.419  4.777   -12.002 1.00 4.44  ? 72  TYR B CB  1 
ATOM   1260 C CG  . TYR B 1 72 ? -4.388  3.734   -11.450 1.00 6.39  ? 72  TYR B CG  1 
ATOM   1261 C CD1 . TYR B 1 72 ? -4.703  3.677   -10.102 1.00 5.61  ? 72  TYR B CD1 1 
ATOM   1262 C CD2 . TYR B 1 72 ? -5.060  2.847   -12.292 1.00 8.08  ? 72  TYR B CD2 1 
ATOM   1263 C CE1 . TYR B 1 72 ? -5.586  2.755   -9.602  1.00 5.86  ? 72  TYR B CE1 1 
ATOM   1264 C CE2 . TYR B 1 72 ? -5.927  1.938   -11.823 1.00 7.12  ? 72  TYR B CE2 1 
ATOM   1265 C CZ  . TYR B 1 72 ? -6.212  1.880   -10.484 1.00 7.03  ? 72  TYR B CZ  1 
ATOM   1266 O OH  . TYR B 1 72 ? -7.087  0.879   -10.030 1.00 9.10  ? 72  TYR B OH  1 
ATOM   1267 N N   . VAL B 1 73 ? -2.336  7.725   -11.658 1.00 6.22  ? 73  VAL B N   1 
ATOM   1268 C CA  . VAL B 1 73 ? -1.036  8.394   -11.705 1.00 5.31  ? 73  VAL B CA  1 
ATOM   1269 C C   . VAL B 1 73 ? -0.376  8.109   -10.376 1.00 5.10  ? 73  VAL B C   1 
ATOM   1270 O O   . VAL B 1 73 ? -1.081  7.866   -9.354  1.00 6.44  ? 73  VAL B O   1 
ATOM   1271 C CB  . VAL B 1 73 ? -1.142  9.944   -11.919 1.00 6.15  ? 73  VAL B CB  1 
ATOM   1272 C CG1 . VAL B 1 73 ? -1.725  10.282  -13.309 1.00 6.06  ? 73  VAL B CG1 1 
ATOM   1273 C CG2 . VAL B 1 73 ? -1.901  10.608  -10.833 1.00 7.45  ? 73  VAL B CG2 1 
ATOM   1274 N N   . VAL B 1 74 ? 0.952   8.199   -10.350 1.00 5.03  ? 74  VAL B N   1 
ATOM   1275 C CA  . VAL B 1 74 ? 1.705   8.087   -9.121  1.00 5.95  ? 74  VAL B CA  1 
ATOM   1276 C C   . VAL B 1 74 ? 2.594   9.299   -8.998  1.00 6.49  ? 74  VAL B C   1 
ATOM   1277 O O   . VAL B 1 74 ? 3.287   9.682   -9.955  1.00 8.36  ? 74  VAL B O   1 
ATOM   1278 C CB  . VAL B 1 74 ? 2.513   6.789   -9.050  1.00 6.41  ? 74  VAL B CB  1 
ATOM   1279 C CG1 . VAL B 1 74 ? 3.384   6.767   -7.820  1.00 6.11  ? 74  VAL B CG1 1 
ATOM   1280 C CG2 . VAL B 1 74 ? 1.527   5.593   -9.161  1.00 6.99  ? 74  VAL B CG2 1 
ATOM   1281 N N   . SER B 1 75 ? 2.591   9.925   -7.825  1.00 6.85  ? 75  SER B N   1 
ATOM   1282 C CA  . SER B 1 75 ? 3.571   10.937  -7.599  1.00 5.32  ? 75  SER B CA  1 
ATOM   1283 C C   . SER B 1 75 ? 4.660   10.508  -6.623  1.00 6.07  ? 75  SER B C   1 
ATOM   1284 O O   . SER B 1 75 ? 4.505   9.496   -5.873  1.00 6.53  ? 75  SER B O   1 
ATOM   1285 C CB  . SER B 1 75 ? 2.962   12.232  -7.063  1.00 7.96  ? 75  SER B CB  1 
ATOM   1286 O OG  . SER B 1 75 ? 2.337   11.975  -5.814  1.00 7.24  ? 75  SER B OG  1 
ATOM   1287 N N   . ALA B 1 76 ? 5.761   11.252  -6.582  1.00 6.19  ? 76  ALA B N   1 
ATOM   1288 C CA  . ALA B 1 76 ? 6.776   10.978  -5.616  1.00 6.11  ? 76  ALA B CA  1 
ATOM   1289 C C   . ALA B 1 76 ? 6.814   12.063  -4.584  1.00 7.22  ? 76  ALA B C   1 
ATOM   1290 O O   . ALA B 1 76 ? 6.331   13.196  -4.823  1.00 9.08  ? 76  ALA B O   1 
ATOM   1291 C CB  . ALA B 1 76 ? 8.101   10.817  -6.241  1.00 7.68  ? 76  ALA B CB  1 
ATOM   1292 N N   . VAL B 1 77 ? 7.275   11.701  -3.405  1.00 6.84  ? 77  VAL B N   1 
ATOM   1293 C CA  . VAL B 1 77 ? 7.576   12.660  -2.397  1.00 9.05  ? 77  VAL B CA  1 
ATOM   1294 C C   . VAL B 1 77 ? 9.083   12.633  -2.104  1.00 10.10 ? 77  VAL B C   1 
ATOM   1295 O O   . VAL B 1 77 ? 9.666   11.550  -1.859  1.00 9.92  ? 77  VAL B O   1 
ATOM   1296 C CB  . VAL B 1 77 ? 6.760   12.401  -1.117  1.00 11.23 ? 77  VAL B CB  1 
ATOM   1297 C CG1 . VAL B 1 77 ? 7.006   13.540  -0.179  1.00 13.76 ? 77  VAL B CG1 1 
ATOM   1298 C CG2 . VAL B 1 77 ? 5.323   12.372  -1.505  1.00 12.05 ? 77  VAL B CG2 1 
ATOM   1299 N N   . SER B 1 78 ? 9.711   13.797  -2.216  1.00 12.31 ? 78  SER B N   1 
ATOM   1300 C CA  . SER B 1 78 ? 11.179  13.911  -2.360  1.00 18.45 ? 78  SER B CA  1 
ATOM   1301 C C   . SER B 1 78 ? 11.601  14.959  -1.355  1.00 24.65 ? 78  SER B C   1 
ATOM   1302 O O   . SER B 1 78 ? 11.112  16.139  -1.364  1.00 25.43 ? 78  SER B O   1 
ATOM   1303 C CB  . SER B 1 78 ? 11.597  14.234  -3.797  1.00 19.14 ? 78  SER B CB  1 
ATOM   1304 O OG  . SER B 1 78 ? 11.179  13.179  -4.747  1.00 22.68 ? 78  SER B OG  1 
ATOM   1305 N N   . ASN B 1 79 ? 12.332  14.467  -0.358  1.00 28.11 ? 79  ASN B N   1 
ATOM   1306 C CA  . ASN B 1 79 ? 12.730  15.306  0.756   1.00 30.87 ? 79  ASN B CA  1 
ATOM   1307 C C   . ASN B 1 79 ? 11.591  16.182  1.310   1.00 31.35 ? 79  ASN B C   1 
ATOM   1308 O O   . ASN B 1 79 ? 11.812  17.367  1.480   1.00 30.79 ? 79  ASN B O   1 
ATOM   1309 C CB  . ASN B 1 79 ? 13.883  16.189  0.247   1.00 32.39 ? 79  ASN B CB  1 
ATOM   1310 C CG  . ASN B 1 79 ? 14.639  16.856  1.368   1.00 34.86 ? 79  ASN B CG  1 
ATOM   1311 O OD1 . ASN B 1 79 ? 14.553  16.436  2.535   1.00 37.12 ? 79  ASN B OD1 1 
ATOM   1312 N ND2 . ASN B 1 79 ? 15.344  17.928  1.034   1.00 37.35 ? 79  ASN B ND2 1 
ATOM   1313 N N   . GLY B 1 80 ? 10.366  15.635  1.434   1.00 30.25 ? 80  GLY B N   1 
ATOM   1314 C CA  . GLY B 1 80 ? 9.166   16.369  1.880   1.00 26.67 ? 80  GLY B CA  1 
ATOM   1315 C C   . GLY B 1 80 ? 8.185   17.013  0.819   1.00 25.81 ? 80  GLY B C   1 
ATOM   1316 O O   . GLY B 1 80 ? 7.012   17.319  1.118   1.00 26.67 ? 80  GLY B O   1 
ATOM   1317 N N   . VAL B 1 81 ? 8.636   17.154  -0.415  1.00 22.36 ? 81  VAL B N   1 
ATOM   1318 C CA  . VAL B 1 81 ? 7.911   17.909  -1.441  1.00 19.22 ? 81  VAL B CA  1 
ATOM   1319 C C   . VAL B 1 81 ? 7.405   16.938  -2.495  1.00 16.23 ? 81  VAL B C   1 
ATOM   1320 O O   . VAL B 1 81 ? 8.113   16.048  -2.983  1.00 14.30 ? 81  VAL B O   1 
ATOM   1321 C CB  . VAL B 1 81 ? 8.875   18.973  -2.021  1.00 22.15 ? 81  VAL B CB  1 
ATOM   1322 C CG1 . VAL B 1 81 ? 8.298   19.679  -3.309  1.00 21.82 ? 81  VAL B CG1 1 
ATOM   1323 C CG2 . VAL B 1 81 ? 9.256   19.973  -0.865  1.00 20.39 ? 81  VAL B CG2 1 
ATOM   1324 N N   . GLU B 1 82 ? 6.139   17.121  -2.848  1.00 12.17 ? 82  GLU B N   1 
ATOM   1325 C CA  . GLU B 1 82 ? 5.528   16.203  -3.771  1.00 9.63  ? 82  GLU B CA  1 
ATOM   1326 C C   . GLU B 1 82 ? 5.940   16.655  -5.165  1.00 10.41 ? 82  GLU B C   1 
ATOM   1327 O O   . GLU B 1 82 ? 5.862   17.871  -5.539  1.00 11.41 ? 82  GLU B O   1 
ATOM   1328 C CB  . GLU B 1 82 ? 4.014   16.231  -3.579  1.00 10.06 ? 82  GLU B CB  1 
ATOM   1329 C CG  . GLU B 1 82 ? 3.347   15.145  -4.325  1.00 7.92  ? 82  GLU B CG  1 
ATOM   1330 C CD  . GLU B 1 82 ? 1.835   14.957  -4.032  1.00 13.25 ? 82  GLU B CD  1 
ATOM   1331 O OE1 . GLU B 1 82 ? 1.199   15.838  -3.434  1.00 9.76  ? 82  GLU B OE1 1 
ATOM   1332 O OE2 . GLU B 1 82 ? 1.248   13.923  -4.462  1.00 10.74 ? 82  GLU B OE2 1 
ATOM   1333 N N   . THR B 1 83 ? 6.362   15.694  -5.988  1.00 7.53  ? 83  THR B N   1 
ATOM   1334 C CA  . THR B 1 83 ? 6.544   15.922  -7.411  1.00 9.38  ? 83  THR B CA  1 
ATOM   1335 C C   . THR B 1 83 ? 5.235   16.090  -8.201  1.00 9.88  ? 83  THR B C   1 
ATOM   1336 O O   . THR B 1 83 ? 4.127   15.839  -7.711  1.00 10.26 ? 83  THR B O   1 
ATOM   1337 C CB  . THR B 1 83 ? 7.345   14.787  -8.053  1.00 9.14  ? 83  THR B CB  1 
ATOM   1338 O OG1 . THR B 1 83 ? 6.544   13.583  -8.239  1.00 10.63 ? 83  THR B OG1 1 
ATOM   1339 C CG2 . THR B 1 83 ? 8.609   14.449  -7.177  1.00 7.84  ? 83  THR B CG2 1 
ATOM   1340 N N   . LEU B 1 84 ? 5.396   16.347  -9.501  1.00 10.17 ? 84  LEU B N   1 
ATOM   1341 C CA  . LEU B 1 84 ? 4.328   16.142  -10.420 1.00 9.29  ? 84  LEU B CA  1 
ATOM   1342 C C   . LEU B 1 84 ? 3.883   14.683  -10.414 1.00 10.12 ? 84  LEU B C   1 
ATOM   1343 O O   . LEU B 1 84 ? 4.676   13.783  -10.145 1.00 10.61 ? 84  LEU B O   1 
ATOM   1344 C CB  . LEU B 1 84 ? 4.739   16.550  -11.839 1.00 10.26 ? 84  LEU B CB  1 
ATOM   1345 C CG  . LEU B 1 84 ? 4.982   18.040  -12.141 1.00 14.38 ? 84  LEU B CG  1 
ATOM   1346 C CD1 . LEU B 1 84 ? 5.492   18.152  -13.584 1.00 12.37 ? 84  LEU B CD1 1 
ATOM   1347 C CD2 . LEU B 1 84 ? 3.726   18.869  -11.913 1.00 15.66 ? 84  LEU B CD2 1 
ATOM   1348 N N   . ASN B 1 85 ? 2.636   14.499  -10.831 1.00 10.62 ? 85  ASN B N   1 
ATOM   1349 C CA  . ASN B 1 85 ? 2.140   13.152  -11.110 1.00 13.06 ? 85  ASN B CA  1 
ATOM   1350 C C   . ASN B 1 85 ? 2.865   12.525  -12.300 1.00 14.83 ? 85  ASN B C   1 
ATOM   1351 O O   . ASN B 1 85 ? 3.239   13.240  -13.248 1.00 13.24 ? 85  ASN B O   1 
ATOM   1352 C CB  . ASN B 1 85 ? 0.635   13.163  -11.349 1.00 11.91 ? 85  ASN B CB  1 
ATOM   1353 C CG  . ASN B 1 85 ? -0.203  13.672  -10.215 1.00 14.51 ? 85  ASN B CG  1 
ATOM   1354 O OD1 . ASN B 1 85 ? -1.258  14.287  -10.488 1.00 16.46 ? 85  ASN B OD1 1 
ATOM   1355 N ND2 . ASN B 1 85 ? 0.153   13.375  -8.984  1.00 7.65  ? 85  ASN B ND2 1 
ATOM   1356 N N   . SER B 1 86 ? 3.153   11.206  -12.242 1.00 10.48 ? 86  SER B N   1 
ATOM   1357 C CA  . SER B 1 86 ? 3.573   10.406  -13.406 1.00 10.40 ? 86  SER B CA  1 
ATOM   1358 C C   . SER B 1 86 ? 2.601   10.642  -14.565 1.00 6.33  ? 86  SER B C   1 
ATOM   1359 O O   . SER B 1 86 ? 1.475   11.083  -14.394 1.00 8.58  ? 86  SER B O   1 
ATOM   1360 C CB  . SER B 1 86 ? 3.567   8.902   -13.048 1.00 9.63  ? 86  SER B CB  1 
ATOM   1361 O OG  . SER B 1 86 ? 2.246   8.424   -12.966 1.00 6.73  ? 86  SER B OG  1 
ATOM   1362 N N   . ALA B 1 87 ? 2.997   10.133  -15.720 1.00 9.76  ? 87  ALA B N   1 
ATOM   1363 C CA  . ALA B 1 87 ? 2.070   9.876   -16.812 1.00 6.97  ? 87  ALA B CA  1 
ATOM   1364 C C   . ALA B 1 87 ? 0.944   8.981   -16.318 1.00 8.99  ? 87  ALA B C   1 
ATOM   1365 O O   . ALA B 1 87 ? 1.151   8.114   -15.469 1.00 9.84  ? 87  ALA B O   1 
ATOM   1366 C CB  . ALA B 1 87 ? 2.744   9.218   -18.044 1.00 8.69  ? 87  ALA B CB  1 
ATOM   1367 N N   . GLU B 1 88 ? -0.201  9.184   -16.917 1.00 8.02  ? 88  GLU B N   1 
ATOM   1368 C CA  . GLU B 1 88 ? -1.377  8.370   -16.685 1.00 7.71  ? 88  GLU B CA  1 
ATOM   1369 C C   . GLU B 1 88 ? -1.182  6.969   -17.204 1.00 9.61  ? 88  GLU B C   1 
ATOM   1370 O O   . GLU B 1 88 ? -0.522  6.747   -18.222 1.00 13.58 ? 88  GLU B O   1 
ATOM   1371 C CB  . GLU B 1 88 ? -2.584  8.990   -17.321 1.00 10.46 ? 88  GLU B CB  1 
ATOM   1372 C CG  . GLU B 1 88 ? -3.893  8.410   -16.936 1.00 10.36 ? 88  GLU B CG  1 
ATOM   1373 C CD  . GLU B 1 88 ? -4.991  9.333   -17.465 1.00 14.81 ? 88  GLU B CD  1 
ATOM   1374 O OE1 . GLU B 1 88 ? -5.287  9.243   -18.706 1.00 16.99 ? 88  GLU B OE1 1 
ATOM   1375 O OE2 . GLU B 1 88 ? -5.565  10.113  -16.662 1.00 13.50 ? 88  GLU B OE2 1 
ATOM   1376 N N   . ALA B 1 89 ? -1.721  6.011   -16.444 1.00 7.15  ? 89  ALA B N   1 
ATOM   1377 C CA  . ALA B 1 89 ? -1.887  4.667   -16.875 1.00 7.87  ? 89  ALA B CA  1 
ATOM   1378 C C   . ALA B 1 89 ? -3.374  4.372   -16.908 1.00 8.88  ? 89  ALA B C   1 
ATOM   1379 O O   . ALA B 1 89 ? -4.080  4.556   -15.944 1.00 8.68  ? 89  ALA B O   1 
ATOM   1380 C CB  . ALA B 1 89 ? -1.173  3.732   -15.891 1.00 9.03  ? 89  ALA B CB  1 
ATOM   1381 N N   . ILE B 1 90 ? -3.859  3.880   -18.069 1.00 7.39  ? 90  ILE B N   1 
ATOM   1382 C CA  . ILE B 1 90 ? -5.196  3.389   -18.221 1.00 7.57  ? 90  ILE B CA  1 
ATOM   1383 C C   . ILE B 1 90 ? -5.241  1.881   -17.766 1.00 6.47  ? 90  ILE B C   1 
ATOM   1384 O O   . ILE B 1 90 ? -4.391  1.063   -18.178 1.00 7.62  ? 90  ILE B O   1 
ATOM   1385 C CB  . ILE B 1 90 ? -5.629  3.509   -19.706 1.00 8.52  ? 90  ILE B CB  1 
ATOM   1386 C CG1 . ILE B 1 90 ? -5.552  4.955   -20.220 1.00 12.92 ? 90  ILE B CG1 1 
ATOM   1387 C CG2 . ILE B 1 90 ? -7.158  3.066   -19.831 1.00 8.74  ? 90  ILE B CG2 1 
ATOM   1388 C CD1 . ILE B 1 90 ? -5.755  5.051   -21.753 1.00 12.06 ? 90  ILE B CD1 1 
ATOM   1389 N N   . LEU B 1 91 ? -6.174  1.580   -16.849 1.00 6.55  ? 91  LEU B N   1 
ATOM   1390 C CA  . LEU B 1 91 ? -6.375  0.171   -16.374 1.00 8.92  ? 91  LEU B CA  1 
ATOM   1391 C C   . LEU B 1 91 ? -6.663  -0.714  -17.620 1.00 10.26 ? 91  LEU B C   1 
ATOM   1392 O O   . LEU B 1 91 ? -7.514  -0.329  -18.462 1.00 11.59 ? 91  LEU B O   1 
ATOM   1393 C CB  . LEU B 1 91 ? -7.574  0.094   -15.456 1.00 9.56  ? 91  LEU B CB  1 
ATOM   1394 C CG  . LEU B 1 91 ? -7.767  -1.260  -14.778 1.00 10.36 ? 91  LEU B CG  1 
ATOM   1395 C CD1 . LEU B 1 91 ? -6.432  -1.716  -14.076 1.00 9.54  ? 91  LEU B CD1 1 
ATOM   1396 C CD2 . LEU B 1 91 ? -8.938  -1.143  -13.821 1.00 11.44 ? 91  LEU B CD2 1 
ATOM   1397 N N   A GLN B 1 92 ? -6.025  -1.884  -17.698 0.50 10.31 ? 92  GLN B N   1 
ATOM   1398 N N   B GLN B 1 92 ? -6.030  -1.865  -17.754 0.50 10.40 ? 92  GLN B N   1 
ATOM   1399 C CA  A GLN B 1 92 ? -6.090  -2.786  -18.866 0.50 10.64 ? 92  GLN B CA  1 
ATOM   1400 C CA  B GLN B 1 92 ? -6.437  -2.788  -18.802 0.50 10.20 ? 92  GLN B CA  1 
ATOM   1401 C C   A GLN B 1 92 ? -6.174  -4.206  -18.318 0.50 9.80  ? 92  GLN B C   1 
ATOM   1402 C C   B GLN B 1 92 ? -6.465  -4.149  -18.174 0.50 9.81  ? 92  GLN B C   1 
ATOM   1403 O O   A GLN B 1 92 ? -5.543  -4.522  -17.310 0.50 8.48  ? 92  GLN B O   1 
ATOM   1404 O O   B GLN B 1 92 ? -6.123  -4.364  -17.026 0.50 8.45  ? 92  GLN B O   1 
ATOM   1405 C CB  A GLN B 1 92 ? -4.817  -2.561  -19.723 0.50 10.73 ? 92  GLN B CB  1 
ATOM   1406 C CB  B GLN B 1 92 ? -5.437  -2.759  -19.966 0.50 12.40 ? 92  GLN B CB  1 
ATOM   1407 C CG  A GLN B 1 92 ? -3.558  -3.174  -19.169 0.50 15.56 ? 92  GLN B CG  1 
ATOM   1408 C CG  B GLN B 1 92 ? -5.067  -1.395  -20.513 0.50 11.82 ? 92  GLN B CG  1 
ATOM   1409 C CD  A GLN B 1 92 ? -2.597  -3.663  -20.264 0.50 19.36 ? 92  GLN B CD  1 
ATOM   1410 C CD  B GLN B 1 92 ? -6.135  -0.779  -21.370 0.50 18.51 ? 92  GLN B CD  1 
ATOM   1411 O OE1 A GLN B 1 92 ? -2.361  -2.976  -21.259 0.50 22.33 ? 92  GLN B OE1 1 
ATOM   1412 O OE1 B GLN B 1 92 ? -5.926  0.272   -21.984 0.50 22.00 ? 92  GLN B OE1 1 
ATOM   1413 N NE2 A GLN B 1 92 ? -2.068  -4.858  -20.072 0.50 17.42 ? 92  GLN B NE2 1 
ATOM   1414 N NE2 B GLN B 1 92 ? -7.288  -1.447  -21.474 0.50 22.49 ? 92  GLN B NE2 1 
ATOM   1415 N N   . TYR B 1 93 ? -6.972  -5.077  -18.964 1.00 10.93 ? 93  TYR B N   1 
ATOM   1416 C CA  . TYR B 1 93 ? -6.865  -6.492  -18.673 1.00 12.16 ? 93  TYR B CA  1 
ATOM   1417 C C   . TYR B 1 93 ? -5.462  -6.981  -19.080 1.00 12.64 ? 93  TYR B C   1 
ATOM   1418 O O   . TYR B 1 93 ? -4.742  -6.320  -19.893 1.00 14.39 ? 93  TYR B O   1 
ATOM   1419 C CB  . TYR B 1 93 ? -7.999  -7.221  -19.460 1.00 9.04  ? 93  TYR B CB  1 
ATOM   1420 C CG  . TYR B 1 93 ? -9.374  -7.149  -18.873 1.00 11.02 ? 93  TYR B CG  1 
ATOM   1421 C CD1 . TYR B 1 93 ? -9.730  -7.937  -17.753 1.00 10.32 ? 93  TYR B CD1 1 
ATOM   1422 C CD2 . TYR B 1 93 ? -10.336 -6.287  -19.389 1.00 11.42 ? 93  TYR B CD2 1 
ATOM   1423 C CE1 . TYR B 1 93 ? -10.978 -7.905  -17.259 1.00 12.63 ? 93  TYR B CE1 1 
ATOM   1424 C CE2 . TYR B 1 93 ? -11.576 -6.245  -18.899 1.00 10.32 ? 93  TYR B CE2 1 
ATOM   1425 C CZ  . TYR B 1 93 ? -11.912 -7.068  -17.834 1.00 14.62 ? 93  TYR B CZ  1 
ATOM   1426 O OH  . TYR B 1 93 ? -13.145 -7.005  -17.289 1.00 18.90 ? 93  TYR B OH  1 
ATOM   1427 N N   . PRO B 1 94 ? -5.052  -8.156  -18.596 1.00 14.17 ? 94  PRO B N   1 
ATOM   1428 C CA  . PRO B 1 94 ? -3.736  -8.615  -19.033 1.00 15.36 ? 94  PRO B CA  1 
ATOM   1429 C C   . PRO B 1 94 ? -3.694  -8.925  -20.544 1.00 17.95 ? 94  PRO B C   1 
ATOM   1430 O O   . PRO B 1 94 ? -4.707  -9.034  -21.185 1.00 17.39 ? 94  PRO B O   1 
ATOM   1431 C CB  . PRO B 1 94 ? -3.479  -9.885  -18.177 1.00 18.00 ? 94  PRO B CB  1 
ATOM   1432 C CG  . PRO B 1 94 ? -4.751  -10.170 -17.454 1.00 15.87 ? 94  PRO B CG  1 
ATOM   1433 C CD  . PRO B 1 94 ? -5.641  -8.991  -17.541 1.00 15.06 ? 94  PRO B CD  1 
ATOM   1434 N N   . LYS B 1 95 ? -2.509  -8.858  -21.101 1.00 20.69 ? 95  LYS B N   1 
ATOM   1435 C CA  . LYS B 1 95 ? -2.294  -9.201  -22.493 1.00 22.80 ? 95  LYS B CA  1 
ATOM   1436 C C   . LYS B 1 95 ? -2.510  -10.684 -22.717 1.00 20.34 ? 95  LYS B C   1 
ATOM   1437 O O   . LYS B 1 95 ? -2.328  -11.525 -21.817 1.00 22.39 ? 95  LYS B O   1 
ATOM   1438 C CB  . LYS B 1 95 ? -0.877  -8.784  -22.890 1.00 24.24 ? 95  LYS B CB  1 
ATOM   1439 C CG  . LYS B 1 95 ? -0.803  -7.252  -22.969 1.00 28.68 ? 95  LYS B CG  1 
ATOM   1440 C CD  . LYS B 1 95 ? 0.636   -6.657  -22.914 1.00 37.66 ? 95  LYS B CD  1 
ATOM   1441 C CE  . LYS B 1 95 ? 0.662   -5.235  -23.559 1.00 41.36 ? 95  LYS B CE  1 
ATOM   1442 N NZ  . LYS B 1 95 ? 1.969   -4.493  -23.408 1.00 43.29 ? 95  LYS B NZ  1 
ATOM   1443 N N   . LEU B 1 96 ? -2.955  -11.020 -23.924 1.00 18.60 ? 96  LEU B N   1 
ATOM   1444 C CA  . LEU B 1 96 ? -3.006  -12.417 -24.290 1.00 17.30 ? 96  LEU B CA  1 
ATOM   1445 C C   . LEU B 1 96 ? -1.745  -12.625 -25.097 1.00 19.94 ? 96  LEU B C   1 
ATOM   1446 O O   . LEU B 1 96 ? -1.206  -11.653 -25.646 1.00 21.65 ? 96  LEU B O   1 
ATOM   1447 C CB  . LEU B 1 96 ? -4.250  -12.706 -25.149 1.00 16.13 ? 96  LEU B CB  1 
ATOM   1448 C CG  . LEU B 1 96 ? -5.574  -12.515 -24.428 1.00 12.55 ? 96  LEU B CG  1 
ATOM   1449 C CD1 . LEU B 1 96 ? -6.871  -12.474 -25.382 1.00 15.06 ? 96  LEU B CD1 1 
ATOM   1450 C CD2 . LEU B 1 96 ? -5.731  -13.618 -23.399 1.00 10.99 ? 96  LEU B CD2 1 
ATOM   1451 N N   . GLU B 1 97 ? -1.283  -13.865 -25.118 1.00 21.35 ? 97  GLU B N   1 
ATOM   1452 C CA  . GLU B 1 97 ? -0.011  -14.245 -25.720 1.00 24.99 ? 97  GLU B CA  1 
ATOM   1453 C C   . GLU B 1 97 ? -0.305  -15.343 -26.760 1.00 25.12 ? 97  GLU B C   1 
ATOM   1454 O O   . GLU B 1 97 ? -1.222  -16.149 -26.561 1.00 22.79 ? 97  GLU B O   1 
ATOM   1455 C CB  . GLU B 1 97 ? 1.041   -14.741 -24.661 1.00 26.87 ? 97  GLU B CB  1 
ATOM   1456 C CG  . GLU B 1 97 ? 0.928   -16.225 -24.129 1.00 33.93 ? 97  GLU B CG  1 
ATOM   1457 C CD  . GLU B 1 97 ? 2.288   -17.033 -24.048 1.00 43.72 ? 97  GLU B CD  1 
ATOM   1458 O OE1 . GLU B 1 97 ? 2.390   -18.104 -24.742 1.00 46.60 ? 97  GLU B OE1 1 
ATOM   1459 O OE2 . GLU B 1 97 ? 3.227   -16.629 -23.290 1.00 45.55 ? 97  GLU B OE2 1 
ATOM   1460 N N   A HIS B 1 98 ? 0.477   -15.439 -27.829 0.50 25.05 ? 98  HIS B N   1 
ATOM   1461 N N   B HIS B 1 98 ? 0.454   -15.247 -27.852 0.50 25.86 ? 98  HIS B N   1 
ATOM   1462 C CA  A HIS B 1 98 ? 0.234   -16.477 -28.829 0.50 25.94 ? 98  HIS B CA  1 
ATOM   1463 C CA  B HIS B 1 98 ? 0.678   -16.275 -28.854 0.50 26.63 ? 98  HIS B CA  1 
ATOM   1464 C C   A HIS B 1 98 ? 0.830   -17.833 -28.399 0.50 26.27 ? 98  HIS B C   1 
ATOM   1465 C C   B HIS B 1 98 ? 0.975   -17.642 -28.207 0.50 27.15 ? 98  HIS B C   1 
ATOM   1466 O O   A HIS B 1 98 ? 1.445   -17.954 -27.319 0.50 25.41 ? 98  HIS B O   1 
ATOM   1467 O O   B HIS B 1 98 ? 0.269   -18.631 -28.423 0.50 25.51 ? 98  HIS B O   1 
ATOM   1468 C CB  A HIS B 1 98 ? 0.761   -16.065 -30.217 0.50 25.61 ? 98  HIS B CB  1 
ATOM   1469 C CB  B HIS B 1 98 ? 1.875   -15.867 -29.754 0.50 27.28 ? 98  HIS B CB  1 
ATOM   1470 C CG  A HIS B 1 98 ? 0.631   -14.606 -30.515 0.50 26.36 ? 98  HIS B CG  1 
ATOM   1471 C CG  B HIS B 1 98 ? 2.292   -14.424 -29.639 0.50 28.06 ? 98  HIS B CG  1 
ATOM   1472 N ND1 A HIS B 1 98 ? 0.304   -14.126 -31.763 0.50 26.13 ? 98  HIS B ND1 1 
ATOM   1473 N ND1 B HIS B 1 98 ? 2.843   -13.719 -30.698 0.50 29.11 ? 98  HIS B ND1 1 
ATOM   1474 C CD2 A HIS B 1 98 ? 0.803   -13.516 -29.729 0.50 30.84 ? 98  HIS B CD2 1 
ATOM   1475 C CD2 B HIS B 1 98 ? 2.251   -13.557 -28.595 0.50 26.18 ? 98  HIS B CD2 1 
ATOM   1476 C CE1 A HIS B 1 98 ? 0.276   -12.807 -31.736 0.50 28.76 ? 98  HIS B CE1 1 
ATOM   1477 C CE1 B HIS B 1 98 ? 3.084   -12.476 -30.320 0.50 26.99 ? 98  HIS B CE1 1 
ATOM   1478 N NE2 A HIS B 1 98 ? 0.585   -12.410 -30.515 0.50 32.21 ? 98  HIS B NE2 1 
ATOM   1479 N NE2 B HIS B 1 98 ? 2.738   -12.353 -29.050 0.50 28.22 ? 98  HIS B NE2 1 
HETATM 1480 S S   . SO4 C 2 .  ? 6.203   -0.550  1.151   1.00 15.23 ? 104 SO4 B S   1 
HETATM 1481 O O1  . SO4 C 2 .  ? 7.391   -1.404  0.926   1.00 19.20 ? 104 SO4 B O1  1 
HETATM 1482 O O2  . SO4 C 2 .  ? 6.848   0.651   1.787   1.00 17.96 ? 104 SO4 B O2  1 
HETATM 1483 O O3  . SO4 C 2 .  ? 5.771   0.047   -0.112  1.00 11.95 ? 104 SO4 B O3  1 
HETATM 1484 O O4  . SO4 C 2 .  ? 5.248   -1.065  2.025   1.00 14.74 ? 104 SO4 B O4  1 
HETATM 1485 O O   . HOH D 3 .  ? -10.099 6.430   4.106   1.00 14.37 ? 104 HOH A O   1 
HETATM 1486 O O   . HOH D 3 .  ? 2.634   -12.691 12.152  1.00 17.25 ? 105 HOH A O   1 
HETATM 1487 O O   . HOH D 3 .  ? 1.813   8.501   9.088   1.00 13.48 ? 106 HOH A O   1 
HETATM 1488 O O   . HOH D 3 .  ? -2.812  6.924   12.583  1.00 22.37 ? 107 HOH A O   1 
HETATM 1489 O O   . HOH D 3 .  ? -7.043  -7.065  18.562  1.00 27.41 ? 108 HOH A O   1 
HETATM 1490 O O   . HOH D 3 .  ? -1.540  -7.874  3.169   1.00 5.81  ? 109 HOH A O   1 
HETATM 1491 O O   . HOH D 3 .  ? 8.893   8.756   10.313  1.00 9.88  ? 110 HOH A O   1 
HETATM 1492 O O   . HOH D 3 .  ? -6.067  -16.932 -1.605  1.00 16.15 ? 111 HOH A O   1 
HETATM 1493 O O   . HOH D 3 .  ? 0.107   4.904   5.427   1.00 14.43 ? 112 HOH A O   1 
HETATM 1494 O O   . HOH D 3 .  ? 12.884  4.815   13.535  1.00 9.91  ? 113 HOH A O   1 
HETATM 1495 O O   . HOH D 3 .  ? 4.978   1.414   21.240  1.00 8.63  ? 114 HOH A O   1 
HETATM 1496 O O   . HOH D 3 .  ? -3.683  -4.205  22.926  1.00 26.39 ? 115 HOH A O   1 
HETATM 1497 O O   . HOH D 3 .  ? 16.186  5.533   18.294  1.00 11.62 ? 116 HOH A O   1 
HETATM 1498 O O   . HOH D 3 .  ? -0.221  0.427   0.537   1.00 15.82 ? 117 HOH A O   1 
HETATM 1499 O O   . HOH D 3 .  ? 5.927   -8.649  5.427   1.00 18.26 ? 118 HOH A O   1 
HETATM 1500 O O   . HOH D 3 .  ? 1.123   -11.479 18.477  1.00 18.63 ? 119 HOH A O   1 
HETATM 1501 O O   . HOH D 3 .  ? -12.227 -14.051 14.307  1.00 18.30 ? 120 HOH A O   1 
HETATM 1502 O O   . HOH D 3 .  ? 16.033  7.876   16.811  1.00 24.00 ? 121 HOH A O   1 
HETATM 1503 O O   A HOH D 3 .  ? 12.416  4.288   6.517   0.50 12.60 ? 122 HOH A O   1 
HETATM 1504 O O   B HOH D 3 .  ? 11.467  4.108   6.491   0.50 12.14 ? 122 HOH A O   1 
HETATM 1505 O O   . HOH D 3 .  ? 1.584   6.860   6.386   1.00 15.19 ? 123 HOH A O   1 
HETATM 1506 O O   . HOH D 3 .  ? -10.691 3.019   12.339  1.00 15.46 ? 124 HOH A O   1 
HETATM 1507 O O   . HOH D 3 .  ? -14.535 -3.641  6.356   1.00 15.55 ? 125 HOH A O   1 
HETATM 1508 O O   . HOH D 3 .  ? 2.037   7.948   13.340  1.00 14.71 ? 126 HOH A O   1 
HETATM 1509 O O   . HOH D 3 .  ? -1.511  -5.503  1.308   1.00 18.73 ? 127 HOH A O   1 
HETATM 1510 O O   . HOH D 3 .  ? 13.890  9.462   17.365  1.00 27.56 ? 128 HOH A O   1 
HETATM 1511 O O   . HOH D 3 .  ? -12.323 1.723   10.960  1.00 18.59 ? 129 HOH A O   1 
HETATM 1512 O O   . HOH D 3 .  ? -9.984  -14.969 17.129  1.00 12.37 ? 130 HOH A O   1 
HETATM 1513 O O   . HOH D 3 .  ? 13.369  -5.361  19.880  1.00 17.58 ? 131 HOH A O   1 
HETATM 1514 O O   . HOH D 3 .  ? 9.066   2.174   22.832  1.00 12.61 ? 132 HOH A O   1 
HETATM 1515 O O   . HOH D 3 .  ? -2.446  -17.032 14.006  1.00 30.55 ? 133 HOH A O   1 
HETATM 1516 O O   . HOH D 3 .  ? -7.002  -19.599 14.537  1.00 21.56 ? 134 HOH A O   1 
HETATM 1517 O O   . HOH D 3 .  ? -3.858  0.113   0.443   1.00 15.64 ? 135 HOH A O   1 
HETATM 1518 O O   . HOH D 3 .  ? 9.509   -2.051  25.315  1.00 32.39 ? 136 HOH A O   1 
HETATM 1519 O O   . HOH D 3 .  ? 2.461   -13.015 14.682  1.00 18.67 ? 137 HOH A O   1 
HETATM 1520 O O   . HOH D 3 .  ? -1.243  -3.295  23.411  1.00 18.83 ? 138 HOH A O   1 
HETATM 1521 O O   . HOH D 3 .  ? -13.046 -18.266 6.655   1.00 21.21 ? 139 HOH A O   1 
HETATM 1522 O O   . HOH D 3 .  ? 10.923  4.617   22.445  1.00 13.02 ? 140 HOH A O   1 
HETATM 1523 O O   . HOH D 3 .  ? -11.853 -13.467 8.194   1.00 14.68 ? 141 HOH A O   1 
HETATM 1524 O O   . HOH D 3 .  ? 7.937   -12.800 17.045  1.00 21.79 ? 142 HOH A O   1 
HETATM 1525 O O   . HOH D 3 .  ? 6.039   -7.651  21.669  1.00 22.89 ? 143 HOH A O   1 
HETATM 1526 O O   . HOH D 3 .  ? -11.865 4.501   9.478   1.00 16.45 ? 144 HOH A O   1 
HETATM 1527 O O   . HOH D 3 .  ? 9.366   -9.515  9.934   1.00 29.30 ? 145 HOH A O   1 
HETATM 1528 O O   . HOH D 3 .  ? -4.844  -9.715  19.045  1.00 16.01 ? 146 HOH A O   1 
HETATM 1529 O O   . HOH D 3 .  ? -2.539  5.172   4.968   1.00 6.51  ? 147 HOH A O   1 
HETATM 1530 O O   . HOH D 3 .  ? 15.532  -0.086  6.406   1.00 16.52 ? 148 HOH A O   1 
HETATM 1531 O O   . HOH D 3 .  ? -5.313  7.485   11.408  1.00 13.99 ? 149 HOH A O   1 
HETATM 1532 O O   . HOH D 3 .  ? -3.567  -21.093 8.679   1.00 23.37 ? 150 HOH A O   1 
HETATM 1533 O O   . HOH D 3 .  ? -5.144  8.173   7.040   1.00 11.98 ? 151 HOH A O   1 
HETATM 1534 O O   . HOH D 3 .  ? -11.506 -10.917 8.975   1.00 15.29 ? 152 HOH A O   1 
HETATM 1535 O O   . HOH D 3 .  ? 2.050   -11.490 7.302   1.00 15.18 ? 153 HOH A O   1 
HETATM 1536 O O   . HOH D 3 .  ? 13.100  -2.047  22.815  1.00 30.23 ? 154 HOH A O   1 
HETATM 1537 O O   . HOH D 3 .  ? -8.339  -12.673 0.400   1.00 14.54 ? 155 HOH A O   1 
HETATM 1538 O O   . HOH D 3 .  ? -10.822 -13.911 -0.224  1.00 12.97 ? 156 HOH A O   1 
HETATM 1539 O O   . HOH D 3 .  ? 15.728  6.260   12.236  1.00 11.07 ? 157 HOH A O   1 
HETATM 1540 O O   . HOH D 3 .  ? 4.799   12.942  11.728  1.00 38.21 ? 171 HOH A O   1 
HETATM 1541 O O   . HOH D 3 .  ? 16.673  7.871   13.940  1.00 25.66 ? 192 HOH A O   1 
HETATM 1542 O O   . HOH D 3 .  ? -5.778  -11.092 21.149  1.00 25.27 ? 194 HOH A O   1 
HETATM 1543 O O   . HOH D 3 .  ? 14.113  -4.405  5.528   1.00 33.87 ? 195 HOH A O   1 
HETATM 1544 O O   . HOH D 3 .  ? 13.754  -5.597  7.726   1.00 34.60 ? 212 HOH A O   1 
HETATM 1545 O O   . HOH D 3 .  ? -11.078 -1.666  13.030  0.50 12.87 ? 214 HOH A O   1 
HETATM 1546 O O   . HOH D 3 .  ? 11.422  -0.228  7.337   0.50 6.92  ? 221 HOH A O   1 
HETATM 1547 O O   . HOH D 3 .  ? -12.372 0.394   1.902   1.00 20.09 ? 227 HOH A O   1 
HETATM 1548 O O   . HOH D 3 .  ? 3.408   1.558   24.588  1.00 25.06 ? 228 HOH A O   1 
HETATM 1549 O O   . HOH D 3 .  ? -0.260  -15.856 17.283  1.00 21.31 ? 229 HOH A O   1 
HETATM 1550 O O   A HOH D 3 .  ? -14.464 -4.868  13.644  0.50 15.24 ? 230 HOH A O   1 
HETATM 1551 O O   B HOH D 3 .  ? -13.843 -2.930  13.776  0.50 13.99 ? 230 HOH A O   1 
HETATM 1552 O O   . HOH D 3 .  ? 13.940  -2.230  7.041   1.00 18.68 ? 233 HOH A O   1 
HETATM 1553 O O   . HOH D 3 .  ? -0.757  7.332   7.858   1.00 21.86 ? 235 HOH A O   1 
HETATM 1554 O O   . HOH D 3 .  ? -15.924 1.661   7.907   1.00 42.40 ? 241 HOH A O   1 
HETATM 1555 O O   . HOH D 3 .  ? -5.432  -14.352 -1.043  1.00 44.17 ? 243 HOH A O   1 
HETATM 1556 O O   . HOH D 3 .  ? -9.966  -6.273  1.368   1.00 36.57 ? 245 HOH A O   1 
HETATM 1557 O O   . HOH D 3 .  ? 3.973   -9.912  18.558  1.00 30.94 ? 247 HOH A O   1 
HETATM 1558 O O   . HOH D 3 .  ? -6.927  -21.544 10.827  1.00 35.44 ? 249 HOH A O   1 
HETATM 1559 O O   . HOH D 3 .  ? 0.075   -16.854 1.622   1.00 28.20 ? 250 HOH A O   1 
HETATM 1560 O O   . HOH D 3 .  ? -2.703  -13.290 0.315   1.00 45.03 ? 255 HOH A O   1 
HETATM 1561 O O   . HOH D 3 .  ? -11.757 3.980   1.643   1.00 24.08 ? 259 HOH A O   1 
HETATM 1562 O O   . HOH D 3 .  ? -9.534  -6.613  3.599   1.00 27.04 ? 267 HOH A O   1 
HETATM 1563 O O   . HOH D 3 .  ? -14.754 -17.485 13.174  1.00 24.42 ? 272 HOH A O   1 
HETATM 1564 O O   . HOH D 3 .  ? 10.451  11.668  23.569  1.00 42.56 ? 274 HOH A O   1 
HETATM 1565 O O   . HOH D 3 .  ? 10.490  14.134  23.338  1.00 35.28 ? 276 HOH A O   1 
HETATM 1566 O O   . HOH D 3 .  ? 11.528  14.228  25.985  1.00 29.04 ? 277 HOH A O   1 
HETATM 1567 O O   . HOH D 3 .  ? -15.909 0.182   4.831   1.00 31.15 ? 278 HOH A O   1 
HETATM 1568 O O   . HOH D 3 .  ? -13.494 -19.732 11.331  1.00 24.27 ? 281 HOH A O   1 
HETATM 1569 O O   . HOH D 3 .  ? -4.535  -6.411  19.324  1.00 30.27 ? 288 HOH A O   1 
HETATM 1570 O O   . HOH D 3 .  ? 0.766   -5.997  2.058   1.00 26.83 ? 296 HOH A O   1 
HETATM 1571 O O   A HOH D 3 .  ? 2.297   -2.998  2.443   0.50 14.90 ? 297 HOH A O   1 
HETATM 1572 O O   B HOH D 3 .  ? 3.539   -2.609  0.988   0.50 18.61 ? 297 HOH A O   1 
HETATM 1573 O O   . HOH D 3 .  ? 5.756   0.912   24.718  1.00 29.54 ? 310 HOH A O   1 
HETATM 1574 O O   . HOH D 3 .  ? 5.807   -12.540 18.546  1.00 40.85 ? 313 HOH A O   1 
HETATM 1575 O O   . HOH D 3 .  ? 8.073   -9.454  21.515  1.00 28.51 ? 322 HOH A O   1 
HETATM 1576 O O   . HOH D 3 .  ? -14.710 -14.753 4.575   1.00 35.26 ? 577 HOH A O   1 
HETATM 1577 O O   . HOH D 3 .  ? 7.480   -11.081 1.507   1.00 41.43 ? 691 HOH A O   1 
HETATM 1578 O O   . HOH D 3 .  ? 10.622  9.353   25.794  1.00 35.33 ? 697 HOH A O   1 
HETATM 1579 O O   . HOH D 3 .  ? -18.040 -7.214  10.752  1.00 35.94 ? 707 HOH A O   1 
HETATM 1580 O O   . HOH D 3 .  ? -4.800  10.899  6.186   0.50 10.15 ? 721 HOH A O   1 
HETATM 1581 O O   . HOH D 3 .  ? 7.277   3.950   24.038  1.00 47.16 ? 725 HOH A O   1 
HETATM 1582 O O   . HOH D 3 .  ? -8.911  -2.428  20.103  1.00 36.21 ? 795 HOH A O   1 
HETATM 1583 O O   . HOH D 3 .  ? 0.836   -16.026 6.808   1.00 28.03 ? 796 HOH A O   1 
HETATM 1584 O O   . HOH D 3 .  ? -9.540  6.211   -0.317  1.00 37.68 ? 798 HOH A O   1 
HETATM 1585 O O   . HOH D 3 .  ? -13.479 -14.117 16.651  1.00 23.35 ? 801 HOH A O   1 
HETATM 1586 O O   . HOH D 3 .  ? -11.378 -0.436  14.596  0.50 18.62 ? 804 HOH A O   1 
HETATM 1587 O O   . HOH D 3 .  ? -13.540 -2.483  2.333   0.50 18.73 ? 805 HOH A O   1 
HETATM 1588 O O   . HOH D 3 .  ? -9.807  -6.078  17.933  1.00 25.89 ? 808 HOH A O   1 
HETATM 1589 O O   . HOH D 3 .  ? 8.449   -7.138  4.217   1.00 34.62 ? 815 HOH A O   1 
HETATM 1590 O O   . HOH D 3 .  ? -1.723  -17.467 6.986   1.00 26.98 ? 816 HOH A O   1 
HETATM 1591 O O   . HOH D 3 .  ? -15.813 -18.019 6.461   1.00 26.87 ? 817 HOH A O   1 
HETATM 1592 O O   . HOH D 3 .  ? 2.934   -14.538 9.935   1.00 26.00 ? 822 HOH A O   1 
HETATM 1593 O O   . HOH D 3 .  ? 1.851   -13.690 7.617   1.00 29.19 ? 823 HOH A O   1 
HETATM 1594 O O   . HOH D 3 .  ? 9.914   -8.803  -0.604  1.00 27.78 ? 826 HOH A O   1 
HETATM 1595 O O   . HOH D 3 .  ? -7.999  -9.381  21.776  1.00 38.44 ? 827 HOH A O   1 
HETATM 1596 O O   . HOH D 3 .  ? -14.284 -6.746  15.904  1.00 35.64 ? 828 HOH A O   1 
HETATM 1597 O O   . HOH D 3 .  ? 15.240  11.289  19.325  1.00 34.20 ? 834 HOH A O   1 
HETATM 1598 O O   . HOH D 3 .  ? 6.777   11.533  12.843  1.00 35.69 ? 835 HOH A O   1 
HETATM 1599 O O   . HOH D 3 .  ? -12.335 2.827   16.163  1.00 35.04 ? 837 HOH A O   1 
HETATM 1600 O O   . HOH D 3 .  ? -17.731 -10.696 9.333   1.00 33.74 ? 838 HOH A O   1 
HETATM 1601 O O   . HOH D 3 .  ? 10.888  -0.018  24.420  1.00 35.88 ? 841 HOH A O   1 
HETATM 1602 O O   . HOH D 3 .  ? 9.027   6.005   25.279  1.00 30.57 ? 842 HOH A O   1 
HETATM 1603 O O   . HOH D 3 .  ? 12.992  7.290   25.424  1.00 39.91 ? 843 HOH A O   1 
HETATM 1604 O O   . HOH D 3 .  ? -11.477 -0.386  -0.700  1.00 35.46 ? 849 HOH A O   1 
HETATM 1605 O O   . HOH D 3 .  ? -8.602  -9.297  0.427   1.00 45.13 ? 850 HOH A O   1 
HETATM 1606 O O   . HOH D 3 .  ? -14.032 -11.616 17.284  1.00 42.49 ? 851 HOH A O   1 
HETATM 1607 O O   . HOH D 3 .  ? 9.002   -8.740  2.063   1.00 33.02 ? 852 HOH A O   1 
HETATM 1608 O O   . HOH D 3 .  ? 13.997  11.804  5.836   1.00 35.85 ? 853 HOH A O   1 
HETATM 1609 O O   . HOH D 3 .  ? 14.828  12.696  3.569   1.00 32.87 ? 854 HOH A O   1 
HETATM 1610 O O   . HOH E 3 .  ? -1.719  0.496   -17.806 1.00 8.36  ? 105 HOH B O   1 
HETATM 1611 O O   . HOH E 3 .  ? -2.640  4.594   2.237   1.00 6.26  ? 106 HOH B O   1 
HETATM 1612 O O   . HOH E 3 .  ? 12.045  4.682   -4.482  1.00 9.30  ? 107 HOH B O   1 
HETATM 1613 O O   . HOH E 3 .  ? 4.102   9.352   0.439   1.00 6.79  ? 108 HOH B O   1 
HETATM 1614 O O   . HOH E 3 .  ? 11.430  2.179   -4.249  1.00 8.36  ? 109 HOH B O   1 
HETATM 1615 O O   . HOH E 3 .  ? -6.443  -1.093  -2.195  1.00 29.53 ? 110 HOH B O   1 
HETATM 1616 O O   . HOH E 3 .  ? -2.646  13.817  -1.793  1.00 9.41  ? 111 HOH B O   1 
HETATM 1617 O O   . HOH E 3 .  ? 11.505  0.612   -9.586  1.00 8.66  ? 112 HOH B O   1 
HETATM 1618 O O   . HOH E 3 .  ? 2.032   -4.608  -8.727  1.00 15.14 ? 113 HOH B O   1 
HETATM 1619 O O   . HOH E 3 .  ? -0.494  2.925   1.698   1.00 6.04  ? 114 HOH B O   1 
HETATM 1620 O O   . HOH E 3 .  ? 5.849   2.223   3.873   1.00 8.48  ? 115 HOH B O   1 
HETATM 1621 O O   . HOH E 3 .  ? 7.975   8.970   3.475   1.00 19.89 ? 116 HOH B O   1 
HETATM 1622 O O   . HOH E 3 .  ? 11.942  9.584   -12.720 1.00 14.13 ? 117 HOH B O   1 
HETATM 1623 O O   . HOH E 3 .  ? -7.973  -3.963  -21.651 1.00 16.14 ? 118 HOH B O   1 
HETATM 1624 O O   . HOH E 3 .  ? 12.142  -0.250  -12.218 1.00 17.63 ? 119 HOH B O   1 
HETATM 1625 O O   . HOH E 3 .  ? 9.132   -3.298  1.500   1.00 15.83 ? 120 HOH B O   1 
HETATM 1626 O O   . HOH E 3 .  ? -12.525 10.346  -10.767 1.00 26.63 ? 121 HOH B O   1 
HETATM 1627 O O   . HOH E 3 .  ? 2.204   5.500   -17.746 1.00 20.20 ? 122 HOH B O   1 
HETATM 1628 O O   . HOH E 3 .  ? 4.034   -1.209  4.475   1.00 7.08  ? 123 HOH B O   1 
HETATM 1629 O O   . HOH E 3 .  ? 1.380   -5.135  -6.518  1.00 30.00 ? 124 HOH B O   1 
HETATM 1630 O O   . HOH E 3 .  ? -1.873  3.485   -20.144 1.00 17.29 ? 125 HOH B O   1 
HETATM 1631 O O   . HOH E 3 .  ? -1.385  15.403  -3.496  1.00 11.04 ? 126 HOH B O   1 
HETATM 1632 O O   . HOH E 3 .  ? 1.245   16.650  -7.153  1.00 29.98 ? 127 HOH B O   1 
HETATM 1633 O O   . HOH E 3 .  ? -4.914  13.583  -5.220  1.00 15.83 ? 128 HOH B O   1 
HETATM 1634 O O   . HOH E 3 .  ? -11.117 11.456  -8.679  1.00 17.63 ? 129 HOH B O   1 
HETATM 1635 O O   . HOH E 3 .  ? 4.211   5.835   -19.389 1.00 25.76 ? 130 HOH B O   1 
HETATM 1636 O O   . HOH E 3 .  ? -5.053  3.750   1.474   1.00 10.30 ? 131 HOH B O   1 
HETATM 1637 O O   . HOH E 3 .  ? 12.073  13.070  -7.170  1.00 15.21 ? 132 HOH B O   1 
HETATM 1638 O O   . HOH E 3 .  ? 7.416   -4.157  -4.377  1.00 16.81 ? 133 HOH B O   1 
HETATM 1639 O O   . HOH E 3 .  ? 8.108   17.066  -10.346 1.00 14.94 ? 134 HOH B O   1 
HETATM 1640 O O   . HOH E 3 .  ? -6.091  15.939  -9.733  1.00 13.23 ? 135 HOH B O   1 
HETATM 1641 O O   A HOH E 3 .  ? 12.554  3.467   -1.613  0.50 6.32  ? 136 HOH B O   1 
HETATM 1642 O O   B HOH E 3 .  ? 12.973  4.970   -1.823  0.50 9.07  ? 136 HOH B O   1 
HETATM 1643 O O   . HOH E 3 .  ? -3.238  15.948  -9.019  1.00 21.30 ? 137 HOH B O   1 
HETATM 1644 O O   . HOH E 3 .  ? 1.152   -3.580  -13.530 1.00 15.74 ? 138 HOH B O   1 
HETATM 1645 O O   . HOH E 3 .  ? 4.330   6.733   -15.969 1.00 15.26 ? 139 HOH B O   1 
HETATM 1646 O O   . HOH E 3 .  ? 11.758  6.946   -13.253 1.00 19.57 ? 140 HOH B O   1 
HETATM 1647 O O   . HOH E 3 .  ? -8.409  -10.892 -15.928 1.00 24.40 ? 141 HOH B O   1 
HETATM 1648 O O   . HOH E 3 .  ? 0.031   13.018  -15.578 1.00 15.24 ? 142 HOH B O   1 
HETATM 1649 O O   . HOH E 3 .  ? -1.212  15.111  -13.654 1.00 26.72 ? 143 HOH B O   1 
HETATM 1650 O O   . HOH E 3 .  ? 5.670   9.226   -16.122 1.00 12.40 ? 144 HOH B O   1 
HETATM 1651 O O   . HOH E 3 .  ? -10.804 -1.628  -21.904 1.00 20.73 ? 145 HOH B O   1 
HETATM 1652 O O   A HOH E 3 .  ? 2.247   12.632  0.985   0.70 15.20 ? 146 HOH B O   1 
HETATM 1653 O O   B HOH E 3 .  ? 2.288   13.361  -0.647  0.30 9.34  ? 146 HOH B O   1 
HETATM 1654 O O   . HOH E 3 .  ? -3.677  7.915   -20.710 1.00 21.83 ? 153 HOH B O   1 
HETATM 1655 O O   . HOH E 3 .  ? 7.041   9.660   -18.266 1.00 20.85 ? 165 HOH B O   1 
HETATM 1656 O O   . HOH E 3 .  ? 0.055   -2.840  -2.339  1.00 12.40 ? 168 HOH B O   1 
HETATM 1657 O O   A HOH E 3 .  ? -11.784 6.414   -8.739  0.50 11.37 ? 169 HOH B O   1 
HETATM 1658 O O   B HOH E 3 .  ? -11.782 7.785   -8.094  0.50 21.42 ? 169 HOH B O   1 
HETATM 1659 O O   . HOH E 3 .  ? 6.694   6.860   -18.628 1.00 22.77 ? 172 HOH B O   1 
HETATM 1660 O O   . HOH E 3 .  ? -6.042  12.818  -21.879 1.00 18.98 ? 173 HOH B O   1 
HETATM 1661 O O   . HOH E 3 .  ? 12.302  6.171   1.795   1.00 22.37 ? 174 HOH B O   1 
HETATM 1662 O O   . HOH E 3 .  ? 10.564  8.507   3.426   1.00 23.62 ? 177 HOH B O   1 
HETATM 1663 O O   . HOH E 3 .  ? 8.127   -2.321  -9.885  1.00 24.83 ? 181 HOH B O   1 
HETATM 1664 O O   . HOH E 3 .  ? 5.254   -0.646  -15.259 1.00 23.84 ? 185 HOH B O   1 
HETATM 1665 O O   . HOH E 3 .  ? 1.005   16.559  -12.052 1.00 23.60 ? 191 HOH B O   1 
HETATM 1666 O O   . HOH E 3 .  ? -2.464  12.882  -16.427 1.00 30.66 ? 197 HOH B O   1 
HETATM 1667 O O   . HOH E 3 .  ? -15.060 -5.616  -18.475 1.00 28.57 ? 216 HOH B O   1 
HETATM 1668 O O   . HOH E 3 .  ? -8.697  -0.533  -20.763 0.50 9.60  ? 226 HOH B O   1 
HETATM 1669 O O   . HOH E 3 .  ? 5.056   2.475   -19.836 1.00 39.56 ? 236 HOH B O   1 
HETATM 1670 O O   . HOH E 3 .  ? -11.963 9.616   -19.704 1.00 25.79 ? 239 HOH B O   1 
HETATM 1671 O O   . HOH E 3 .  ? 14.972  14.188  -9.028  1.00 27.34 ? 242 HOH B O   1 
HETATM 1672 O O   . HOH E 3 .  ? -12.101 -2.570  -12.852 1.00 23.29 ? 244 HOH B O   1 
HETATM 1673 O O   . HOH E 3 .  ? -9.024  1.805   -3.451  1.00 27.10 ? 246 HOH B O   1 
HETATM 1674 O O   . HOH E 3 .  ? -2.416  -6.406  -1.110  1.00 21.31 ? 254 HOH B O   1 
HETATM 1675 O O   . HOH E 3 .  ? 11.175  17.540  -13.453 1.00 26.13 ? 256 HOH B O   1 
HETATM 1676 O O   . HOH E 3 .  ? -10.157 15.397  -16.964 1.00 34.01 ? 262 HOH B O   1 
HETATM 1677 O O   . HOH E 3 .  ? 15.519  14.181  -2.751  1.00 27.03 ? 263 HOH B O   1 
HETATM 1678 O O   . HOH E 3 .  ? -4.387  -9.095  -25.559 1.00 32.65 ? 266 HOH B O   1 
HETATM 1679 O O   . HOH E 3 .  ? -14.340 5.393   -15.832 1.00 23.39 ? 271 HOH B O   1 
HETATM 1680 O O   . HOH E 3 .  ? 10.873  12.321  -14.625 1.00 25.21 ? 273 HOH B O   1 
HETATM 1681 O O   . HOH E 3 .  ? 1.735   -1.303  -0.877  1.00 26.67 ? 797 HOH B O   1 
HETATM 1682 O O   . HOH E 3 .  ? 9.440   -1.448  -11.891 1.00 26.10 ? 799 HOH B O   1 
HETATM 1683 O O   . HOH E 3 .  ? 5.359   -3.941  -2.475  1.00 23.37 ? 800 HOH B O   1 
HETATM 1684 O O   . HOH E 3 .  ? 0.281   -6.120  -19.482 1.00 31.05 ? 802 HOH B O   1 
HETATM 1685 O O   . HOH E 3 .  ? -0.055  -8.492  -19.283 1.00 32.66 ? 803 HOH B O   1 
HETATM 1686 O O   . HOH E 3 .  ? 2.538   -14.292 -33.035 1.00 32.53 ? 806 HOH B O   1 
HETATM 1687 O O   . HOH E 3 .  ? 4.226   -1.428  -2.208  1.00 20.69 ? 807 HOH B O   1 
HETATM 1688 O O   . HOH E 3 .  ? -13.184 11.075  -4.877  1.00 28.01 ? 809 HOH B O   1 
HETATM 1689 O O   . HOH E 3 .  ? 11.516  0.404   1.601   1.00 22.74 ? 810 HOH B O   1 
HETATM 1690 O O   . HOH E 3 .  ? 11.477  -2.383  0.997   1.00 27.32 ? 811 HOH B O   1 
HETATM 1691 O O   . HOH E 3 .  ? 8.127   10.824  1.851   1.00 22.84 ? 812 HOH B O   1 
HETATM 1692 O O   . HOH E 3 .  ? 10.137  12.829  1.850   1.00 22.51 ? 813 HOH B O   1 
HETATM 1693 O O   . HOH E 3 .  ? 6.586   19.911  0.409   1.00 35.12 ? 814 HOH B O   1 
HETATM 1694 O O   . HOH E 3 .  ? 13.692  6.308   -15.412 1.00 31.04 ? 818 HOH B O   1 
HETATM 1695 O O   . HOH E 3 .  ? 13.897  3.841   -15.944 1.00 39.35 ? 819 HOH B O   1 
HETATM 1696 O O   . HOH E 3 .  ? -3.370  -12.165 -13.694 1.00 37.31 ? 820 HOH B O   1 
HETATM 1697 O O   . HOH E 3 .  ? -2.341  -9.609  -14.308 1.00 25.90 ? 821 HOH B O   1 
HETATM 1698 O O   . HOH E 3 .  ? -0.336  -7.274  -2.444  1.00 36.51 ? 824 HOH B O   1 
HETATM 1699 O O   . HOH E 3 .  ? 0.123   12.953  -2.427  0.50 8.80  ? 825 HOH B O   1 
HETATM 1700 O O   . HOH E 3 .  ? -14.759 16.880  -12.833 1.00 38.35 ? 831 HOH B O   1 
HETATM 1701 O O   . HOH E 3 .  ? -12.773 19.269  -12.190 1.00 36.12 ? 839 HOH B O   1 
HETATM 1702 O O   . HOH E 3 .  ? -14.134 12.366  -11.555 1.00 38.77 ? 840 HOH B O   1 
HETATM 1703 O O   . HOH E 3 .  ? 2.699   -3.998  -18.460 1.00 42.70 ? 844 HOH B O   1 
HETATM 1704 O O   . HOH E 3 .  ? -1.720  -0.967  -24.188 1.00 27.69 ? 845 HOH B O   1 
HETATM 1705 O O   . HOH E 3 .  ? -8.713  3.893   -23.390 1.00 43.30 ? 846 HOH B O   1 
HETATM 1706 O O   . HOH E 3 .  ? -3.164  -8.652  -7.201  1.00 40.00 ? 847 HOH B O   1 
HETATM 1707 O O   . HOH E 3 .  ? -0.370  -21.612 -28.714 1.00 39.90 ? 848 HOH B O   1 
# 
